data_5V57
#
_entry.id   5V57
#
_cell.length_a   40.080
_cell.length_b   356.360
_cell.length_c   59.090
_cell.angle_alpha   90.00
_cell.angle_beta   102.79
_cell.angle_gamma   90.00
#
_symmetry.space_group_name_H-M   'P 1 21 1'
#
loop_
_entity.id
_entity.type
_entity.pdbx_description
1 polymer 'Smoothened homolog,Flavodoxin,Smoothened homolog'
2 non-polymer N-methyl-N-[1-[4-(2-methylpyrazol-3-yl)phthalazin-1-yl]piperidin-4-yl]-4-nitro-2-(trifluoromethyl)benzamide
3 non-polymer 'FLAVIN MONONUCLEOTIDE'
4 non-polymer '(2R)-2,3-dihydroxypropyl (9Z)-octadec-9-enoate'
#
_entity_poly.entity_id   1
_entity_poly.type   'polypeptide(L)'
_entity_poly.pdbx_seq_one_letter_code
;PPPLSHCGRAAPCEPLRYNVCLGSVLPYGATSTLLAGDSDSQEEAHGKLVLWSGLRNAPRCWAVIQPLLCAVYMPKCEND
RVELPSRTLCQATRGPCAIVERERGWPDFLRCTPDRFPEGCTNEVQNIKFNSSGQCEVPLVRTDNPKSWYEDVEGCGIQC
QNPLFTEAEHQDMHSYIAAFGAVTGLCTLFTLATFVADWRNSNRYPAVILFYVNACFFVGSIGWLAQFMDGARREIVCRA
DGTMRLGEPTSNETLSCVIIFVIVYYALMAGVVWFVVLTYAWHTSFKALGTTYQPLSGKTSYFHLLTWSLPFVLTVAILA
VAQVDGDSVSGICFVGYKNYRYRAGFVLAPIGLVLIVGGYFLIRGVMTLFSIKSNHAKALIVYGSTTGNTEYTAETIARE
LADAGYEVDSRDAASVEAGGLFEGFDLVLLGCSTWGDDSIELQDDFIPLFDSLEETGAQGRKVACFGCGDSSWEYFCGAV
DAIEEKLKNLGAEIVQDGLRIDGDPRAARDDIVGWAHDVRGAIKINETMLRLGIFGFLAFGFVLITFSCHFYDFFNQAEW
ERSFRDYVLCQANVTIGLPTKQPIPDCEIKNRPSLLVEKINLFAMFGTGIAMSTWVWTKATLLIWRRTWCRLTGQSDDHH
HHHHHHHH
;
_entity_poly.pdbx_strand_id   A,B
#
loop_
_chem_comp.id
_chem_comp.type
_chem_comp.name
_chem_comp.formula
836 non-polymer N-methyl-N-[1-[4-(2-methylpyrazol-3-yl)phthalazin-1-yl]piperidin-4-yl]-4-nitro-2-(trifluoromethyl)benzamide 'C26 H24 F3 N7 O3'
FMN non-polymer 'FLAVIN MONONUCLEOTIDE' 'C17 H21 N4 O9 P'
OLC non-polymer '(2R)-2,3-dihydroxypropyl (9Z)-octadec-9-enoate' 'C21 H40 O4'
#
# COMPACT_ATOMS: atom_id res chain seq x y z
N PRO A 1 -112.00 -40.97 -33.52
CA PRO A 1 -112.23 -40.69 -34.95
C PRO A 1 -111.98 -41.94 -35.82
N PRO A 2 -112.72 -42.10 -36.96
CA PRO A 2 -112.48 -43.29 -37.83
C PRO A 2 -111.15 -43.17 -38.59
N PRO A 3 -110.49 -44.30 -38.97
CA PRO A 3 -109.19 -44.19 -39.66
C PRO A 3 -109.34 -43.73 -41.13
N LEU A 4 -108.40 -42.88 -41.59
CA LEU A 4 -108.35 -42.36 -42.97
C LEU A 4 -107.97 -43.47 -43.95
N SER A 5 -108.48 -43.37 -45.19
CA SER A 5 -108.23 -44.34 -46.26
C SER A 5 -106.78 -44.24 -46.80
N HIS A 6 -106.18 -43.03 -46.75
CA HIS A 6 -104.82 -42.80 -47.25
C HIS A 6 -103.76 -43.01 -46.13
N CYS A 7 -104.20 -43.29 -44.88
CA CYS A 7 -103.30 -43.59 -43.76
C CYS A 7 -103.27 -45.11 -43.50
N GLY A 8 -103.74 -45.89 -44.48
CA GLY A 8 -103.78 -47.34 -44.43
C GLY A 8 -103.69 -47.98 -45.80
N ARG A 9 -103.11 -49.20 -45.86
CA ARG A 9 -102.96 -49.95 -47.10
C ARG A 9 -103.51 -51.36 -46.92
N ALA A 10 -104.16 -51.92 -47.97
CA ALA A 10 -104.74 -53.25 -47.96
C ALA A 10 -103.64 -54.33 -47.95
N ALA A 11 -103.65 -55.20 -46.92
CA ALA A 11 -102.68 -56.27 -46.75
C ALA A 11 -103.26 -57.44 -45.93
N PRO A 12 -102.93 -58.72 -46.27
CA PRO A 12 -103.45 -59.84 -45.46
C PRO A 12 -102.78 -59.89 -44.08
N CYS A 13 -103.59 -59.82 -43.01
CA CYS A 13 -103.07 -59.80 -41.65
C CYS A 13 -102.64 -61.21 -41.23
N GLU A 14 -101.47 -61.29 -40.58
CA GLU A 14 -100.87 -62.53 -40.07
C GLU A 14 -100.53 -62.32 -38.57
N PRO A 15 -100.78 -63.34 -37.69
CA PRO A 15 -100.53 -63.15 -36.26
C PRO A 15 -99.04 -63.00 -35.93
N LEU A 16 -98.72 -62.10 -34.99
CA LEU A 16 -97.36 -61.80 -34.51
C LEU A 16 -96.70 -63.02 -33.90
N ARG A 17 -95.55 -63.41 -34.45
CA ARG A 17 -94.74 -64.50 -33.94
C ARG A 17 -93.86 -63.97 -32.81
N TYR A 18 -93.60 -62.65 -32.84
CA TYR A 18 -92.81 -61.92 -31.85
C TYR A 18 -93.71 -60.89 -31.17
N ASN A 19 -93.80 -60.93 -29.83
CA ASN A 19 -94.66 -60.02 -29.07
C ASN A 19 -93.86 -58.79 -28.55
N VAL A 20 -92.60 -58.62 -29.02
CA VAL A 20 -91.73 -57.52 -28.59
C VAL A 20 -90.97 -56.95 -29.83
N CYS A 21 -90.84 -55.61 -29.89
CA CYS A 21 -90.14 -54.90 -30.96
C CYS A 21 -89.08 -53.95 -30.35
N LEU A 22 -87.78 -54.31 -30.50
CA LEU A 22 -86.60 -53.58 -30.01
C LEU A 22 -86.68 -53.31 -28.47
N GLY A 23 -87.20 -54.29 -27.73
CA GLY A 23 -87.31 -54.21 -26.26
C GLY A 23 -88.65 -53.77 -25.71
N SER A 24 -89.56 -53.26 -26.57
CA SER A 24 -90.87 -52.78 -26.14
C SER A 24 -92.01 -53.72 -26.60
N VAL A 25 -93.02 -53.90 -25.73
CA VAL A 25 -94.19 -54.75 -25.98
C VAL A 25 -95.13 -54.04 -26.98
N LEU A 26 -95.86 -54.81 -27.82
CA LEU A 26 -96.79 -54.28 -28.81
C LEU A 26 -98.24 -54.44 -28.33
N PRO A 27 -99.11 -53.41 -28.50
CA PRO A 27 -100.50 -53.52 -28.01
C PRO A 27 -101.38 -54.43 -28.90
N TYR A 28 -101.04 -54.55 -30.20
CA TYR A 28 -101.77 -55.34 -31.19
C TYR A 28 -101.16 -56.76 -31.32
N GLY A 29 -101.88 -57.64 -32.02
CA GLY A 29 -101.49 -59.03 -32.20
C GLY A 29 -101.30 -59.49 -33.64
N ALA A 30 -101.71 -58.67 -34.63
CA ALA A 30 -101.56 -59.02 -36.05
C ALA A 30 -100.68 -57.98 -36.77
N THR A 31 -99.83 -58.45 -37.70
CA THR A 31 -98.87 -57.60 -38.42
C THR A 31 -98.88 -57.89 -39.94
N SER A 32 -98.03 -57.16 -40.69
CA SER A 32 -97.81 -57.30 -42.13
C SER A 32 -96.34 -57.02 -42.49
N THR A 33 -95.82 -57.68 -43.54
CA THR A 33 -94.44 -57.51 -43.99
C THR A 33 -94.44 -56.76 -45.35
N LEU A 34 -95.52 -56.00 -45.60
CA LEU A 34 -95.72 -55.25 -46.85
C LEU A 34 -94.93 -53.93 -46.83
N LEU A 35 -94.88 -53.25 -45.66
CA LEU A 35 -94.16 -51.97 -45.52
C LEU A 35 -92.64 -52.18 -45.64
N ALA A 36 -92.13 -53.30 -45.12
CA ALA A 36 -90.72 -53.65 -45.24
C ALA A 36 -90.46 -54.31 -46.60
N GLY A 37 -89.72 -53.61 -47.45
CA GLY A 37 -89.40 -54.06 -48.81
C GLY A 37 -88.31 -55.11 -48.88
N ASP A 38 -87.40 -55.13 -47.89
CA ASP A 38 -86.30 -56.07 -47.81
C ASP A 38 -86.72 -57.39 -47.16
N SER A 39 -87.84 -57.38 -46.44
CA SER A 39 -88.35 -58.54 -45.70
C SER A 39 -89.66 -59.10 -46.31
N ASP A 40 -89.76 -60.44 -46.37
CA ASP A 40 -90.92 -61.16 -46.87
C ASP A 40 -91.66 -61.88 -45.74
N SER A 41 -90.92 -62.27 -44.68
CA SER A 41 -91.48 -62.96 -43.52
C SER A 41 -91.15 -62.23 -42.22
N GLN A 42 -91.81 -62.62 -41.12
CA GLN A 42 -91.58 -62.03 -39.80
C GLN A 42 -90.18 -62.39 -39.28
N GLU A 43 -89.70 -63.62 -39.58
CA GLU A 43 -88.36 -64.08 -39.20
C GLU A 43 -87.29 -63.22 -39.86
N GLU A 44 -87.53 -62.80 -41.12
CA GLU A 44 -86.60 -61.96 -41.89
C GLU A 44 -86.70 -60.51 -41.41
N ALA A 45 -87.93 -60.04 -41.04
CA ALA A 45 -88.15 -58.69 -40.52
C ALA A 45 -87.45 -58.52 -39.18
N HIS A 46 -87.52 -59.56 -38.32
CA HIS A 46 -86.85 -59.61 -37.02
C HIS A 46 -85.33 -59.59 -37.22
N GLY A 47 -84.85 -60.32 -38.24
CA GLY A 47 -83.44 -60.39 -38.59
C GLY A 47 -82.83 -59.06 -39.00
N LYS A 48 -83.61 -58.24 -39.75
CA LYS A 48 -83.18 -56.92 -40.21
C LYS A 48 -83.10 -55.94 -39.03
N LEU A 49 -84.01 -56.08 -38.04
CA LEU A 49 -84.03 -55.24 -36.84
C LEU A 49 -82.77 -55.45 -36.00
N VAL A 50 -82.19 -56.68 -36.01
CA VAL A 50 -80.97 -57.03 -35.30
C VAL A 50 -79.76 -56.32 -35.99
N LEU A 51 -79.85 -56.10 -37.33
CA LEU A 51 -78.80 -55.38 -38.08
C LEU A 51 -78.94 -53.87 -37.86
N TRP A 52 -80.20 -53.37 -37.81
CA TRP A 52 -80.52 -51.96 -37.54
C TRP A 52 -80.24 -51.59 -36.09
N SER A 53 -80.22 -52.59 -35.16
CA SER A 53 -79.95 -52.32 -33.74
C SER A 53 -78.46 -52.02 -33.50
N GLY A 54 -77.67 -52.02 -34.58
CA GLY A 54 -76.26 -51.67 -34.54
C GLY A 54 -76.04 -50.18 -34.35
N LEU A 55 -77.14 -49.38 -34.45
CA LEU A 55 -77.13 -47.93 -34.27
C LEU A 55 -77.41 -47.52 -32.81
N ARG A 56 -77.22 -48.43 -31.82
CA ARG A 56 -77.36 -48.04 -30.40
C ARG A 56 -76.34 -46.95 -30.10
N ASN A 57 -75.13 -47.11 -30.70
CA ASN A 57 -74.05 -46.12 -30.71
C ASN A 57 -74.52 -44.94 -31.54
N ALA A 58 -74.23 -43.70 -31.11
CA ALA A 58 -74.81 -42.45 -31.65
C ALA A 58 -76.27 -42.42 -31.19
N PRO A 59 -76.48 -42.14 -29.87
CA PRO A 59 -77.82 -42.34 -29.28
C PRO A 59 -78.91 -41.35 -29.72
N ARG A 60 -78.59 -40.11 -30.17
CA ARG A 60 -79.66 -39.16 -30.55
C ARG A 60 -80.26 -39.54 -31.92
N CYS A 61 -79.68 -40.57 -32.56
CA CYS A 61 -80.21 -41.20 -33.76
C CYS A 61 -81.01 -42.43 -33.36
N TRP A 62 -80.47 -43.23 -32.41
CA TRP A 62 -81.10 -44.44 -31.89
C TRP A 62 -82.47 -44.13 -31.26
N ALA A 63 -82.58 -43.03 -30.50
CA ALA A 63 -83.82 -42.62 -29.84
C ALA A 63 -84.96 -42.34 -30.83
N VAL A 64 -84.64 -41.74 -32.00
CA VAL A 64 -85.66 -41.38 -32.98
C VAL A 64 -85.86 -42.49 -34.05
N ILE A 65 -84.88 -43.41 -34.25
CA ILE A 65 -85.00 -44.41 -35.33
C ILE A 65 -85.77 -45.67 -34.79
N GLN A 66 -85.77 -45.94 -33.45
CA GLN A 66 -86.50 -47.08 -32.87
C GLN A 66 -88.00 -47.04 -33.24
N PRO A 67 -88.75 -45.91 -33.04
CA PRO A 67 -90.19 -45.93 -33.38
C PRO A 67 -90.44 -46.14 -34.87
N LEU A 68 -89.60 -45.56 -35.75
CA LEU A 68 -89.75 -45.68 -37.20
C LEU A 68 -89.55 -47.13 -37.65
N LEU A 69 -88.51 -47.82 -37.13
CA LEU A 69 -88.20 -49.21 -37.49
C LEU A 69 -89.28 -50.18 -37.02
N CYS A 70 -89.94 -49.89 -35.88
CA CYS A 70 -91.03 -50.74 -35.39
C CYS A 70 -92.30 -50.45 -36.20
N ALA A 71 -92.48 -49.21 -36.70
CA ALA A 71 -93.65 -48.81 -37.49
C ALA A 71 -93.60 -49.35 -38.94
N VAL A 72 -92.42 -49.83 -39.38
CA VAL A 72 -92.25 -50.32 -40.76
C VAL A 72 -92.13 -51.87 -40.74
N TYR A 73 -91.24 -52.44 -39.92
CA TYR A 73 -90.99 -53.87 -39.90
C TYR A 73 -92.08 -54.64 -39.12
N MET A 74 -92.58 -54.09 -38.00
CA MET A 74 -93.63 -54.78 -37.23
C MET A 74 -94.85 -53.83 -37.04
N PRO A 75 -95.60 -53.48 -38.13
CA PRO A 75 -96.71 -52.52 -37.95
C PRO A 75 -98.02 -53.21 -37.55
N LYS A 76 -99.05 -52.40 -37.24
CA LYS A 76 -100.37 -52.87 -36.84
C LYS A 76 -101.22 -53.22 -38.07
N CYS A 77 -101.73 -54.46 -38.11
CA CYS A 77 -102.64 -54.95 -39.16
C CYS A 77 -103.94 -55.37 -38.48
N GLU A 78 -105.08 -54.81 -38.91
CA GLU A 78 -106.35 -55.10 -38.28
C GLU A 78 -107.48 -54.97 -39.31
N ASN A 79 -108.18 -56.11 -39.59
CA ASN A 79 -109.28 -56.26 -40.54
C ASN A 79 -108.75 -56.05 -42.00
N ASP A 80 -107.67 -56.81 -42.35
CA ASP A 80 -106.96 -56.83 -43.65
C ASP A 80 -106.54 -55.40 -44.09
N ARG A 81 -106.04 -54.60 -43.13
CA ARG A 81 -105.52 -53.25 -43.40
C ARG A 81 -104.37 -52.95 -42.46
N VAL A 82 -103.20 -52.57 -43.02
CA VAL A 82 -102.00 -52.26 -42.23
C VAL A 82 -101.87 -50.71 -42.14
N GLU A 83 -101.52 -50.20 -40.93
CA GLU A 83 -101.37 -48.75 -40.70
C GLU A 83 -100.02 -48.24 -41.22
N LEU A 84 -100.05 -47.09 -41.94
CA LEU A 84 -98.88 -46.43 -42.51
C LEU A 84 -98.22 -45.48 -41.49
N PRO A 85 -96.87 -45.38 -41.45
CA PRO A 85 -96.25 -44.42 -40.51
C PRO A 85 -96.34 -42.99 -41.05
N SER A 86 -96.57 -41.98 -40.18
CA SER A 86 -96.73 -40.58 -40.59
C SER A 86 -95.42 -39.99 -41.13
N ARG A 87 -95.51 -38.89 -41.91
CA ARG A 87 -94.35 -38.19 -42.50
C ARG A 87 -93.45 -37.61 -41.40
N THR A 88 -94.06 -37.10 -40.31
CA THR A 88 -93.38 -36.50 -39.15
C THR A 88 -92.45 -37.50 -38.44
N LEU A 89 -92.85 -38.80 -38.37
CA LEU A 89 -92.08 -39.87 -37.74
C LEU A 89 -90.83 -40.21 -38.57
N CYS A 90 -90.96 -40.14 -39.91
CA CYS A 90 -89.89 -40.40 -40.88
C CYS A 90 -88.94 -39.20 -40.92
N GLN A 91 -89.48 -37.95 -40.99
CA GLN A 91 -88.71 -36.72 -41.13
C GLN A 91 -87.87 -36.44 -39.86
N ALA A 92 -88.28 -36.99 -38.70
CA ALA A 92 -87.60 -36.84 -37.41
C ALA A 92 -86.25 -37.57 -37.37
N THR A 93 -86.08 -38.60 -38.22
CA THR A 93 -84.84 -39.39 -38.26
C THR A 93 -83.82 -38.80 -39.22
N ARG A 94 -84.26 -38.24 -40.37
CA ARG A 94 -83.41 -37.68 -41.45
C ARG A 94 -82.17 -36.93 -40.92
N GLY A 95 -82.38 -36.01 -39.98
CA GLY A 95 -81.33 -35.21 -39.38
C GLY A 95 -80.35 -35.96 -38.48
N PRO A 96 -80.79 -36.39 -37.26
CA PRO A 96 -79.86 -37.09 -36.34
C PRO A 96 -79.29 -38.39 -36.90
N CYS A 97 -79.97 -39.02 -37.88
CA CYS A 97 -79.51 -40.26 -38.50
C CYS A 97 -78.94 -39.95 -39.90
N ALA A 98 -77.99 -39.00 -39.95
CA ALA A 98 -77.29 -38.64 -41.17
C ALA A 98 -76.32 -39.77 -41.55
N ILE A 99 -75.71 -40.41 -40.53
CA ILE A 99 -74.76 -41.54 -40.60
C ILE A 99 -75.29 -42.66 -41.50
N VAL A 100 -76.63 -42.89 -41.50
CA VAL A 100 -77.30 -43.90 -42.32
C VAL A 100 -77.06 -43.59 -43.80
N GLU A 101 -77.42 -42.37 -44.25
CA GLU A 101 -77.26 -41.92 -45.63
C GLU A 101 -75.76 -41.76 -45.99
N ARG A 102 -74.89 -41.53 -44.97
CA ARG A 102 -73.45 -41.37 -45.19
C ARG A 102 -72.76 -42.73 -45.39
N GLU A 103 -73.18 -43.79 -44.66
CA GLU A 103 -72.53 -45.10 -44.73
C GLU A 103 -73.26 -46.05 -45.71
N ARG A 104 -74.52 -46.44 -45.42
CA ARG A 104 -75.26 -47.40 -46.27
C ARG A 104 -76.18 -46.68 -47.29
N GLY A 105 -77.01 -45.75 -46.82
CA GLY A 105 -77.98 -45.03 -47.63
C GLY A 105 -79.38 -45.52 -47.35
N TRP A 106 -80.34 -44.59 -47.17
CA TRP A 106 -81.73 -44.93 -46.86
C TRP A 106 -82.36 -45.79 -47.97
N PRO A 107 -82.97 -46.95 -47.61
CA PRO A 107 -83.60 -47.81 -48.64
C PRO A 107 -84.89 -47.18 -49.14
N ASP A 108 -85.38 -47.66 -50.29
CA ASP A 108 -86.57 -47.20 -51.01
C ASP A 108 -87.80 -47.03 -50.07
N PHE A 109 -88.04 -47.99 -49.15
CA PHE A 109 -89.20 -48.02 -48.25
C PHE A 109 -88.99 -47.18 -46.96
N LEU A 110 -87.77 -46.62 -46.73
CA LEU A 110 -87.52 -45.81 -45.53
C LEU A 110 -87.28 -44.31 -45.89
N ARG A 111 -87.35 -43.94 -47.20
CA ARG A 111 -87.26 -42.53 -47.59
C ARG A 111 -88.62 -41.87 -47.40
N CYS A 112 -88.66 -40.62 -46.92
CA CYS A 112 -89.93 -39.93 -46.63
C CYS A 112 -90.65 -39.55 -47.95
N THR A 113 -91.40 -40.51 -48.51
CA THR A 113 -92.22 -40.38 -49.71
C THR A 113 -93.67 -40.13 -49.25
N PRO A 114 -94.45 -39.18 -49.83
CA PRO A 114 -95.84 -38.98 -49.34
C PRO A 114 -96.71 -40.22 -49.58
N ASP A 115 -96.29 -41.09 -50.51
CA ASP A 115 -96.95 -42.35 -50.87
C ASP A 115 -96.75 -43.41 -49.77
N ARG A 116 -95.51 -43.52 -49.25
CA ARG A 116 -95.11 -44.49 -48.22
C ARG A 116 -95.36 -43.95 -46.81
N PHE A 117 -95.14 -42.64 -46.60
CA PHE A 117 -95.32 -41.92 -45.34
C PHE A 117 -96.27 -40.71 -45.55
N PRO A 118 -97.59 -40.89 -45.29
CA PRO A 118 -98.53 -39.78 -45.52
C PRO A 118 -98.54 -38.77 -44.37
N GLU A 119 -99.11 -37.58 -44.62
CA GLU A 119 -99.20 -36.49 -43.64
C GLU A 119 -100.45 -36.63 -42.77
N GLY A 120 -100.26 -36.48 -41.46
CA GLY A 120 -101.32 -36.52 -40.46
C GLY A 120 -101.98 -37.87 -40.26
N CYS A 121 -101.19 -38.87 -39.81
CA CYS A 121 -101.67 -40.24 -39.53
C CYS A 121 -101.28 -40.65 -38.11
N THR A 122 -102.09 -41.51 -37.46
CA THR A 122 -101.79 -42.01 -36.11
C THR A 122 -100.76 -43.14 -36.25
N ASN A 123 -99.55 -42.89 -35.70
CA ASN A 123 -98.37 -43.78 -35.76
C ASN A 123 -98.56 -45.09 -35.00
N GLU A 124 -99.34 -45.07 -33.90
CA GLU A 124 -99.59 -46.21 -32.97
C GLU A 124 -98.35 -46.42 -32.08
N VAL A 125 -97.13 -46.26 -32.64
CA VAL A 125 -95.85 -46.38 -31.93
C VAL A 125 -95.65 -45.15 -31.02
N GLN A 126 -96.46 -44.08 -31.23
CA GLN A 126 -96.43 -42.84 -30.44
C GLN A 126 -96.85 -43.13 -28.99
N ASN A 127 -97.78 -44.09 -28.81
CA ASN A 127 -98.26 -44.56 -27.52
C ASN A 127 -97.21 -45.41 -26.82
N ILE A 128 -96.48 -46.24 -27.61
CA ILE A 128 -95.44 -47.18 -27.16
C ILE A 128 -94.22 -46.39 -26.64
N LYS A 129 -93.74 -46.73 -25.44
CA LYS A 129 -92.58 -46.11 -24.82
C LYS A 129 -91.33 -46.96 -25.07
N PHE A 130 -90.30 -46.35 -25.66
CA PHE A 130 -89.00 -46.98 -25.92
C PHE A 130 -88.00 -46.40 -24.94
N ASN A 131 -87.78 -47.10 -23.80
CA ASN A 131 -86.92 -46.59 -22.73
C ASN A 131 -85.43 -46.77 -23.07
N SER A 132 -85.10 -47.59 -24.11
CA SER A 132 -83.73 -47.79 -24.57
C SER A 132 -83.12 -46.46 -25.05
N SER A 133 -81.89 -46.15 -24.60
CA SER A 133 -81.25 -44.87 -24.91
C SER A 133 -80.00 -45.02 -25.80
N GLY A 134 -79.23 -46.09 -25.59
CA GLY A 134 -77.97 -46.31 -26.31
C GLY A 134 -76.78 -45.93 -25.46
N GLN A 135 -75.55 -46.03 -26.03
CA GLN A 135 -74.31 -45.69 -25.30
C GLN A 135 -73.19 -45.28 -26.28
N CYS A 136 -72.18 -44.53 -25.77
CA CYS A 136 -71.00 -44.08 -26.54
C CYS A 136 -69.82 -45.00 -26.25
N GLU A 137 -68.98 -45.21 -27.25
CA GLU A 137 -67.76 -46.02 -27.14
C GLU A 137 -66.54 -45.33 -26.49
N VAL A 138 -65.69 -46.16 -25.91
CA VAL A 138 -64.50 -45.79 -25.10
C VAL A 138 -63.79 -44.45 -25.58
N PRO A 139 -63.47 -44.14 -26.86
CA PRO A 139 -62.79 -42.85 -27.12
C PRO A 139 -63.75 -41.68 -27.07
N LEU A 140 -65.05 -41.95 -27.12
CA LEU A 140 -66.08 -40.91 -27.05
C LEU A 140 -66.80 -41.00 -25.70
N VAL A 141 -67.56 -39.96 -25.37
CA VAL A 141 -68.29 -39.85 -24.11
C VAL A 141 -69.64 -39.20 -24.39
N ARG A 142 -70.66 -39.56 -23.63
CA ARG A 142 -71.94 -39.00 -23.87
C ARG A 142 -71.91 -37.57 -23.41
N THR A 143 -72.35 -36.69 -24.27
CA THR A 143 -72.45 -35.27 -23.97
C THR A 143 -73.81 -34.74 -24.45
N ASP A 144 -74.45 -33.90 -23.63
CA ASP A 144 -75.74 -33.31 -23.95
C ASP A 144 -75.55 -32.08 -24.86
N ASN A 145 -74.42 -31.36 -24.66
CA ASN A 145 -74.04 -30.14 -25.40
C ASN A 145 -73.89 -30.44 -26.91
N PRO A 146 -74.68 -29.76 -27.76
CA PRO A 146 -74.57 -30.02 -29.22
C PRO A 146 -73.27 -29.50 -29.82
N LYS A 147 -72.64 -28.50 -29.17
CA LYS A 147 -71.41 -27.87 -29.63
C LYS A 147 -70.19 -28.78 -29.30
N SER A 148 -70.43 -29.94 -28.65
CA SER A 148 -69.39 -30.89 -28.29
C SER A 148 -69.53 -32.24 -29.04
N TRP A 149 -70.53 -32.39 -29.95
CA TRP A 149 -70.68 -33.65 -30.67
C TRP A 149 -69.61 -33.79 -31.77
N TYR A 150 -69.05 -35.01 -31.91
CA TYR A 150 -68.01 -35.31 -32.89
C TYR A 150 -68.62 -35.76 -34.21
N GLU A 151 -68.49 -34.91 -35.26
CA GLU A 151 -68.98 -35.10 -36.64
C GLU A 151 -70.37 -35.76 -36.68
N ASP A 152 -70.53 -36.80 -37.54
CA ASP A 152 -71.72 -37.62 -37.80
C ASP A 152 -72.32 -38.23 -36.51
N VAL A 153 -71.46 -38.65 -35.56
CA VAL A 153 -71.90 -39.32 -34.33
C VAL A 153 -72.51 -38.27 -33.38
N GLU A 154 -73.81 -37.94 -33.57
CA GLU A 154 -74.51 -36.99 -32.71
C GLU A 154 -74.93 -37.67 -31.41
N GLY A 155 -74.71 -36.99 -30.30
CA GLY A 155 -75.00 -37.53 -28.96
C GLY A 155 -73.74 -37.85 -28.19
N CYS A 156 -72.64 -38.15 -28.92
CA CYS A 156 -71.33 -38.45 -28.36
C CYS A 156 -70.33 -37.33 -28.67
N GLY A 157 -69.31 -37.21 -27.83
CA GLY A 157 -68.26 -36.23 -28.02
C GLY A 157 -66.89 -36.81 -27.70
N ILE A 158 -65.83 -36.27 -28.35
CA ILE A 158 -64.45 -36.72 -28.16
C ILE A 158 -64.01 -36.41 -26.71
N GLN A 159 -63.58 -37.44 -25.95
CA GLN A 159 -63.16 -37.32 -24.54
C GLN A 159 -62.00 -36.31 -24.39
N CYS A 160 -61.81 -35.82 -23.16
CA CYS A 160 -60.79 -34.82 -22.84
C CYS A 160 -59.37 -35.39 -23.03
N GLN A 161 -59.04 -36.51 -22.35
CA GLN A 161 -57.75 -37.25 -22.47
C GLN A 161 -57.49 -37.62 -23.93
N ASN A 162 -56.38 -37.12 -24.49
CA ASN A 162 -56.02 -37.36 -25.89
C ASN A 162 -55.96 -38.88 -26.15
N PRO A 163 -56.83 -39.42 -27.05
CA PRO A 163 -56.88 -40.89 -27.25
C PRO A 163 -55.66 -41.46 -28.00
N LEU A 164 -54.81 -40.59 -28.60
CA LEU A 164 -53.63 -41.06 -29.32
C LEU A 164 -52.49 -41.44 -28.38
N PHE A 165 -52.55 -40.97 -27.11
CA PHE A 165 -51.46 -41.25 -26.16
C PHE A 165 -52.02 -41.87 -24.88
N THR A 166 -51.33 -42.92 -24.37
CA THR A 166 -51.72 -43.68 -23.19
C THR A 166 -51.54 -42.85 -21.91
N GLU A 167 -52.11 -43.32 -20.78
CA GLU A 167 -52.00 -42.67 -19.47
C GLU A 167 -50.53 -42.59 -19.05
N ALA A 168 -49.75 -43.66 -19.33
CA ALA A 168 -48.32 -43.76 -19.05
C ALA A 168 -47.52 -42.65 -19.75
N GLU A 169 -47.93 -42.31 -20.99
CA GLU A 169 -47.29 -41.28 -21.81
C GLU A 169 -47.69 -39.88 -21.30
N HIS A 170 -48.91 -39.76 -20.73
CA HIS A 170 -49.37 -38.50 -20.14
C HIS A 170 -48.57 -38.20 -18.87
N GLN A 171 -48.48 -39.18 -17.94
CA GLN A 171 -47.71 -39.06 -16.70
C GLN A 171 -46.24 -38.71 -17.00
N ASP A 172 -45.64 -39.40 -18.00
CA ASP A 172 -44.25 -39.21 -18.45
C ASP A 172 -44.01 -37.79 -18.97
N MET A 173 -44.97 -37.24 -19.75
CA MET A 173 -44.84 -35.89 -20.29
C MET A 173 -45.06 -34.84 -19.20
N HIS A 174 -46.06 -35.04 -18.32
CA HIS A 174 -46.34 -34.07 -17.24
C HIS A 174 -45.13 -33.96 -16.30
N SER A 175 -44.45 -35.09 -16.03
CA SER A 175 -43.24 -35.11 -15.20
C SER A 175 -42.12 -34.28 -15.86
N TYR A 176 -42.02 -34.35 -17.21
CA TYR A 176 -41.02 -33.64 -18.00
C TYR A 176 -41.30 -32.11 -18.00
N ILE A 177 -42.59 -31.70 -18.05
CA ILE A 177 -42.99 -30.30 -18.04
C ILE A 177 -42.80 -29.74 -16.62
N ALA A 178 -43.07 -30.57 -15.59
CA ALA A 178 -42.90 -30.18 -14.19
C ALA A 178 -41.43 -29.89 -13.87
N ALA A 179 -40.51 -30.74 -14.39
CA ALA A 179 -39.07 -30.63 -14.16
C ALA A 179 -38.50 -29.35 -14.77
N PHE A 180 -38.64 -29.16 -16.11
CA PHE A 180 -38.13 -27.98 -16.81
C PHE A 180 -38.85 -26.71 -16.37
N GLY A 181 -40.17 -26.77 -16.23
CA GLY A 181 -40.97 -25.62 -15.81
C GLY A 181 -40.51 -25.01 -14.50
N ALA A 182 -40.28 -25.88 -13.47
CA ALA A 182 -39.85 -25.47 -12.13
C ALA A 182 -38.44 -24.86 -12.15
N VAL A 183 -37.47 -25.52 -12.81
CA VAL A 183 -36.09 -25.03 -12.90
C VAL A 183 -36.09 -23.66 -13.61
N THR A 184 -36.78 -23.53 -14.77
CA THR A 184 -36.88 -22.29 -15.56
C THR A 184 -37.58 -21.21 -14.73
N GLY A 185 -38.63 -21.59 -14.00
CA GLY A 185 -39.36 -20.67 -13.12
C GLY A 185 -38.48 -20.09 -12.03
N LEU A 186 -37.73 -20.97 -11.33
CA LEU A 186 -36.80 -20.61 -10.24
C LEU A 186 -35.62 -19.77 -10.74
N CYS A 187 -34.91 -20.25 -11.80
CA CYS A 187 -33.72 -19.58 -12.35
C CYS A 187 -34.05 -18.15 -12.78
N THR A 188 -35.11 -17.95 -13.59
CA THR A 188 -35.52 -16.62 -14.07
C THR A 188 -35.92 -15.73 -12.88
N LEU A 189 -36.63 -16.30 -11.87
CA LEU A 189 -37.08 -15.57 -10.68
C LEU A 189 -35.88 -14.98 -9.92
N PHE A 190 -34.77 -15.74 -9.83
CA PHE A 190 -33.53 -15.30 -9.19
C PHE A 190 -32.92 -14.11 -9.92
N THR A 191 -32.95 -14.15 -11.27
CA THR A 191 -32.40 -13.12 -12.16
C THR A 191 -33.27 -11.85 -12.10
N LEU A 192 -34.61 -11.99 -12.11
CA LEU A 192 -35.50 -10.84 -12.01
C LEU A 192 -35.34 -10.16 -10.65
N ALA A 193 -35.05 -10.96 -9.60
CA ALA A 193 -34.83 -10.51 -8.22
C ALA A 193 -33.53 -9.71 -8.08
N THR A 194 -32.41 -10.19 -8.65
CA THR A 194 -31.12 -9.50 -8.54
C THR A 194 -31.13 -8.17 -9.34
N PHE A 195 -31.89 -8.13 -10.47
CA PHE A 195 -31.98 -6.91 -11.27
C PHE A 195 -32.75 -5.84 -10.53
N VAL A 196 -33.85 -6.20 -9.84
CA VAL A 196 -34.67 -5.22 -9.10
C VAL A 196 -33.93 -4.83 -7.78
N ALA A 197 -33.01 -5.69 -7.31
CA ALA A 197 -32.19 -5.44 -6.11
C ALA A 197 -31.10 -4.39 -6.39
N ASP A 198 -30.88 -4.08 -7.68
CA ASP A 198 -29.91 -3.11 -8.18
C ASP A 198 -30.55 -2.29 -9.32
N TRP A 199 -31.89 -2.13 -9.26
CA TRP A 199 -32.79 -1.58 -10.28
C TRP A 199 -32.33 -0.21 -10.85
N ARG A 200 -31.84 0.72 -10.01
CA ARG A 200 -31.47 2.05 -10.49
C ARG A 200 -30.18 2.00 -11.34
N ASN A 201 -29.28 1.02 -11.04
CA ASN A 201 -28.01 0.86 -11.77
C ASN A 201 -28.15 -0.17 -12.92
N SER A 202 -29.00 -1.19 -12.76
CA SER A 202 -29.16 -2.25 -13.75
C SER A 202 -30.07 -1.83 -14.92
N ASN A 203 -30.72 -0.63 -14.85
CA ASN A 203 -31.56 -0.14 -15.95
C ASN A 203 -30.72 0.35 -17.14
N ARG A 204 -29.36 0.30 -17.05
CA ARG A 204 -28.47 0.63 -18.18
C ARG A 204 -28.90 -0.21 -19.37
N TYR A 205 -29.15 0.45 -20.52
CA TYR A 205 -29.78 -0.17 -21.67
C TYR A 205 -29.00 -1.36 -22.30
N PRO A 206 -27.66 -1.52 -22.23
CA PRO A 206 -27.07 -2.72 -22.87
C PRO A 206 -27.47 -4.03 -22.17
N ALA A 207 -27.68 -4.02 -20.83
CA ALA A 207 -27.97 -5.23 -20.05
C ALA A 207 -29.46 -5.38 -19.66
N VAL A 208 -30.24 -4.27 -19.66
CA VAL A 208 -31.66 -4.24 -19.25
C VAL A 208 -32.51 -5.18 -20.17
N ILE A 209 -31.98 -5.53 -21.37
CA ILE A 209 -32.65 -6.41 -22.34
C ILE A 209 -32.80 -7.80 -21.72
N LEU A 210 -31.72 -8.31 -21.07
CA LEU A 210 -31.72 -9.61 -20.41
C LEU A 210 -32.72 -9.66 -19.26
N PHE A 211 -33.05 -8.51 -18.63
CA PHE A 211 -34.08 -8.47 -17.59
C PHE A 211 -35.45 -8.85 -18.19
N TYR A 212 -35.85 -8.20 -19.31
CA TYR A 212 -37.13 -8.46 -19.96
C TYR A 212 -37.13 -9.82 -20.66
N VAL A 213 -35.95 -10.31 -21.14
CA VAL A 213 -35.83 -11.65 -21.75
C VAL A 213 -36.20 -12.70 -20.66
N ASN A 214 -35.68 -12.53 -19.43
CA ASN A 214 -36.01 -13.41 -18.30
C ASN A 214 -37.48 -13.23 -17.85
N ALA A 215 -38.00 -11.99 -17.88
CA ALA A 215 -39.38 -11.69 -17.49
C ALA A 215 -40.39 -12.49 -18.31
N CYS A 216 -40.15 -12.65 -19.65
CA CYS A 216 -41.00 -13.40 -20.57
C CYS A 216 -40.96 -14.91 -20.24
N PHE A 217 -39.76 -15.48 -20.06
CA PHE A 217 -39.63 -16.90 -19.74
C PHE A 217 -40.15 -17.20 -18.34
N PHE A 218 -40.18 -16.20 -17.44
CA PHE A 218 -40.73 -16.40 -16.11
C PHE A 218 -42.26 -16.53 -16.20
N VAL A 219 -42.93 -15.56 -16.86
CA VAL A 219 -44.39 -15.54 -17.06
C VAL A 219 -44.81 -16.81 -17.85
N GLY A 220 -44.03 -17.19 -18.85
CA GLY A 220 -44.25 -18.39 -19.64
C GLY A 220 -44.28 -19.66 -18.81
N SER A 221 -43.33 -19.78 -17.84
CA SER A 221 -43.22 -20.93 -16.91
C SER A 221 -44.49 -21.12 -16.09
N ILE A 222 -45.10 -20.02 -15.62
CA ILE A 222 -46.33 -20.01 -14.81
C ILE A 222 -47.48 -20.68 -15.60
N GLY A 223 -47.56 -20.38 -16.91
CA GLY A 223 -48.57 -20.93 -17.82
C GLY A 223 -48.48 -22.44 -17.96
N TRP A 224 -47.24 -22.97 -18.10
CA TRP A 224 -46.97 -24.40 -18.22
C TRP A 224 -47.10 -25.13 -16.89
N LEU A 225 -46.84 -24.45 -15.76
CA LEU A 225 -46.88 -25.07 -14.42
C LEU A 225 -48.27 -24.97 -13.76
N ALA A 226 -49.16 -24.13 -14.31
CA ALA A 226 -50.52 -23.94 -13.76
C ALA A 226 -51.33 -25.26 -13.73
N GLN A 227 -51.09 -26.14 -14.72
CA GLN A 227 -51.75 -27.44 -14.90
C GLN A 227 -51.50 -28.41 -13.70
N PHE A 228 -50.47 -28.13 -12.85
CA PHE A 228 -50.07 -29.03 -11.76
C PHE A 228 -50.82 -28.76 -10.45
N MET A 229 -51.51 -27.63 -10.35
CA MET A 229 -52.30 -27.38 -9.15
C MET A 229 -53.43 -28.40 -9.13
N ASP A 230 -53.96 -28.72 -7.96
CA ASP A 230 -54.97 -29.77 -7.91
C ASP A 230 -56.21 -29.44 -8.72
N GLY A 231 -56.39 -30.26 -9.74
CA GLY A 231 -57.52 -30.18 -10.64
C GLY A 231 -57.50 -29.15 -11.74
N ALA A 232 -56.45 -28.35 -11.82
CA ALA A 232 -56.42 -27.29 -12.82
C ALA A 232 -56.39 -27.79 -14.22
N ARG A 233 -55.56 -28.77 -14.46
CA ARG A 233 -55.37 -29.31 -15.81
C ARG A 233 -56.72 -29.60 -16.50
N ARG A 234 -57.67 -30.24 -15.78
CA ARG A 234 -58.97 -30.57 -16.37
C ARG A 234 -59.85 -29.30 -16.49
N GLU A 235 -59.59 -28.24 -15.69
CA GLU A 235 -60.39 -27.02 -15.81
C GLU A 235 -59.85 -26.20 -17.03
N ILE A 236 -58.59 -26.46 -17.42
CA ILE A 236 -57.90 -25.80 -18.54
C ILE A 236 -58.14 -26.57 -19.85
N VAL A 237 -58.11 -27.91 -19.81
CA VAL A 237 -58.18 -28.73 -21.04
C VAL A 237 -59.61 -29.37 -21.26
N CYS A 238 -60.41 -29.60 -20.21
CA CYS A 238 -61.72 -30.24 -20.41
C CYS A 238 -62.85 -29.21 -20.36
N ARG A 239 -63.90 -29.44 -21.16
CA ARG A 239 -65.14 -28.65 -21.12
C ARG A 239 -65.95 -29.06 -19.90
N ALA A 240 -66.98 -28.26 -19.56
CA ALA A 240 -67.87 -28.50 -18.42
C ALA A 240 -68.48 -29.92 -18.45
N ASP A 241 -68.85 -30.40 -19.64
CA ASP A 241 -69.46 -31.72 -19.82
C ASP A 241 -68.40 -32.85 -19.69
N GLY A 242 -67.19 -32.66 -20.25
CA GLY A 242 -66.12 -33.65 -20.17
C GLY A 242 -65.37 -33.94 -21.47
N THR A 243 -65.69 -33.17 -22.53
CA THR A 243 -65.04 -33.29 -23.85
C THR A 243 -63.86 -32.29 -23.93
N MET A 244 -62.86 -32.56 -24.81
CA MET A 244 -61.70 -31.66 -24.94
C MET A 244 -62.12 -30.32 -25.58
N ARG A 245 -61.47 -29.22 -25.14
CA ARG A 245 -61.78 -27.85 -25.55
C ARG A 245 -61.16 -27.56 -26.91
N LEU A 246 -62.03 -27.35 -27.91
CA LEU A 246 -61.68 -27.09 -29.30
C LEU A 246 -62.32 -25.82 -29.79
N GLY A 247 -61.58 -25.02 -30.56
CA GLY A 247 -62.07 -23.78 -31.15
C GLY A 247 -62.48 -22.72 -30.16
N GLU A 248 -61.65 -22.50 -29.11
CA GLU A 248 -61.83 -21.46 -28.09
C GLU A 248 -61.42 -20.09 -28.66
N PRO A 249 -61.95 -18.93 -28.17
CA PRO A 249 -62.97 -18.77 -27.12
C PRO A 249 -64.33 -19.29 -27.61
N THR A 250 -64.97 -20.14 -26.78
CA THR A 250 -66.26 -20.74 -27.08
C THR A 250 -67.26 -20.35 -25.95
N SER A 251 -68.54 -20.13 -26.31
CA SER A 251 -69.60 -19.70 -25.40
C SER A 251 -69.92 -20.73 -24.30
N ASN A 252 -70.38 -20.24 -23.13
CA ASN A 252 -70.84 -21.00 -21.94
C ASN A 252 -69.72 -21.93 -21.39
N GLU A 253 -68.46 -21.44 -21.41
CA GLU A 253 -67.29 -22.14 -20.87
C GLU A 253 -66.35 -21.16 -20.16
N THR A 254 -65.70 -21.63 -19.07
CA THR A 254 -64.81 -20.86 -18.20
C THR A 254 -63.57 -20.29 -18.99
N LEU A 255 -62.96 -19.19 -18.49
CA LEU A 255 -61.84 -18.53 -19.16
C LEU A 255 -60.51 -19.26 -18.94
N SER A 256 -60.46 -20.23 -18.01
CA SER A 256 -59.28 -21.00 -17.64
C SER A 256 -58.40 -21.41 -18.86
N CYS A 257 -59.02 -21.73 -20.00
CA CYS A 257 -58.31 -22.16 -21.22
C CYS A 257 -57.68 -20.93 -21.92
N VAL A 258 -58.45 -19.84 -22.17
CA VAL A 258 -57.93 -18.65 -22.87
C VAL A 258 -56.91 -17.89 -21.96
N ILE A 259 -57.09 -17.91 -20.62
CA ILE A 259 -56.16 -17.25 -19.70
C ILE A 259 -54.77 -17.89 -19.83
N ILE A 260 -54.70 -19.25 -19.77
CA ILE A 260 -53.44 -20.00 -19.89
C ILE A 260 -52.87 -19.82 -21.30
N PHE A 261 -53.73 -19.78 -22.34
CA PHE A 261 -53.28 -19.56 -23.71
C PHE A 261 -52.53 -18.23 -23.83
N VAL A 262 -53.12 -17.13 -23.32
CA VAL A 262 -52.51 -15.80 -23.41
C VAL A 262 -51.14 -15.82 -22.71
N ILE A 263 -51.08 -16.31 -21.46
CA ILE A 263 -49.86 -16.37 -20.65
C ILE A 263 -48.74 -17.13 -21.40
N VAL A 264 -49.04 -18.30 -22.01
CA VAL A 264 -48.02 -19.11 -22.70
C VAL A 264 -47.61 -18.43 -24.05
N TYR A 265 -48.56 -18.21 -24.98
CA TYR A 265 -48.29 -17.67 -26.31
C TYR A 265 -47.71 -16.22 -26.26
N TYR A 266 -48.31 -15.31 -25.48
CA TYR A 266 -47.83 -13.93 -25.42
C TYR A 266 -46.39 -13.89 -24.93
N ALA A 267 -46.06 -14.65 -23.84
CA ALA A 267 -44.71 -14.72 -23.26
C ALA A 267 -43.71 -15.37 -24.23
N LEU A 268 -44.21 -16.23 -25.13
CA LEU A 268 -43.40 -16.89 -26.15
C LEU A 268 -43.00 -15.90 -27.23
N MET A 269 -43.97 -15.12 -27.72
CA MET A 269 -43.79 -14.17 -28.79
C MET A 269 -43.13 -12.88 -28.27
N ALA A 270 -43.38 -12.48 -27.01
CA ALA A 270 -42.69 -11.31 -26.46
C ALA A 270 -41.21 -11.62 -26.26
N GLY A 271 -40.91 -12.87 -25.91
CA GLY A 271 -39.56 -13.35 -25.70
C GLY A 271 -38.72 -13.42 -26.96
N VAL A 272 -39.31 -13.94 -28.08
CA VAL A 272 -38.58 -14.07 -29.35
C VAL A 272 -38.35 -12.68 -29.99
N VAL A 273 -39.22 -11.68 -29.69
CA VAL A 273 -39.04 -10.31 -30.21
C VAL A 273 -37.91 -9.63 -29.40
N TRP A 274 -37.83 -9.90 -28.06
CA TRP A 274 -36.76 -9.36 -27.21
C TRP A 274 -35.39 -9.96 -27.60
N PHE A 275 -35.40 -11.14 -28.28
CA PHE A 275 -34.19 -11.77 -28.79
C PHE A 275 -33.61 -10.92 -29.93
N VAL A 276 -34.47 -10.48 -30.88
CA VAL A 276 -34.08 -9.66 -32.02
C VAL A 276 -33.51 -8.31 -31.52
N VAL A 277 -34.04 -7.79 -30.39
CA VAL A 277 -33.58 -6.55 -29.74
C VAL A 277 -32.12 -6.75 -29.24
N LEU A 278 -31.87 -7.89 -28.58
CA LEU A 278 -30.55 -8.26 -28.04
C LEU A 278 -29.53 -8.35 -29.17
N THR A 279 -29.90 -9.00 -30.30
CA THR A 279 -29.02 -9.17 -31.45
C THR A 279 -28.72 -7.79 -32.07
N TYR A 280 -29.75 -6.91 -32.15
CA TYR A 280 -29.61 -5.55 -32.69
C TYR A 280 -28.68 -4.71 -31.80
N ALA A 281 -28.88 -4.74 -30.47
CA ALA A 281 -28.14 -3.97 -29.47
C ALA A 281 -26.63 -4.30 -29.51
N TRP A 282 -26.26 -5.61 -29.52
CA TRP A 282 -24.87 -6.04 -29.58
C TRP A 282 -24.20 -5.58 -30.87
N HIS A 283 -24.94 -5.66 -31.98
CA HIS A 283 -24.51 -5.25 -33.31
C HIS A 283 -24.18 -3.73 -33.35
N THR A 284 -25.05 -2.86 -32.81
CA THR A 284 -24.89 -1.41 -32.84
C THR A 284 -23.91 -0.88 -31.77
N SER A 285 -23.69 -1.61 -30.66
CA SER A 285 -22.80 -1.17 -29.59
C SER A 285 -21.33 -1.05 -30.07
N PHE A 286 -20.91 -1.84 -31.07
CA PHE A 286 -19.54 -1.75 -31.62
C PHE A 286 -19.28 -0.43 -32.32
N LYS A 287 -20.15 -0.09 -33.30
CA LYS A 287 -20.04 1.12 -34.13
C LYS A 287 -20.27 2.40 -33.29
N ALA A 288 -20.53 2.27 -31.98
CA ALA A 288 -20.66 3.41 -31.07
C ALA A 288 -19.29 4.00 -30.75
N LEU A 289 -18.24 3.14 -30.77
CA LEU A 289 -16.85 3.51 -30.53
C LEU A 289 -16.03 3.50 -31.83
N GLY A 290 -16.19 2.44 -32.64
CA GLY A 290 -15.49 2.26 -33.91
C GLY A 290 -15.68 3.38 -34.91
N THR A 291 -16.89 3.47 -35.51
CA THR A 291 -17.25 4.51 -36.48
C THR A 291 -18.36 5.42 -35.83
N THR A 292 -19.35 5.92 -36.61
CA THR A 292 -20.42 6.78 -36.09
C THR A 292 -21.75 5.99 -36.05
N TYR A 293 -22.38 5.94 -34.86
CA TYR A 293 -23.67 5.27 -34.62
C TYR A 293 -24.37 5.84 -33.36
N GLN A 294 -23.56 6.33 -32.36
CA GLN A 294 -23.98 6.94 -31.08
C GLN A 294 -24.66 5.89 -30.13
N PRO A 295 -24.60 6.08 -28.78
CA PRO A 295 -25.22 5.09 -27.87
C PRO A 295 -26.75 5.03 -28.03
N LEU A 296 -27.31 3.80 -27.94
CA LEU A 296 -28.74 3.53 -28.06
C LEU A 296 -29.44 3.59 -26.68
N SER A 297 -28.69 3.97 -25.62
CA SER A 297 -29.17 4.10 -24.25
C SER A 297 -30.20 5.23 -24.15
N GLY A 298 -31.45 4.90 -24.40
CA GLY A 298 -32.57 5.84 -24.38
C GLY A 298 -33.64 5.53 -25.40
N LYS A 299 -33.66 4.29 -25.91
CA LYS A 299 -34.65 3.83 -26.90
C LYS A 299 -35.78 3.04 -26.19
N THR A 300 -36.07 3.42 -24.92
CA THR A 300 -37.09 2.83 -24.07
C THR A 300 -38.47 2.86 -24.74
N SER A 301 -38.80 3.97 -25.42
CA SER A 301 -40.08 4.14 -26.08
C SER A 301 -40.11 3.47 -27.48
N TYR A 302 -38.98 2.89 -27.97
CA TYR A 302 -39.00 2.28 -29.30
C TYR A 302 -38.87 0.76 -29.23
N PHE A 303 -38.04 0.22 -28.31
CA PHE A 303 -37.92 -1.24 -28.20
C PHE A 303 -39.14 -1.82 -27.49
N HIS A 304 -39.60 -1.18 -26.38
CA HIS A 304 -40.79 -1.59 -25.62
C HIS A 304 -42.07 -1.45 -26.49
N LEU A 305 -42.05 -0.54 -27.46
CA LEU A 305 -43.16 -0.33 -28.37
C LEU A 305 -43.39 -1.57 -29.21
N LEU A 306 -42.33 -2.06 -29.86
CA LEU A 306 -42.43 -3.18 -30.81
C LEU A 306 -42.45 -4.56 -30.10
N THR A 307 -41.78 -4.70 -28.94
CA THR A 307 -41.72 -5.99 -28.23
C THR A 307 -43.04 -6.35 -27.54
N TRP A 308 -43.83 -5.36 -27.13
CA TRP A 308 -45.06 -5.64 -26.40
C TRP A 308 -46.32 -5.51 -27.30
N SER A 309 -46.19 -4.88 -28.49
CA SER A 309 -47.33 -4.69 -29.39
C SER A 309 -47.50 -5.87 -30.35
N LEU A 310 -46.41 -6.33 -31.01
CA LEU A 310 -46.47 -7.44 -31.99
C LEU A 310 -47.10 -8.71 -31.35
N PRO A 311 -46.68 -9.18 -30.15
CA PRO A 311 -47.35 -10.36 -29.57
C PRO A 311 -48.82 -10.10 -29.26
N PHE A 312 -49.15 -8.86 -28.85
CA PHE A 312 -50.52 -8.44 -28.56
C PHE A 312 -51.39 -8.55 -29.81
N VAL A 313 -50.92 -8.00 -30.96
CA VAL A 313 -51.65 -8.04 -32.24
C VAL A 313 -51.92 -9.52 -32.62
N LEU A 314 -50.89 -10.40 -32.48
CA LEU A 314 -50.99 -11.82 -32.80
C LEU A 314 -51.97 -12.55 -31.88
N THR A 315 -51.86 -12.34 -30.54
CA THR A 315 -52.71 -13.01 -29.54
C THR A 315 -54.20 -12.65 -29.80
N VAL A 316 -54.49 -11.35 -30.08
CA VAL A 316 -55.85 -10.87 -30.37
C VAL A 316 -56.38 -11.54 -31.67
N ALA A 317 -55.53 -11.65 -32.72
CA ALA A 317 -55.87 -12.26 -34.01
C ALA A 317 -56.27 -13.75 -33.84
N ILE A 318 -55.57 -14.50 -32.94
CA ILE A 318 -55.85 -15.93 -32.68
C ILE A 318 -57.21 -16.08 -32.00
N LEU A 319 -57.50 -15.20 -31.02
CA LEU A 319 -58.78 -15.19 -30.29
C LEU A 319 -59.92 -14.82 -31.23
N ALA A 320 -59.64 -13.98 -32.26
CA ALA A 320 -60.61 -13.53 -33.27
C ALA A 320 -60.99 -14.69 -34.21
N VAL A 321 -59.99 -15.46 -34.73
CA VAL A 321 -60.24 -16.62 -35.62
C VAL A 321 -60.67 -17.83 -34.76
N ALA A 322 -60.57 -17.68 -33.40
CA ALA A 322 -60.93 -18.64 -32.35
C ALA A 322 -60.35 -20.03 -32.64
N GLN A 323 -59.01 -20.14 -32.63
CA GLN A 323 -58.36 -21.42 -32.89
C GLN A 323 -57.53 -21.88 -31.68
N VAL A 324 -57.95 -21.43 -30.46
CA VAL A 324 -57.31 -21.83 -29.22
C VAL A 324 -57.82 -23.24 -28.88
N ASP A 325 -56.92 -24.22 -28.85
CA ASP A 325 -57.28 -25.61 -28.60
C ASP A 325 -56.56 -26.12 -27.36
N GLY A 326 -57.26 -26.92 -26.57
CA GLY A 326 -56.71 -27.53 -25.36
C GLY A 326 -56.13 -28.90 -25.62
N ASP A 327 -55.12 -29.30 -24.82
CA ASP A 327 -54.46 -30.59 -24.97
C ASP A 327 -54.08 -31.15 -23.60
N SER A 328 -54.46 -32.42 -23.33
CA SER A 328 -54.21 -33.07 -22.04
C SER A 328 -52.73 -33.42 -21.85
N VAL A 329 -52.04 -33.95 -22.89
CA VAL A 329 -50.64 -34.39 -22.78
C VAL A 329 -49.73 -33.14 -22.57
N SER A 330 -49.90 -32.03 -23.33
CA SER A 330 -49.08 -30.82 -23.13
C SER A 330 -49.61 -30.00 -21.92
N GLY A 331 -50.85 -30.28 -21.50
CA GLY A 331 -51.51 -29.67 -20.36
C GLY A 331 -51.83 -28.19 -20.45
N ILE A 332 -51.72 -27.60 -21.66
CA ILE A 332 -52.01 -26.17 -21.84
C ILE A 332 -52.85 -25.98 -23.11
N CYS A 333 -53.53 -24.81 -23.21
CA CYS A 333 -54.29 -24.38 -24.39
C CYS A 333 -53.36 -23.59 -25.31
N PHE A 334 -53.31 -23.96 -26.60
CA PHE A 334 -52.41 -23.29 -27.53
C PHE A 334 -53.10 -23.12 -28.89
N VAL A 335 -52.49 -22.31 -29.76
CA VAL A 335 -53.01 -22.01 -31.09
C VAL A 335 -52.69 -23.18 -32.04
N GLY A 336 -53.72 -23.69 -32.70
CA GLY A 336 -53.59 -24.70 -33.73
C GLY A 336 -53.31 -26.13 -33.35
N TYR A 337 -53.98 -26.68 -32.32
CA TYR A 337 -53.82 -28.11 -32.03
C TYR A 337 -54.78 -28.92 -32.92
N LYS A 338 -56.01 -28.40 -33.14
CA LYS A 338 -57.02 -29.05 -33.98
C LYS A 338 -56.64 -28.85 -35.45
N ASN A 339 -56.32 -27.59 -35.85
CA ASN A 339 -55.92 -27.25 -37.21
C ASN A 339 -54.48 -26.74 -37.24
N TYR A 340 -53.58 -27.55 -37.85
CA TYR A 340 -52.14 -27.36 -37.92
C TYR A 340 -51.74 -26.05 -38.64
N ARG A 341 -52.56 -25.59 -39.61
CA ARG A 341 -52.26 -24.38 -40.41
C ARG A 341 -52.14 -23.12 -39.51
N TYR A 342 -52.98 -22.99 -38.47
CA TYR A 342 -52.95 -21.84 -37.56
C TYR A 342 -51.69 -21.88 -36.68
N ARG A 343 -51.25 -23.09 -36.25
CA ARG A 343 -50.03 -23.25 -35.47
C ARG A 343 -48.83 -22.85 -36.34
N ALA A 344 -48.86 -23.21 -37.64
CA ALA A 344 -47.83 -22.86 -38.59
C ALA A 344 -47.77 -21.36 -38.85
N GLY A 345 -48.95 -20.74 -38.99
CA GLY A 345 -49.09 -19.32 -39.28
C GLY A 345 -48.69 -18.39 -38.15
N PHE A 346 -49.19 -18.67 -36.93
CA PHE A 346 -48.95 -17.82 -35.76
C PHE A 346 -47.73 -18.26 -34.91
N VAL A 347 -47.08 -19.39 -35.22
CA VAL A 347 -45.93 -19.79 -34.40
C VAL A 347 -44.70 -20.00 -35.30
N LEU A 348 -44.77 -20.95 -36.25
CA LEU A 348 -43.66 -21.32 -37.13
C LEU A 348 -43.16 -20.09 -37.94
N ALA A 349 -44.08 -19.30 -38.56
CA ALA A 349 -43.75 -18.12 -39.35
C ALA A 349 -43.07 -17.01 -38.48
N PRO A 350 -43.67 -16.52 -37.33
CA PRO A 350 -42.97 -15.49 -36.54
C PRO A 350 -41.58 -15.95 -36.03
N ILE A 351 -41.44 -17.24 -35.63
CA ILE A 351 -40.16 -17.79 -35.15
C ILE A 351 -39.16 -17.82 -36.34
N GLY A 352 -39.66 -18.04 -37.55
CA GLY A 352 -38.82 -18.03 -38.75
C GLY A 352 -38.31 -16.63 -39.08
N LEU A 353 -39.18 -15.62 -38.92
CA LEU A 353 -38.89 -14.22 -39.18
C LEU A 353 -37.87 -13.68 -38.16
N VAL A 354 -37.98 -14.08 -36.86
CA VAL A 354 -37.04 -13.60 -35.82
C VAL A 354 -35.65 -14.22 -36.07
N LEU A 355 -35.58 -15.42 -36.70
CA LEU A 355 -34.32 -16.09 -37.02
C LEU A 355 -33.60 -15.40 -38.18
N ILE A 356 -34.33 -14.89 -39.19
CA ILE A 356 -33.67 -14.26 -40.33
C ILE A 356 -33.28 -12.82 -39.93
N VAL A 357 -34.14 -12.09 -39.17
CA VAL A 357 -33.83 -10.71 -38.75
C VAL A 357 -32.73 -10.77 -37.65
N GLY A 358 -32.94 -11.59 -36.62
CA GLY A 358 -31.97 -11.77 -35.53
C GLY A 358 -30.63 -12.33 -35.97
N GLY A 359 -30.68 -13.25 -36.94
CA GLY A 359 -29.50 -13.86 -37.53
C GLY A 359 -28.66 -12.86 -38.31
N TYR A 360 -29.34 -11.90 -38.97
CA TYR A 360 -28.70 -10.83 -39.73
C TYR A 360 -27.81 -9.96 -38.83
N PHE A 361 -28.30 -9.58 -37.64
CA PHE A 361 -27.54 -8.72 -36.75
C PHE A 361 -26.38 -9.46 -36.10
N LEU A 362 -26.48 -10.79 -35.92
CA LEU A 362 -25.39 -11.57 -35.37
C LEU A 362 -24.22 -11.62 -36.36
N ILE A 363 -24.54 -11.73 -37.67
CA ILE A 363 -23.57 -11.73 -38.77
C ILE A 363 -22.88 -10.34 -38.85
N ARG A 364 -23.68 -9.26 -38.86
CA ARG A 364 -23.23 -7.87 -38.95
C ARG A 364 -22.29 -7.48 -37.77
N GLY A 365 -22.66 -7.88 -36.56
CA GLY A 365 -21.87 -7.58 -35.35
C GLY A 365 -20.53 -8.27 -35.36
N VAL A 366 -20.49 -9.53 -35.87
CA VAL A 366 -19.28 -10.36 -36.00
C VAL A 366 -18.35 -9.74 -37.06
N MET A 367 -18.92 -9.29 -38.22
CA MET A 367 -18.16 -8.62 -39.28
C MET A 367 -17.54 -7.33 -38.73
N THR A 368 -18.31 -6.57 -37.91
CA THR A 368 -17.82 -5.35 -37.25
C THR A 368 -16.70 -5.73 -36.29
N LEU A 369 -16.92 -6.77 -35.45
CA LEU A 369 -15.93 -7.29 -34.49
C LEU A 369 -14.58 -7.56 -35.16
N PHE A 370 -14.59 -8.30 -36.30
CA PHE A 370 -13.38 -8.70 -37.00
C PHE A 370 -12.70 -7.53 -37.74
N SER A 371 -13.46 -6.55 -38.26
CA SER A 371 -12.88 -5.38 -38.94
C SER A 371 -12.12 -4.47 -37.95
N ILE A 372 -12.65 -4.32 -36.71
CA ILE A 372 -12.05 -3.51 -35.65
C ILE A 372 -10.71 -4.12 -35.22
N LYS A 373 -10.66 -5.47 -35.06
CA LYS A 373 -9.44 -6.15 -34.63
C LYS A 373 -8.30 -5.97 -35.67
N SER A 374 -8.65 -5.93 -37.00
CA SER A 374 -7.69 -5.71 -38.10
C SER A 374 -7.17 -4.26 -38.11
N ASN A 375 -7.93 -3.32 -37.50
CA ASN A 375 -7.55 -1.91 -37.38
C ASN A 375 -6.70 -1.68 -36.14
N HIS A 376 -6.59 -2.72 -35.28
CA HIS A 376 -5.79 -2.71 -34.05
C HIS A 376 -4.85 -3.95 -34.04
N ALA A 377 -4.07 -4.10 -35.13
CA ALA A 377 -3.19 -5.25 -35.35
C ALA A 377 -1.68 -4.86 -35.51
N LYS A 378 -1.26 -3.60 -35.27
CA LYS A 378 0.17 -3.30 -35.37
C LYS A 378 0.87 -3.45 -34.02
N ALA A 379 2.02 -4.17 -34.01
CA ALA A 379 2.78 -4.43 -32.78
C ALA A 379 4.28 -4.25 -33.01
N LEU A 380 4.94 -3.53 -32.08
CA LEU A 380 6.38 -3.29 -32.10
C LEU A 380 7.06 -4.09 -31.01
N ILE A 381 8.11 -4.82 -31.36
CA ILE A 381 8.88 -5.59 -30.39
C ILE A 381 10.30 -5.05 -30.40
N VAL A 382 10.71 -4.35 -29.33
CA VAL A 382 12.08 -3.81 -29.22
C VAL A 382 12.80 -4.67 -28.16
N TYR A 383 13.95 -5.26 -28.53
CA TYR A 383 14.66 -6.15 -27.63
C TYR A 383 16.14 -5.72 -27.46
N GLY A 384 16.66 -6.01 -26.27
CA GLY A 384 18.06 -5.79 -25.89
C GLY A 384 18.66 -7.11 -25.49
N SER A 385 19.50 -7.70 -26.37
CA SER A 385 20.06 -9.03 -26.16
C SER A 385 21.55 -9.10 -26.55
N THR A 386 22.39 -9.60 -25.62
CA THR A 386 23.82 -9.75 -25.85
C THR A 386 24.12 -11.16 -26.39
N THR A 387 23.61 -12.23 -25.73
CA THR A 387 23.93 -13.61 -26.14
C THR A 387 22.78 -14.21 -27.01
N GLY A 388 21.79 -13.39 -27.36
CA GLY A 388 20.69 -13.78 -28.25
C GLY A 388 19.47 -14.48 -27.67
N ASN A 389 19.40 -14.62 -26.33
CA ASN A 389 18.28 -15.30 -25.68
C ASN A 389 17.01 -14.43 -25.74
N THR A 390 17.12 -13.10 -25.46
CA THR A 390 15.97 -12.19 -25.52
C THR A 390 15.60 -11.99 -27.01
N GLU A 391 16.60 -11.99 -27.91
CA GLU A 391 16.38 -11.91 -29.36
C GLU A 391 15.51 -13.09 -29.81
N TYR A 392 15.83 -14.32 -29.36
CA TYR A 392 15.07 -15.54 -29.67
C TYR A 392 13.65 -15.42 -29.11
N THR A 393 13.51 -14.94 -27.85
CA THR A 393 12.21 -14.79 -27.20
C THR A 393 11.37 -13.80 -28.01
N ALA A 394 11.96 -12.67 -28.43
CA ALA A 394 11.30 -11.62 -29.23
C ALA A 394 10.74 -12.21 -30.52
N GLU A 395 11.56 -13.00 -31.24
CA GLU A 395 11.21 -13.65 -32.50
C GLU A 395 10.13 -14.73 -32.29
N THR A 396 10.15 -15.44 -31.14
CA THR A 396 9.15 -16.47 -30.79
C THR A 396 7.80 -15.78 -30.56
N ILE A 397 7.80 -14.65 -29.81
CA ILE A 397 6.62 -13.82 -29.52
C ILE A 397 6.07 -13.26 -30.85
N ALA A 398 6.97 -12.85 -31.76
CA ALA A 398 6.64 -12.29 -33.06
C ALA A 398 5.81 -13.27 -33.91
N ARG A 399 6.23 -14.56 -34.03
CA ARG A 399 5.44 -15.50 -34.86
C ARG A 399 4.06 -15.76 -34.22
N GLU A 400 3.95 -15.87 -32.87
CA GLU A 400 2.66 -16.12 -32.21
C GLU A 400 1.66 -14.99 -32.51
N LEU A 401 2.14 -13.74 -32.48
CA LEU A 401 1.30 -12.58 -32.77
C LEU A 401 0.90 -12.56 -34.23
N ALA A 402 1.84 -12.88 -35.12
CA ALA A 402 1.67 -12.94 -36.57
C ALA A 402 0.65 -14.01 -36.97
N ASP A 403 0.68 -15.18 -36.29
CA ASP A 403 -0.26 -16.30 -36.50
C ASP A 403 -1.66 -15.92 -36.05
N ALA A 404 -1.77 -14.92 -35.17
CA ALA A 404 -3.03 -14.44 -34.63
C ALA A 404 -3.60 -13.27 -35.43
N GLY A 405 -2.81 -12.72 -36.36
CA GLY A 405 -3.27 -11.65 -37.22
C GLY A 405 -2.64 -10.28 -37.02
N TYR A 406 -1.53 -10.22 -36.28
CA TYR A 406 -0.82 -8.97 -36.07
C TYR A 406 0.20 -8.72 -37.18
N GLU A 407 0.62 -7.46 -37.32
CA GLU A 407 1.68 -6.96 -38.20
C GLU A 407 2.85 -6.61 -37.29
N VAL A 408 3.73 -7.59 -37.07
CA VAL A 408 4.82 -7.47 -36.11
C VAL A 408 6.06 -6.86 -36.76
N ASP A 409 6.68 -5.90 -36.05
CA ASP A 409 7.91 -5.22 -36.40
C ASP A 409 8.90 -5.43 -35.24
N SER A 410 9.84 -6.37 -35.42
CA SER A 410 10.81 -6.71 -34.40
C SER A 410 12.13 -5.96 -34.65
N ARG A 411 12.54 -5.09 -33.70
CA ARG A 411 13.73 -4.26 -33.81
C ARG A 411 14.67 -4.45 -32.63
N ASP A 412 15.99 -4.40 -32.90
CA ASP A 412 17.05 -4.47 -31.89
C ASP A 412 17.25 -3.07 -31.33
N ALA A 413 17.30 -2.94 -30.00
CA ALA A 413 17.43 -1.67 -29.28
C ALA A 413 18.68 -0.89 -29.73
N ALA A 414 19.75 -1.61 -30.15
CA ALA A 414 21.01 -1.02 -30.62
C ALA A 414 20.84 -0.21 -31.90
N SER A 415 19.76 -0.47 -32.67
CA SER A 415 19.51 0.18 -33.95
C SER A 415 18.18 0.96 -33.96
N VAL A 416 17.85 1.68 -32.86
CA VAL A 416 16.61 2.47 -32.83
C VAL A 416 16.86 3.84 -32.19
N GLU A 417 16.07 4.83 -32.61
CA GLU A 417 16.01 6.17 -32.05
C GLU A 417 14.78 6.26 -31.14
N ALA A 418 14.99 6.71 -29.88
CA ALA A 418 13.95 6.79 -28.87
C ALA A 418 12.80 7.73 -29.28
N GLY A 419 13.13 8.91 -29.83
CA GLY A 419 12.15 9.93 -30.24
C GLY A 419 11.01 9.48 -31.14
N GLY A 420 9.81 9.39 -30.56
CA GLY A 420 8.59 8.96 -31.22
C GLY A 420 8.63 7.53 -31.73
N LEU A 421 9.32 6.63 -31.00
CA LEU A 421 9.54 5.24 -31.41
C LEU A 421 8.22 4.42 -31.43
N PHE A 422 7.37 4.56 -30.40
CA PHE A 422 6.16 3.75 -30.23
C PHE A 422 4.97 4.30 -31.05
N GLU A 423 5.12 5.48 -31.68
CA GLU A 423 4.05 6.11 -32.48
C GLU A 423 3.60 5.20 -33.63
N GLY A 424 2.31 4.92 -33.67
CA GLY A 424 1.70 4.10 -34.73
C GLY A 424 1.52 2.62 -34.42
N PHE A 425 1.70 2.21 -33.15
CA PHE A 425 1.52 0.80 -32.76
C PHE A 425 0.46 0.66 -31.70
N ASP A 426 -0.36 -0.39 -31.81
CA ASP A 426 -1.42 -0.68 -30.87
C ASP A 426 -0.87 -1.37 -29.63
N LEU A 427 0.23 -2.13 -29.81
CA LEU A 427 0.92 -2.89 -28.77
C LEU A 427 2.44 -2.73 -28.90
N VAL A 428 3.14 -2.51 -27.78
CA VAL A 428 4.59 -2.39 -27.76
C VAL A 428 5.13 -3.37 -26.73
N LEU A 429 5.94 -4.32 -27.17
CA LEU A 429 6.51 -5.31 -26.27
C LEU A 429 8.00 -5.04 -26.14
N LEU A 430 8.45 -4.59 -24.94
CA LEU A 430 9.84 -4.28 -24.69
C LEU A 430 10.51 -5.46 -23.97
N GLY A 431 11.61 -5.94 -24.53
CA GLY A 431 12.37 -7.06 -24.02
C GLY A 431 13.79 -6.71 -23.72
N CYS A 432 14.29 -7.11 -22.55
CA CYS A 432 15.65 -6.79 -22.14
C CYS A 432 16.14 -7.78 -21.10
N SER A 433 17.38 -8.27 -21.28
CA SER A 433 17.99 -9.19 -20.33
C SER A 433 18.63 -8.40 -19.19
N THR A 434 18.91 -9.07 -18.06
CA THR A 434 19.49 -8.39 -16.90
C THR A 434 20.97 -8.77 -16.78
N TRP A 435 21.81 -7.76 -16.51
CA TRP A 435 23.26 -7.90 -16.36
C TRP A 435 23.70 -7.17 -15.09
N GLY A 436 25.01 -7.01 -14.91
CA GLY A 436 25.55 -6.39 -13.71
C GLY A 436 25.69 -7.40 -12.61
N ASP A 437 26.91 -7.58 -12.11
CA ASP A 437 27.24 -8.57 -11.10
C ASP A 437 26.71 -8.14 -9.70
N ASP A 438 27.13 -6.99 -9.13
CA ASP A 438 26.65 -6.57 -7.80
C ASP A 438 25.23 -6.01 -7.84
N SER A 439 24.81 -5.42 -8.96
CA SER A 439 23.51 -4.75 -9.04
C SER A 439 22.70 -5.14 -10.28
N ILE A 440 21.60 -4.40 -10.52
CA ILE A 440 20.73 -4.54 -11.69
C ILE A 440 21.24 -3.60 -12.79
N GLU A 441 21.76 -4.15 -13.87
CA GLU A 441 22.19 -3.38 -15.01
C GLU A 441 21.49 -3.90 -16.25
N LEU A 442 20.88 -2.99 -17.01
CA LEU A 442 20.17 -3.38 -18.23
C LEU A 442 21.14 -3.79 -19.31
N GLN A 443 20.67 -4.57 -20.29
CA GLN A 443 21.50 -4.99 -21.42
C GLN A 443 21.92 -3.70 -22.14
N ASP A 444 23.24 -3.52 -22.30
CA ASP A 444 23.97 -2.34 -22.78
C ASP A 444 23.25 -1.56 -23.91
N ASP A 445 22.68 -2.25 -24.91
CA ASP A 445 22.01 -1.61 -26.06
C ASP A 445 20.65 -0.97 -25.68
N PHE A 446 20.08 -1.36 -24.52
CA PHE A 446 18.78 -0.86 -24.07
C PHE A 446 18.93 0.42 -23.22
N ILE A 447 20.11 0.65 -22.55
CA ILE A 447 20.40 1.86 -21.74
C ILE A 447 20.04 3.17 -22.51
N PRO A 448 20.53 3.40 -23.78
CA PRO A 448 20.18 4.65 -24.47
C PRO A 448 18.67 4.84 -24.60
N LEU A 449 17.92 3.75 -24.93
CA LEU A 449 16.46 3.79 -25.08
C LEU A 449 15.79 4.03 -23.72
N PHE A 450 16.24 3.30 -22.67
CA PHE A 450 15.69 3.41 -21.31
C PHE A 450 15.84 4.83 -20.76
N ASP A 451 17.01 5.48 -20.98
CA ASP A 451 17.28 6.83 -20.49
C ASP A 451 16.47 7.90 -21.22
N SER A 452 16.07 7.62 -22.48
CA SER A 452 15.28 8.56 -23.28
C SER A 452 13.90 7.95 -23.59
N LEU A 453 13.37 7.14 -22.65
CA LEU A 453 12.10 6.42 -22.77
C LEU A 453 10.91 7.41 -22.68
N GLU A 454 11.15 8.63 -22.18
CA GLU A 454 10.14 9.68 -22.03
C GLU A 454 9.71 10.23 -23.41
N GLU A 455 10.59 10.09 -24.41
CA GLU A 455 10.43 10.62 -25.77
C GLU A 455 9.84 9.59 -26.75
N THR A 456 9.54 8.35 -26.30
CA THR A 456 9.04 7.27 -27.16
C THR A 456 7.53 7.39 -27.49
N GLY A 457 6.76 7.96 -26.57
CA GLY A 457 5.32 8.08 -26.72
C GLY A 457 4.63 6.92 -26.05
N ALA A 458 5.10 6.58 -24.83
CA ALA A 458 4.58 5.48 -24.03
C ALA A 458 3.28 5.86 -23.32
N GLN A 459 3.04 7.18 -23.14
CA GLN A 459 1.87 7.77 -22.47
C GLN A 459 0.56 7.22 -23.09
N GLY A 460 -0.13 6.36 -22.34
CA GLY A 460 -1.37 5.74 -22.77
C GLY A 460 -1.23 4.52 -23.67
N ARG A 461 0.02 4.21 -24.09
CA ARG A 461 0.35 3.08 -24.97
C ARG A 461 0.18 1.74 -24.24
N LYS A 462 -0.41 0.73 -24.93
CA LYS A 462 -0.55 -0.62 -24.35
C LYS A 462 0.77 -1.35 -24.51
N VAL A 463 1.42 -1.68 -23.38
CA VAL A 463 2.73 -2.32 -23.39
C VAL A 463 2.75 -3.55 -22.48
N ALA A 464 3.75 -4.40 -22.70
CA ALA A 464 4.08 -5.57 -21.86
C ALA A 464 5.54 -5.85 -21.99
N CYS A 465 6.19 -6.32 -20.92
CA CYS A 465 7.62 -6.54 -20.98
C CYS A 465 7.95 -8.03 -20.93
N PHE A 466 9.18 -8.35 -21.34
CA PHE A 466 9.72 -9.71 -21.33
C PHE A 466 11.23 -9.62 -21.18
N GLY A 467 11.87 -10.73 -20.91
CA GLY A 467 13.31 -10.74 -20.74
C GLY A 467 13.84 -12.03 -20.19
N CYS A 468 15.12 -12.31 -20.47
CA CYS A 468 15.79 -13.50 -20.04
C CYS A 468 16.73 -13.18 -18.92
N GLY A 469 16.72 -14.05 -17.93
CA GLY A 469 17.58 -13.94 -16.77
C GLY A 469 18.01 -15.30 -16.31
N ASP A 470 18.53 -15.37 -15.08
CA ASP A 470 18.99 -16.62 -14.47
C ASP A 470 18.74 -16.57 -12.98
N SER A 471 18.01 -17.56 -12.42
CA SER A 471 17.70 -17.64 -10.98
C SER A 471 19.00 -17.77 -10.15
N SER A 472 20.10 -18.29 -10.78
CA SER A 472 21.44 -18.44 -10.20
C SER A 472 22.04 -17.08 -9.81
N TRP A 473 21.42 -15.98 -10.25
CA TRP A 473 21.83 -14.62 -9.94
C TRP A 473 20.83 -13.94 -9.01
N GLU A 474 21.34 -12.96 -8.25
CA GLU A 474 20.55 -12.10 -7.40
C GLU A 474 19.89 -11.05 -8.30
N TYR A 475 18.60 -10.77 -8.03
CA TYR A 475 17.70 -9.89 -8.77
C TYR A 475 17.33 -10.55 -10.14
N PHE A 476 16.50 -11.61 -10.09
CA PHE A 476 16.07 -12.35 -11.28
C PHE A 476 15.20 -11.47 -12.15
N CYS A 477 15.70 -11.19 -13.38
CA CYS A 477 15.09 -10.35 -14.43
C CYS A 477 14.77 -8.94 -13.88
N GLY A 478 15.81 -8.32 -13.32
CA GLY A 478 15.75 -6.98 -12.75
C GLY A 478 15.46 -5.91 -13.79
N ALA A 479 15.93 -6.14 -15.03
CA ALA A 479 15.70 -5.24 -16.16
C ALA A 479 14.20 -5.17 -16.50
N VAL A 480 13.49 -6.34 -16.45
CA VAL A 480 12.05 -6.41 -16.70
C VAL A 480 11.33 -5.52 -15.66
N ASP A 481 11.73 -5.64 -14.36
CA ASP A 481 11.23 -4.84 -13.24
C ASP A 481 11.43 -3.34 -13.49
N ALA A 482 12.65 -2.93 -13.90
CA ALA A 482 13.03 -1.53 -14.12
C ALA A 482 12.30 -0.93 -15.33
N ILE A 483 12.17 -1.68 -16.43
CA ILE A 483 11.51 -1.17 -17.63
C ILE A 483 10.00 -1.03 -17.34
N GLU A 484 9.38 -2.04 -16.68
CA GLU A 484 7.96 -1.98 -16.26
C GLU A 484 7.72 -0.77 -15.37
N GLU A 485 8.67 -0.48 -14.48
CA GLU A 485 8.58 0.60 -13.53
C GLU A 485 8.65 1.96 -14.23
N LYS A 486 9.56 2.12 -15.23
CA LYS A 486 9.70 3.42 -15.91
C LYS A 486 8.50 3.63 -16.85
N LEU A 487 8.04 2.57 -17.53
CA LEU A 487 6.86 2.64 -18.41
C LEU A 487 5.61 2.99 -17.60
N LYS A 488 5.51 2.46 -16.38
CA LYS A 488 4.35 2.67 -15.52
C LYS A 488 4.38 4.10 -14.98
N ASN A 489 5.59 4.65 -14.73
CA ASN A 489 5.75 6.04 -14.29
C ASN A 489 5.47 7.05 -15.42
N LEU A 490 5.64 6.63 -16.70
CA LEU A 490 5.40 7.49 -17.89
C LEU A 490 3.91 7.49 -18.28
N GLY A 491 3.15 6.54 -17.73
CA GLY A 491 1.71 6.44 -17.96
C GLY A 491 1.25 5.34 -18.89
N ALA A 492 2.16 4.45 -19.30
CA ALA A 492 1.83 3.36 -20.21
C ALA A 492 0.90 2.34 -19.55
N GLU A 493 0.02 1.70 -20.33
CA GLU A 493 -0.92 0.69 -19.83
C GLU A 493 -0.30 -0.71 -19.94
N ILE A 494 0.24 -1.25 -18.81
CA ILE A 494 0.83 -2.59 -18.76
C ILE A 494 -0.33 -3.60 -18.91
N VAL A 495 -0.30 -4.34 -20.03
CA VAL A 495 -1.28 -5.34 -20.45
C VAL A 495 -1.19 -6.60 -19.54
N GLN A 496 0.01 -7.17 -19.39
CA GLN A 496 0.25 -8.35 -18.54
C GLN A 496 1.57 -8.28 -17.80
N ASP A 497 1.68 -9.12 -16.74
CA ASP A 497 2.89 -9.28 -15.94
C ASP A 497 3.99 -9.80 -16.82
N GLY A 498 5.13 -9.13 -16.80
CA GLY A 498 6.27 -9.47 -17.64
C GLY A 498 6.66 -10.93 -17.67
N LEU A 499 6.94 -11.45 -18.88
CA LEU A 499 7.42 -12.82 -19.09
C LEU A 499 8.87 -12.88 -18.71
N ARG A 500 9.19 -13.55 -17.59
CA ARG A 500 10.54 -13.65 -17.07
C ARG A 500 11.05 -15.07 -17.27
N ILE A 501 11.96 -15.26 -18.26
CA ILE A 501 12.50 -16.59 -18.61
C ILE A 501 13.71 -16.91 -17.72
N ASP A 502 13.69 -18.11 -17.12
CA ASP A 502 14.77 -18.65 -16.31
C ASP A 502 15.58 -19.58 -17.20
N GLY A 503 16.83 -19.20 -17.45
CA GLY A 503 17.73 -19.97 -18.29
C GLY A 503 17.44 -19.85 -19.78
N ASP A 504 17.71 -20.94 -20.53
CA ASP A 504 17.56 -21.04 -21.99
C ASP A 504 16.06 -20.91 -22.42
N PRO A 505 15.74 -19.94 -23.33
CA PRO A 505 14.33 -19.72 -23.71
C PRO A 505 13.75 -20.80 -24.66
N ARG A 506 14.62 -21.59 -25.34
CA ARG A 506 14.14 -22.69 -26.21
C ARG A 506 13.44 -23.78 -25.38
N ALA A 507 13.98 -24.06 -24.18
CA ALA A 507 13.44 -25.05 -23.25
C ALA A 507 12.22 -24.49 -22.49
N ALA A 508 11.71 -23.32 -22.92
CA ALA A 508 10.53 -22.66 -22.38
C ALA A 508 9.74 -22.04 -23.53
N ARG A 509 9.80 -22.68 -24.73
CA ARG A 509 9.17 -22.16 -25.96
C ARG A 509 7.65 -22.01 -25.79
N ASP A 510 6.96 -23.06 -25.32
CA ASP A 510 5.50 -23.04 -25.15
C ASP A 510 5.06 -22.07 -24.04
N ASP A 511 5.97 -21.71 -23.11
CA ASP A 511 5.67 -20.72 -22.07
C ASP A 511 5.60 -19.33 -22.71
N ILE A 512 6.52 -19.07 -23.68
CA ILE A 512 6.59 -17.84 -24.46
C ILE A 512 5.34 -17.75 -25.34
N VAL A 513 5.00 -18.86 -26.02
CA VAL A 513 3.82 -18.98 -26.88
C VAL A 513 2.55 -18.75 -26.03
N GLY A 514 2.51 -19.37 -24.85
CA GLY A 514 1.42 -19.23 -23.89
C GLY A 514 1.22 -17.81 -23.38
N TRP A 515 2.33 -17.11 -23.06
CA TRP A 515 2.31 -15.71 -22.60
C TRP A 515 1.81 -14.78 -23.71
N ALA A 516 2.34 -14.97 -24.94
CA ALA A 516 1.98 -14.19 -26.11
C ALA A 516 0.48 -14.39 -26.47
N HIS A 517 -0.09 -15.58 -26.19
CA HIS A 517 -1.49 -15.89 -26.38
C HIS A 517 -2.35 -15.09 -25.41
N ASP A 518 -1.96 -15.10 -24.13
CA ASP A 518 -2.65 -14.40 -23.04
C ASP A 518 -2.52 -12.87 -23.17
N VAL A 519 -1.37 -12.36 -23.71
CA VAL A 519 -1.12 -10.93 -23.82
C VAL A 519 -2.10 -10.34 -24.89
N ARG A 520 -2.50 -11.14 -25.90
CA ARG A 520 -3.49 -10.68 -26.88
C ARG A 520 -4.87 -10.80 -26.33
N GLY A 521 -5.03 -11.76 -25.42
CA GLY A 521 -6.28 -12.04 -24.72
C GLY A 521 -6.68 -10.89 -23.83
N ALA A 522 -5.68 -10.24 -23.20
CA ALA A 522 -5.89 -9.09 -22.32
C ALA A 522 -6.21 -7.81 -23.14
N ILE A 523 -6.10 -7.87 -24.48
CA ILE A 523 -6.46 -6.76 -25.38
C ILE A 523 -7.99 -6.83 -25.54
N LYS A 524 -8.69 -6.09 -24.65
CA LYS A 524 -10.15 -6.06 -24.57
C LYS A 524 -10.80 -5.34 -25.77
N ILE A 525 -11.86 -5.95 -26.30
CA ILE A 525 -12.71 -5.42 -27.37
C ILE A 525 -14.13 -5.31 -26.80
N ASN A 526 -14.23 -4.56 -25.67
CA ASN A 526 -15.41 -4.34 -24.82
C ASN A 526 -15.83 -5.66 -24.17
N GLU A 527 -15.35 -5.89 -22.92
CA GLU A 527 -15.65 -7.07 -22.10
C GLU A 527 -17.16 -7.10 -21.77
N THR A 528 -17.73 -5.90 -21.52
CA THR A 528 -19.14 -5.65 -21.20
C THR A 528 -20.07 -6.02 -22.38
N MET A 529 -19.56 -5.90 -23.62
CA MET A 529 -20.33 -6.18 -24.84
C MET A 529 -20.11 -7.63 -25.34
N LEU A 530 -18.89 -8.18 -25.14
CA LEU A 530 -18.51 -9.53 -25.57
C LEU A 530 -19.52 -10.59 -25.08
N ARG A 531 -19.87 -10.53 -23.77
CA ARG A 531 -20.80 -11.42 -23.08
C ARG A 531 -22.20 -11.30 -23.71
N LEU A 532 -22.60 -10.06 -24.08
CA LEU A 532 -23.87 -9.77 -24.77
C LEU A 532 -23.93 -10.49 -26.13
N GLY A 533 -22.76 -10.76 -26.72
CA GLY A 533 -22.63 -11.47 -27.99
C GLY A 533 -22.70 -12.97 -27.87
N ILE A 534 -22.19 -13.53 -26.76
CA ILE A 534 -22.23 -14.99 -26.52
C ILE A 534 -23.69 -15.39 -26.29
N PHE A 535 -24.42 -14.57 -25.48
CA PHE A 535 -25.83 -14.77 -25.14
C PHE A 535 -26.71 -14.60 -26.40
N GLY A 536 -26.28 -13.75 -27.33
CA GLY A 536 -26.96 -13.57 -28.61
C GLY A 536 -26.94 -14.85 -29.43
N PHE A 537 -25.73 -15.43 -29.61
CA PHE A 537 -25.54 -16.68 -30.36
C PHE A 537 -26.12 -17.87 -29.60
N LEU A 538 -26.09 -17.80 -28.27
CA LEU A 538 -26.60 -18.86 -27.41
C LEU A 538 -28.12 -18.97 -27.59
N ALA A 539 -28.84 -17.84 -27.49
CA ALA A 539 -30.30 -17.76 -27.67
C ALA A 539 -30.70 -18.20 -29.08
N PHE A 540 -29.93 -17.77 -30.12
CA PHE A 540 -30.17 -18.12 -31.53
C PHE A 540 -30.18 -19.65 -31.71
N GLY A 541 -29.24 -20.33 -31.07
CA GLY A 541 -29.13 -21.79 -31.12
C GLY A 541 -30.39 -22.49 -30.68
N PHE A 542 -30.90 -22.12 -29.49
CA PHE A 542 -32.13 -22.67 -28.92
C PHE A 542 -33.38 -22.29 -29.73
N VAL A 543 -33.45 -21.04 -30.25
CA VAL A 543 -34.59 -20.58 -31.04
C VAL A 543 -34.64 -21.41 -32.36
N LEU A 544 -33.46 -21.73 -32.94
CA LEU A 544 -33.33 -22.51 -34.16
C LEU A 544 -33.85 -23.95 -33.98
N ILE A 545 -33.63 -24.54 -32.77
CA ILE A 545 -34.08 -25.90 -32.44
C ILE A 545 -35.63 -25.89 -32.30
N THR A 546 -36.18 -24.84 -31.63
CA THR A 546 -37.62 -24.65 -31.42
C THR A 546 -38.32 -24.60 -32.80
N PHE A 547 -37.78 -23.80 -33.75
CA PHE A 547 -38.29 -23.66 -35.12
C PHE A 547 -38.34 -25.01 -35.84
N SER A 548 -37.27 -25.82 -35.70
CA SER A 548 -37.12 -27.14 -36.33
C SER A 548 -38.26 -28.08 -35.91
N CYS A 549 -38.56 -28.13 -34.59
CA CYS A 549 -39.59 -28.98 -34.00
C CYS A 549 -40.99 -28.55 -34.47
N HIS A 550 -41.26 -27.23 -34.55
CA HIS A 550 -42.54 -26.75 -35.05
C HIS A 550 -42.67 -27.04 -36.54
N PHE A 551 -41.54 -27.10 -37.27
CA PHE A 551 -41.56 -27.38 -38.71
C PHE A 551 -41.91 -28.85 -38.96
N TYR A 552 -41.41 -29.77 -38.08
CA TYR A 552 -41.71 -31.20 -38.16
C TYR A 552 -43.21 -31.42 -38.02
N ASP A 553 -43.81 -30.88 -36.95
CA ASP A 553 -45.24 -30.96 -36.65
C ASP A 553 -46.07 -30.37 -37.78
N PHE A 554 -45.64 -29.23 -38.36
CA PHE A 554 -46.32 -28.60 -39.49
C PHE A 554 -46.30 -29.50 -40.72
N PHE A 555 -45.14 -30.09 -41.02
CA PHE A 555 -44.91 -30.93 -42.19
C PHE A 555 -45.62 -32.32 -42.06
N ASN A 556 -46.09 -32.72 -40.85
CA ASN A 556 -46.70 -34.05 -40.70
C ASN A 556 -48.13 -34.07 -40.06
N GLN A 557 -48.58 -33.00 -39.38
CA GLN A 557 -49.85 -33.04 -38.64
C GLN A 557 -51.06 -33.31 -39.56
N ALA A 558 -51.00 -32.95 -40.86
CA ALA A 558 -52.07 -33.23 -41.83
C ALA A 558 -52.41 -34.74 -41.84
N GLU A 559 -51.37 -35.59 -41.74
CA GLU A 559 -51.50 -37.05 -41.69
C GLU A 559 -52.01 -37.51 -40.32
N TRP A 560 -51.54 -36.87 -39.22
CA TRP A 560 -51.94 -37.26 -37.86
C TRP A 560 -53.43 -36.93 -37.61
N GLU A 561 -53.94 -35.79 -38.18
CA GLU A 561 -55.35 -35.38 -38.06
C GLU A 561 -56.27 -36.39 -38.76
N ARG A 562 -55.82 -36.88 -39.93
CA ARG A 562 -56.51 -37.89 -40.74
C ARG A 562 -56.54 -39.21 -39.97
N SER A 563 -55.40 -39.55 -39.33
CA SER A 563 -55.25 -40.75 -38.50
C SER A 563 -56.09 -40.65 -37.23
N PHE A 564 -56.31 -39.41 -36.72
CA PHE A 564 -57.11 -39.14 -35.53
C PHE A 564 -58.59 -39.40 -35.84
N ARG A 565 -59.05 -38.88 -36.99
CA ARG A 565 -60.42 -39.03 -37.49
C ARG A 565 -60.75 -40.51 -37.78
N ASP A 566 -59.86 -41.20 -38.53
CA ASP A 566 -60.04 -42.59 -38.93
C ASP A 566 -60.13 -43.52 -37.71
N TYR A 567 -59.35 -43.24 -36.64
CA TYR A 567 -59.34 -44.05 -35.42
C TYR A 567 -60.62 -43.84 -34.57
N VAL A 568 -60.98 -42.58 -34.24
CA VAL A 568 -62.14 -42.28 -33.39
C VAL A 568 -63.45 -42.78 -34.07
N LEU A 569 -63.67 -42.48 -35.38
CA LEU A 569 -64.89 -42.88 -36.11
C LEU A 569 -65.00 -44.40 -36.24
N CYS A 570 -63.88 -45.09 -36.33
CA CYS A 570 -63.84 -46.55 -36.41
C CYS A 570 -64.11 -47.16 -35.01
N GLN A 571 -63.58 -46.52 -33.94
CA GLN A 571 -63.81 -46.96 -32.56
C GLN A 571 -65.24 -46.67 -32.11
N ALA A 572 -65.96 -45.74 -32.79
CA ALA A 572 -67.35 -45.37 -32.49
C ALA A 572 -68.31 -46.55 -32.74
N ASN A 573 -67.79 -47.65 -33.29
CA ASN A 573 -68.61 -48.79 -33.61
C ASN A 573 -69.61 -48.37 -34.65
N VAL A 574 -70.88 -48.47 -34.34
CA VAL A 574 -71.92 -48.08 -35.27
C VAL A 574 -71.84 -48.72 -36.65
N THR A 575 -71.56 -50.02 -36.67
CA THR A 575 -71.54 -50.73 -37.93
C THR A 575 -72.89 -51.36 -38.11
N ILE A 576 -73.75 -50.68 -38.85
CA ILE A 576 -75.09 -51.11 -39.16
C ILE A 576 -75.29 -52.30 -40.09
N GLY A 577 -74.52 -52.35 -41.17
CA GLY A 577 -74.72 -53.35 -42.20
C GLY A 577 -74.63 -54.84 -41.92
N LEU A 578 -73.64 -55.25 -41.15
CA LEU A 578 -73.47 -56.66 -40.81
C LEU A 578 -72.59 -56.81 -39.58
N PRO A 579 -72.57 -57.99 -38.99
CA PRO A 579 -71.70 -58.17 -37.82
C PRO A 579 -70.31 -58.70 -38.23
N THR A 580 -69.25 -58.13 -37.62
CA THR A 580 -67.84 -58.50 -37.88
C THR A 580 -67.58 -59.97 -37.41
N LYS A 581 -66.51 -60.61 -38.00
CA LYS A 581 -66.08 -62.00 -37.76
C LYS A 581 -65.92 -62.29 -36.25
N GLN A 582 -65.36 -61.33 -35.50
CA GLN A 582 -65.17 -61.43 -34.05
C GLN A 582 -65.54 -60.07 -33.40
N PRO A 583 -65.95 -60.01 -32.10
CA PRO A 583 -66.34 -58.71 -31.49
C PRO A 583 -65.18 -57.71 -31.34
N ILE A 584 -63.97 -58.11 -31.78
CA ILE A 584 -62.72 -57.36 -31.73
C ILE A 584 -62.92 -55.94 -32.38
N PRO A 585 -62.27 -54.91 -31.77
CA PRO A 585 -62.46 -53.52 -32.25
C PRO A 585 -61.90 -53.27 -33.66
N ASP A 586 -60.83 -54.01 -34.06
CA ASP A 586 -60.12 -53.97 -35.36
C ASP A 586 -59.82 -52.49 -35.74
N CYS A 587 -59.19 -51.75 -34.78
CA CYS A 587 -58.92 -50.34 -35.00
C CYS A 587 -57.51 -49.96 -34.49
N GLU A 588 -56.77 -49.24 -35.34
CA GLU A 588 -55.38 -48.83 -35.09
C GLU A 588 -55.14 -47.34 -35.37
N ILE A 589 -54.07 -46.80 -34.77
CA ILE A 589 -53.52 -45.47 -35.04
C ILE A 589 -52.39 -45.70 -36.03
N LYS A 590 -52.61 -45.41 -37.33
CA LYS A 590 -51.62 -45.67 -38.37
C LYS A 590 -50.35 -44.81 -38.15
N ASN A 591 -50.51 -43.57 -37.62
CA ASN A 591 -49.41 -42.65 -37.29
C ASN A 591 -49.94 -41.55 -36.35
N ARG A 592 -49.11 -41.14 -35.39
CA ARG A 592 -49.48 -40.12 -34.39
C ARG A 592 -48.33 -39.10 -34.18
N PRO A 593 -48.55 -37.93 -33.50
CA PRO A 593 -47.43 -36.99 -33.29
C PRO A 593 -46.31 -37.59 -32.44
N SER A 594 -45.06 -37.15 -32.71
CA SER A 594 -43.88 -37.61 -32.00
C SER A 594 -43.69 -36.82 -30.71
N LEU A 595 -43.73 -37.51 -29.55
CA LEU A 595 -43.55 -36.94 -28.22
C LEU A 595 -42.10 -36.55 -27.97
N LEU A 596 -41.15 -37.21 -28.67
CA LEU A 596 -39.71 -36.91 -28.58
C LEU A 596 -39.46 -35.49 -29.07
N VAL A 597 -39.94 -35.17 -30.29
CA VAL A 597 -39.84 -33.87 -30.94
C VAL A 597 -40.38 -32.78 -29.99
N GLU A 598 -41.47 -33.09 -29.26
CA GLU A 598 -42.09 -32.15 -28.31
C GLU A 598 -41.19 -31.95 -27.09
N LYS A 599 -40.51 -33.01 -26.63
CA LYS A 599 -39.57 -32.89 -25.50
C LYS A 599 -38.34 -32.09 -25.94
N ILE A 600 -37.87 -32.30 -27.19
CA ILE A 600 -36.75 -31.55 -27.78
C ILE A 600 -37.16 -30.07 -27.88
N ASN A 601 -38.45 -29.83 -28.21
CA ASN A 601 -39.03 -28.49 -28.37
C ASN A 601 -39.04 -27.76 -27.02
N LEU A 602 -39.54 -28.43 -25.96
CA LEU A 602 -39.61 -27.86 -24.60
C LEU A 602 -38.20 -27.62 -24.04
N PHE A 603 -37.25 -28.55 -24.30
CA PHE A 603 -35.85 -28.42 -23.86
C PHE A 603 -35.24 -27.15 -24.43
N ALA A 604 -35.42 -26.90 -25.74
CA ALA A 604 -34.89 -25.72 -26.42
C ALA A 604 -35.60 -24.45 -25.93
N MET A 605 -36.93 -24.54 -25.71
CA MET A 605 -37.79 -23.45 -25.26
C MET A 605 -37.36 -23.04 -23.82
N PHE A 606 -37.63 -23.89 -22.79
CA PHE A 606 -37.27 -23.66 -21.39
C PHE A 606 -35.77 -23.42 -21.20
N GLY A 607 -34.95 -24.13 -22.00
CA GLY A 607 -33.49 -24.00 -21.99
C GLY A 607 -32.99 -22.61 -22.28
N THR A 608 -33.71 -21.83 -23.14
CA THR A 608 -33.35 -20.45 -23.47
C THR A 608 -33.43 -19.60 -22.21
N GLY A 609 -34.54 -19.74 -21.47
CA GLY A 609 -34.77 -19.04 -20.21
C GLY A 609 -33.70 -19.31 -19.16
N ILE A 610 -33.31 -20.61 -19.04
CA ILE A 610 -32.27 -21.08 -18.11
C ILE A 610 -30.90 -20.51 -18.57
N ALA A 611 -30.64 -20.50 -19.89
CA ALA A 611 -29.39 -19.99 -20.45
C ALA A 611 -29.29 -18.47 -20.28
N MET A 612 -30.42 -17.74 -20.41
CA MET A 612 -30.42 -16.28 -20.30
C MET A 612 -30.38 -15.84 -18.83
N SER A 613 -30.75 -16.73 -17.88
CA SER A 613 -30.72 -16.39 -16.45
C SER A 613 -29.28 -16.39 -15.94
N THR A 614 -28.35 -17.02 -16.70
CA THR A 614 -26.92 -17.10 -16.35
C THR A 614 -26.20 -15.77 -16.64
N TRP A 615 -26.94 -14.75 -17.15
CA TRP A 615 -26.40 -13.41 -17.39
C TRP A 615 -26.00 -12.76 -16.06
N VAL A 616 -26.66 -13.12 -14.98
CA VAL A 616 -26.37 -12.49 -13.71
C VAL A 616 -25.57 -13.51 -12.80
N TRP A 617 -24.85 -14.46 -13.42
CA TRP A 617 -24.04 -15.44 -12.69
C TRP A 617 -22.57 -15.00 -12.71
N THR A 618 -22.30 -13.83 -12.08
CA THR A 618 -20.97 -13.22 -11.96
C THR A 618 -20.71 -12.80 -10.50
N LYS A 619 -19.46 -12.37 -10.21
CA LYS A 619 -19.00 -11.95 -8.89
C LYS A 619 -19.77 -10.70 -8.43
N ALA A 620 -20.12 -9.80 -9.38
CA ALA A 620 -20.85 -8.55 -9.12
C ALA A 620 -22.18 -8.81 -8.40
N THR A 621 -22.86 -9.91 -8.76
CA THR A 621 -24.17 -10.30 -8.20
C THR A 621 -24.03 -10.60 -6.71
N LEU A 622 -22.93 -11.28 -6.30
CA LEU A 622 -22.66 -11.59 -4.90
C LEU A 622 -22.60 -10.31 -4.07
N LEU A 623 -22.02 -9.22 -4.65
CA LEU A 623 -21.93 -7.92 -4.01
C LEU A 623 -23.29 -7.23 -3.97
N ILE A 624 -24.17 -7.49 -4.98
CA ILE A 624 -25.51 -6.90 -5.05
C ILE A 624 -26.33 -7.34 -3.81
N TRP A 625 -26.41 -8.67 -3.52
CA TRP A 625 -27.14 -9.14 -2.35
C TRP A 625 -26.35 -8.89 -1.06
N ARG A 626 -25.03 -8.66 -1.15
CA ARG A 626 -24.25 -8.32 0.03
C ARG A 626 -24.77 -7.00 0.58
N ARG A 627 -24.90 -5.97 -0.30
CA ARG A 627 -25.43 -4.63 0.04
C ARG A 627 -26.84 -4.74 0.60
N THR A 628 -27.64 -5.63 0.00
CA THR A 628 -29.02 -5.90 0.35
C THR A 628 -29.09 -6.45 1.80
N TRP A 629 -28.16 -7.35 2.19
CA TRP A 629 -28.13 -7.90 3.56
C TRP A 629 -27.57 -6.88 4.54
N CYS A 630 -26.34 -6.34 4.24
CA CYS A 630 -25.56 -5.40 5.05
C CYS A 630 -26.41 -4.16 5.42
N ARG A 631 -27.19 -3.66 4.43
CA ARG A 631 -28.02 -2.47 4.65
C ARG A 631 -29.54 -2.87 4.70
N LEU A 632 -29.80 -4.03 5.30
CA LEU A 632 -31.13 -4.52 5.70
C LEU A 632 -31.06 -4.67 7.18
N THR A 633 -29.80 -4.83 7.63
CA THR A 633 -29.30 -4.92 8.99
C THR A 633 -28.89 -3.51 9.44
N GLY A 634 -28.50 -2.67 8.47
CA GLY A 634 -28.13 -1.27 8.67
C GLY A 634 -29.34 -0.35 8.61
N GLN A 635 -30.49 -0.89 8.15
CA GLN A 635 -31.78 -0.21 8.02
C GLN A 635 -32.77 -0.84 9.03
N SER A 636 -32.31 -1.87 9.80
CA SER A 636 -33.11 -2.56 10.84
C SER A 636 -33.56 -1.57 11.94
N ASP A 637 -32.72 -0.53 12.18
CA ASP A 637 -32.98 0.57 13.10
C ASP A 637 -33.75 1.69 12.35
N ASP A 638 -33.44 2.98 12.64
CA ASP A 638 -34.06 4.11 11.94
C ASP A 638 -33.10 4.68 10.90
N HIS A 639 -33.66 5.27 9.81
CA HIS A 639 -32.93 5.89 8.68
C HIS A 639 -32.07 4.84 7.94
N HIS A 640 -30.95 5.27 7.28
CA HIS A 640 -30.12 4.38 6.47
C HIS A 640 -28.62 4.79 6.50
N HIS A 641 -27.86 4.37 5.45
CA HIS A 641 -26.43 4.63 5.22
C HIS A 641 -26.16 6.16 5.12
N HIS A 642 -24.92 6.57 5.45
CA HIS A 642 -24.51 7.97 5.44
C HIS A 642 -23.08 8.16 4.85
N HIS A 643 -22.50 9.36 5.05
CA HIS A 643 -21.17 9.73 4.56
C HIS A 643 -20.04 9.05 5.35
N HIS A 644 -20.22 8.90 6.68
CA HIS A 644 -19.25 8.25 7.58
C HIS A 644 -19.94 7.10 8.36
N HIS A 645 -20.91 6.43 7.70
CA HIS A 645 -21.67 5.32 8.27
C HIS A 645 -22.00 4.29 7.19
N PRO B 1 98.56 50.55 66.52
CA PRO B 1 99.68 49.76 65.97
C PRO B 1 100.31 50.44 64.75
N PRO B 2 101.65 50.26 64.52
CA PRO B 2 102.28 50.89 63.35
C PRO B 2 101.87 50.19 62.03
N PRO B 3 101.84 50.89 60.87
CA PRO B 3 101.41 50.23 59.62
C PRO B 3 102.47 49.26 59.07
N LEU B 4 102.02 48.10 58.54
CA LEU B 4 102.88 47.07 57.95
C LEU B 4 103.51 47.57 56.64
N SER B 5 104.72 47.08 56.34
CA SER B 5 105.47 47.46 55.13
C SER B 5 104.85 46.83 53.87
N HIS B 6 104.22 45.64 53.99
CA HIS B 6 103.61 44.95 52.86
C HIS B 6 102.12 45.35 52.67
N CYS B 7 101.56 46.20 53.57
CA CYS B 7 100.20 46.73 53.45
C CYS B 7 100.24 48.18 52.90
N GLY B 8 101.40 48.57 52.34
CA GLY B 8 101.62 49.88 51.76
C GLY B 8 102.64 49.88 50.65
N ARG B 9 102.50 50.80 49.69
CA ARG B 9 103.41 50.92 48.55
C ARG B 9 103.89 52.38 48.43
N ALA B 10 105.17 52.58 48.05
CA ALA B 10 105.77 53.90 47.89
C ALA B 10 105.21 54.61 46.65
N ALA B 11 104.61 55.80 46.85
CA ALA B 11 103.99 56.60 45.79
C ALA B 11 103.99 58.09 46.14
N PRO B 12 104.21 59.00 45.15
CA PRO B 12 104.16 60.45 45.49
C PRO B 12 102.73 60.90 45.77
N CYS B 13 102.50 61.46 46.97
CA CYS B 13 101.16 61.90 47.38
C CYS B 13 100.80 63.21 46.69
N GLU B 14 99.56 63.29 46.20
CA GLU B 14 98.99 64.46 45.53
C GLU B 14 97.65 64.81 46.22
N PRO B 15 97.36 66.12 46.44
CA PRO B 15 96.11 66.48 47.15
C PRO B 15 94.86 66.17 46.35
N LEU B 16 93.81 65.67 47.05
CA LEU B 16 92.51 65.30 46.48
C LEU B 16 91.82 66.49 45.83
N ARG B 17 91.52 66.35 44.54
CA ARG B 17 90.76 67.34 43.77
C ARG B 17 89.28 67.14 44.02
N TYR B 18 88.91 65.89 44.39
CA TYR B 18 87.55 65.48 44.71
C TYR B 18 87.48 65.05 46.17
N ASN B 19 86.59 65.65 46.97
CA ASN B 19 86.47 65.34 48.40
C ASN B 19 85.36 64.28 48.65
N VAL B 20 84.82 63.66 47.58
CA VAL B 20 83.75 62.67 47.67
C VAL B 20 84.03 61.49 46.70
N CYS B 21 83.76 60.24 47.16
CA CYS B 21 83.96 59.01 46.37
C CYS B 21 82.66 58.18 46.39
N LEU B 22 81.94 58.15 45.24
CA LEU B 22 80.67 57.43 44.99
C LEU B 22 79.58 57.83 46.04
N GLY B 23 79.55 59.12 46.39
CA GLY B 23 78.55 59.67 47.31
C GLY B 23 79.00 59.82 48.77
N SER B 24 80.14 59.22 49.14
CA SER B 24 80.65 59.26 50.52
C SER B 24 81.88 60.16 50.64
N VAL B 25 81.97 60.91 51.77
CA VAL B 25 83.07 61.82 52.09
C VAL B 25 84.31 60.99 52.51
N LEU B 26 85.52 61.50 52.20
CA LEU B 26 86.78 60.83 52.55
C LEU B 26 87.43 61.51 53.78
N PRO B 27 87.98 60.72 54.75
CA PRO B 27 88.58 61.33 55.95
C PRO B 27 89.96 61.98 55.67
N TYR B 28 90.69 61.47 54.66
CA TYR B 28 92.03 61.93 54.27
C TYR B 28 91.94 62.99 53.15
N GLY B 29 93.08 63.66 52.88
CA GLY B 29 93.17 64.72 51.90
C GLY B 29 94.16 64.50 50.75
N ALA B 30 95.01 63.46 50.85
CA ALA B 30 95.98 63.15 49.80
C ALA B 30 95.74 61.74 49.23
N THR B 31 95.91 61.59 47.90
CA THR B 31 95.65 60.33 47.20
C THR B 31 96.80 59.95 46.22
N SER B 32 96.65 58.82 45.51
CA SER B 32 97.56 58.31 44.50
C SER B 32 96.79 57.60 43.39
N THR B 33 97.31 57.63 42.15
CA THR B 33 96.69 56.98 40.99
C THR B 33 97.55 55.77 40.55
N LEU B 34 98.34 55.24 41.50
CA LEU B 34 99.25 54.11 41.27
C LEU B 34 98.49 52.77 41.31
N LEU B 35 97.50 52.63 42.22
CA LEU B 35 96.71 51.40 42.36
C LEU B 35 95.81 51.19 41.13
N ALA B 36 95.26 52.29 40.57
CA ALA B 36 94.47 52.23 39.34
C ALA B 36 95.39 52.20 38.13
N GLY B 37 95.39 51.07 37.42
CA GLY B 37 96.23 50.85 36.26
C GLY B 37 95.72 51.50 34.98
N ASP B 38 94.39 51.72 34.89
CA ASP B 38 93.75 52.33 33.73
C ASP B 38 93.76 53.86 33.81
N SER B 39 94.00 54.41 35.02
CA SER B 39 94.00 55.84 35.28
C SER B 39 95.41 56.37 35.62
N ASP B 40 95.73 57.56 35.08
CA ASP B 40 97.00 58.25 35.29
C ASP B 40 96.79 59.51 36.14
N SER B 41 95.60 60.13 36.04
CA SER B 41 95.26 61.34 36.77
C SER B 41 93.99 61.15 37.59
N GLN B 42 93.68 62.10 38.51
CA GLN B 42 92.48 62.07 39.34
C GLN B 42 91.23 62.27 38.48
N GLU B 43 91.32 63.14 37.44
CA GLU B 43 90.22 63.40 36.51
C GLU B 43 89.84 62.13 35.75
N GLU B 44 90.84 61.30 35.40
CA GLU B 44 90.63 60.03 34.69
C GLU B 44 90.12 58.96 35.67
N ALA B 45 90.61 58.98 36.93
CA ALA B 45 90.16 58.05 37.98
C ALA B 45 88.69 58.29 38.30
N HIS B 46 88.28 59.58 38.38
CA HIS B 46 86.91 60.00 38.61
C HIS B 46 86.02 59.56 37.44
N GLY B 47 86.55 59.68 36.21
CA GLY B 47 85.87 59.28 34.99
C GLY B 47 85.53 57.80 34.91
N LYS B 48 86.47 56.95 35.40
CA LYS B 48 86.30 55.49 35.43
C LYS B 48 85.24 55.08 36.45
N LEU B 49 85.15 55.82 37.58
CA LEU B 49 84.17 55.57 38.64
C LEU B 49 82.75 55.81 38.13
N VAL B 50 82.57 56.77 37.18
CA VAL B 50 81.29 57.10 36.56
C VAL B 50 80.86 55.91 35.64
N LEU B 51 81.85 55.19 35.04
CA LEU B 51 81.57 54.03 34.20
C LEU B 51 81.25 52.81 35.08
N TRP B 52 81.99 52.66 36.21
CA TRP B 52 81.78 51.59 37.19
C TRP B 52 80.48 51.79 37.98
N SER B 53 79.97 53.04 38.05
CA SER B 53 78.73 53.33 38.78
C SER B 53 77.50 52.84 38.00
N GLY B 54 77.73 52.23 36.82
CA GLY B 54 76.67 51.64 36.00
C GLY B 54 76.15 50.34 36.61
N LEU B 55 76.84 49.85 37.66
CA LEU B 55 76.48 48.63 38.37
C LEU B 55 75.61 48.94 39.60
N ARG B 56 74.86 50.08 39.63
CA ARG B 56 73.88 50.36 40.70
C ARG B 56 72.80 49.28 40.62
N ASN B 57 72.48 48.90 39.36
CA ASN B 57 71.63 47.79 38.96
C ASN B 57 72.36 46.51 39.36
N ALA B 58 71.65 45.52 39.91
CA ALA B 58 72.26 44.34 40.55
C ALA B 58 72.86 44.80 41.89
N PRO B 59 72.00 45.23 42.85
CA PRO B 59 72.52 45.84 44.09
C PRO B 59 73.34 44.89 44.95
N ARG B 60 73.20 43.58 44.80
CA ARG B 60 73.98 42.67 45.61
C ARG B 60 75.45 42.95 45.34
N CYS B 61 75.73 43.24 44.08
CA CYS B 61 77.09 43.52 43.59
C CYS B 61 77.51 44.96 43.96
N TRP B 62 76.60 45.94 43.80
CA TRP B 62 76.86 47.36 44.04
C TRP B 62 77.29 47.63 45.49
N ALA B 63 76.64 46.97 46.47
CA ALA B 63 76.93 47.16 47.89
C ALA B 63 78.37 46.76 48.24
N VAL B 64 78.90 45.69 47.61
CA VAL B 64 80.24 45.19 47.94
C VAL B 64 81.32 45.80 46.99
N ILE B 65 80.95 46.31 45.80
CA ILE B 65 81.97 46.80 44.86
C ILE B 65 82.31 48.30 45.16
N GLN B 66 81.37 49.07 45.79
CA GLN B 66 81.63 50.48 46.15
C GLN B 66 82.91 50.64 47.01
N PRO B 67 83.08 49.90 48.15
CA PRO B 67 84.29 50.10 48.98
C PRO B 67 85.57 49.74 48.22
N LEU B 68 85.54 48.67 47.39
CA LEU B 68 86.71 48.22 46.62
C LEU B 68 87.14 49.28 45.60
N LEU B 69 86.18 49.87 44.86
CA LEU B 69 86.46 50.88 43.83
C LEU B 69 87.00 52.18 44.45
N CYS B 70 86.56 52.54 45.67
CA CYS B 70 87.09 53.72 46.35
C CYS B 70 88.48 53.43 46.91
N ALA B 71 88.76 52.16 47.30
CA ALA B 71 90.04 51.76 47.86
C ALA B 71 91.14 51.63 46.79
N VAL B 72 90.76 51.61 45.49
CA VAL B 72 91.72 51.46 44.38
C VAL B 72 91.88 52.81 43.63
N TYR B 73 90.77 53.44 43.21
CA TYR B 73 90.82 54.68 42.43
C TYR B 73 91.11 55.90 43.30
N MET B 74 90.55 55.99 44.52
CA MET B 74 90.82 57.15 45.40
C MET B 74 91.34 56.65 46.77
N PRO B 75 92.57 56.07 46.85
CA PRO B 75 93.03 55.55 48.15
C PRO B 75 93.74 56.61 49.01
N LYS B 76 94.08 56.25 50.26
CA LYS B 76 94.75 57.12 51.20
C LYS B 76 96.27 57.11 50.96
N CYS B 77 96.85 58.31 50.75
CA CYS B 77 98.28 58.52 50.59
C CYS B 77 98.74 59.46 51.69
N GLU B 78 99.74 59.03 52.50
CA GLU B 78 100.18 59.84 53.63
C GLU B 78 101.66 59.56 53.90
N ASN B 79 102.51 60.61 53.73
CA ASN B 79 103.98 60.61 53.90
C ASN B 79 104.63 59.72 52.81
N ASP B 80 104.28 59.99 51.52
CA ASP B 80 104.74 59.32 50.29
C ASP B 80 104.53 57.78 50.37
N ARG B 81 103.38 57.35 50.90
CA ARG B 81 103.02 55.93 50.99
C ARG B 81 101.50 55.79 50.84
N VAL B 82 101.05 54.97 49.87
CA VAL B 82 99.64 54.74 49.61
C VAL B 82 99.23 53.38 50.23
N GLU B 83 98.04 53.33 50.89
CA GLU B 83 97.53 52.13 51.55
C GLU B 83 96.92 51.15 50.53
N LEU B 84 97.26 49.87 50.65
CA LEU B 84 96.77 48.78 49.80
C LEU B 84 95.45 48.20 50.33
N PRO B 85 94.48 47.83 49.44
CA PRO B 85 93.23 47.22 49.93
C PRO B 85 93.46 45.75 50.32
N SER B 86 92.82 45.26 51.41
CA SER B 86 92.99 43.89 51.91
C SER B 86 92.39 42.86 50.92
N ARG B 87 92.84 41.59 51.03
CA ARG B 87 92.38 40.47 50.20
C ARG B 87 90.88 40.20 50.40
N THR B 88 90.41 40.33 51.67
CA THR B 88 89.02 40.10 52.09
C THR B 88 88.05 41.08 51.38
N LEU B 89 88.48 42.34 51.15
CA LEU B 89 87.69 43.39 50.48
C LEU B 89 87.49 43.05 48.99
N CYS B 90 88.55 42.48 48.37
CA CYS B 90 88.58 42.07 46.96
C CYS B 90 87.79 40.77 46.77
N GLN B 91 87.99 39.77 47.66
CA GLN B 91 87.37 38.44 47.57
C GLN B 91 85.84 38.52 47.78
N ALA B 92 85.37 39.58 48.48
CA ALA B 92 83.94 39.81 48.78
C ALA B 92 83.14 40.17 47.52
N THR B 93 83.80 40.70 46.47
CA THR B 93 83.14 41.12 45.23
C THR B 93 83.04 39.98 44.22
N ARG B 94 84.08 39.11 44.14
CA ARG B 94 84.21 37.99 43.18
C ARG B 94 82.86 37.28 42.89
N GLY B 95 82.15 36.91 43.97
CA GLY B 95 80.88 36.20 43.90
C GLY B 95 79.71 37.02 43.37
N PRO B 96 79.18 38.00 44.15
CA PRO B 96 78.02 38.80 43.68
C PRO B 96 78.28 39.64 42.41
N CYS B 97 79.55 39.91 42.10
CA CYS B 97 79.92 40.66 40.90
C CYS B 97 80.48 39.68 39.86
N ALA B 98 79.71 38.63 39.56
CA ALA B 98 80.04 37.64 38.55
C ALA B 98 79.88 38.25 37.16
N ILE B 99 78.84 39.13 36.99
CA ILE B 99 78.48 39.88 35.78
C ILE B 99 79.71 40.57 35.17
N VAL B 100 80.64 41.07 36.03
CA VAL B 100 81.87 41.77 35.61
C VAL B 100 82.72 40.80 34.79
N GLU B 101 83.06 39.63 35.35
CA GLU B 101 83.87 38.60 34.70
C GLU B 101 83.11 37.95 33.52
N ARG B 102 81.75 38.00 33.54
CA ARG B 102 80.93 37.44 32.47
C ARG B 102 80.89 38.36 31.24
N GLU B 103 80.82 39.69 31.46
CA GLU B 103 80.70 40.66 30.36
C GLU B 103 82.07 41.22 29.92
N ARG B 104 82.77 41.97 30.79
CA ARG B 104 84.04 42.61 30.44
C ARG B 104 85.25 41.76 30.88
N GLY B 105 85.28 41.37 32.15
CA GLY B 105 86.38 40.63 32.75
C GLY B 105 87.18 41.51 33.67
N TRP B 106 87.52 41.01 34.87
CA TRP B 106 88.26 41.77 35.88
C TRP B 106 89.62 42.25 35.34
N PRO B 107 89.94 43.57 35.46
CA PRO B 107 91.24 44.06 34.98
C PRO B 107 92.38 43.59 35.88
N ASP B 108 93.61 43.67 35.38
CA ASP B 108 94.86 43.25 36.04
C ASP B 108 94.97 43.76 37.50
N PHE B 109 94.61 45.04 37.76
CA PHE B 109 94.73 45.67 39.08
C PHE B 109 93.51 45.41 39.99
N LEU B 110 92.45 44.73 39.50
CA LEU B 110 91.28 44.44 40.35
C LEU B 110 91.14 42.92 40.63
N ARG B 111 92.06 42.08 40.12
CA ARG B 111 92.07 40.64 40.45
C ARG B 111 92.73 40.45 41.80
N CYS B 112 92.20 39.54 42.65
CA CYS B 112 92.72 39.33 44.00
C CYS B 112 94.09 38.62 43.96
N THR B 113 95.16 39.42 43.76
CA THR B 113 96.55 38.99 43.73
C THR B 113 97.14 39.27 45.13
N PRO B 114 97.91 38.37 45.79
CA PRO B 114 98.46 38.72 47.12
C PRO B 114 99.44 39.91 47.07
N ASP B 115 99.96 40.21 45.87
CA ASP B 115 100.89 41.31 45.60
C ASP B 115 100.12 42.65 45.60
N ARG B 116 98.93 42.68 44.97
CA ARG B 116 98.09 43.87 44.82
C ARG B 116 97.13 44.04 46.01
N PHE B 117 96.62 42.90 46.54
CA PHE B 117 95.70 42.81 47.68
C PHE B 117 96.29 41.88 48.76
N PRO B 118 97.01 42.44 49.77
CA PRO B 118 97.63 41.58 50.78
C PRO B 118 96.63 41.16 51.87
N GLU B 119 97.00 40.12 52.66
CA GLU B 119 96.16 39.59 53.74
C GLU B 119 96.40 40.33 55.05
N GLY B 120 95.31 40.70 55.71
CA GLY B 120 95.32 41.38 56.99
C GLY B 120 95.85 42.81 56.99
N CYS B 121 95.15 43.70 56.24
CA CYS B 121 95.50 45.12 56.14
C CYS B 121 94.27 45.98 56.47
N THR B 122 94.49 47.18 57.05
CA THR B 122 93.39 48.11 57.37
C THR B 122 92.98 48.82 56.07
N ASN B 123 91.74 48.56 55.62
CA ASN B 123 91.16 49.05 54.37
C ASN B 123 90.95 50.57 54.35
N GLU B 124 90.68 51.18 55.53
CA GLU B 124 90.37 52.62 55.72
C GLU B 124 88.92 52.89 55.26
N VAL B 125 88.49 52.24 54.14
CA VAL B 125 87.12 52.36 53.59
C VAL B 125 86.12 51.59 54.49
N GLN B 126 86.65 50.75 55.42
CA GLN B 126 85.87 49.96 56.38
C GLN B 126 85.16 50.92 57.36
N ASN B 127 85.82 52.05 57.69
CA ASN B 127 85.28 53.10 58.56
C ASN B 127 84.21 53.91 57.83
N ILE B 128 84.42 54.15 56.51
CA ILE B 128 83.54 54.93 55.62
C ILE B 128 82.23 54.17 55.39
N LYS B 129 81.09 54.87 55.58
CA LYS B 129 79.76 54.31 55.38
C LYS B 129 79.25 54.67 53.99
N PHE B 130 78.88 53.64 53.20
CA PHE B 130 78.30 53.81 51.87
C PHE B 130 76.81 53.51 51.97
N ASN B 131 75.99 54.57 52.12
CA ASN B 131 74.55 54.48 52.32
C ASN B 131 73.82 54.05 51.03
N SER B 132 74.46 54.22 49.86
CA SER B 132 73.89 53.87 48.56
C SER B 132 73.66 52.36 48.47
N SER B 133 72.44 51.95 48.04
CA SER B 133 72.07 50.54 47.98
C SER B 133 71.88 50.07 46.52
N GLY B 134 71.49 50.99 45.65
CA GLY B 134 71.26 50.67 44.25
C GLY B 134 69.80 50.40 43.94
N GLN B 135 69.51 49.94 42.71
CA GLN B 135 68.13 49.71 42.32
C GLN B 135 67.92 48.48 41.42
N CYS B 136 66.64 48.23 41.10
CA CYS B 136 66.09 47.24 40.17
C CYS B 136 65.13 47.97 39.22
N GLU B 137 65.38 47.90 37.90
CA GLU B 137 64.55 48.60 36.90
C GLU B 137 63.14 47.96 36.82
N VAL B 138 62.14 48.74 36.34
CA VAL B 138 60.68 48.52 36.24
C VAL B 138 60.27 46.99 36.06
N PRO B 139 60.79 46.11 35.14
CA PRO B 139 60.26 44.73 35.10
C PRO B 139 60.83 43.84 36.22
N LEU B 140 61.91 44.30 36.88
CA LEU B 140 62.52 43.63 38.01
C LEU B 140 62.09 44.30 39.31
N VAL B 141 62.22 43.57 40.42
CA VAL B 141 61.85 44.06 41.75
C VAL B 141 62.89 43.63 42.81
N ARG B 142 63.15 44.43 43.81
CA ARG B 142 64.18 44.00 44.72
C ARG B 142 63.69 42.89 45.60
N THR B 143 64.41 41.78 45.60
CA THR B 143 64.03 40.65 46.42
C THR B 143 65.16 40.16 47.28
N ASP B 144 64.89 40.05 48.56
CA ASP B 144 65.86 39.58 49.50
C ASP B 144 66.21 38.14 49.22
N ASN B 145 65.20 37.36 48.90
CA ASN B 145 65.34 35.92 48.67
C ASN B 145 66.21 35.55 47.49
N PRO B 146 67.14 34.65 47.74
CA PRO B 146 68.08 34.19 46.72
C PRO B 146 67.45 33.42 45.57
N LYS B 147 66.46 32.59 45.87
CA LYS B 147 65.80 31.77 44.86
C LYS B 147 65.09 32.61 43.80
N SER B 148 64.52 33.71 44.24
CA SER B 148 63.86 34.63 43.35
C SER B 148 64.78 35.47 42.47
N TRP B 149 66.07 35.50 42.74
CA TRP B 149 66.96 36.34 41.93
C TRP B 149 66.96 35.92 40.49
N TYR B 150 67.04 36.89 39.59
CA TYR B 150 66.97 36.56 38.19
C TYR B 150 68.26 36.58 37.43
N GLU B 151 68.67 35.42 36.95
CA GLU B 151 69.89 35.28 36.15
C GLU B 151 71.13 35.84 36.84
N ASP B 152 71.92 36.58 36.07
CA ASP B 152 73.16 37.20 36.55
C ASP B 152 72.95 38.42 37.43
N VAL B 153 71.76 38.97 37.43
CA VAL B 153 71.45 40.15 38.18
C VAL B 153 71.08 39.82 39.61
N GLU B 154 72.06 39.44 40.41
CA GLU B 154 71.79 39.10 41.79
C GLU B 154 71.27 40.32 42.49
N GLY B 155 70.27 40.13 43.34
CA GLY B 155 69.66 41.22 44.08
C GLY B 155 68.32 41.72 43.57
N CYS B 156 67.99 41.37 42.33
CA CYS B 156 66.73 41.65 41.66
C CYS B 156 66.05 40.37 41.24
N GLY B 157 64.72 40.40 41.12
CA GLY B 157 63.92 39.28 40.66
C GLY B 157 62.82 39.71 39.71
N ILE B 158 62.40 38.82 38.78
CA ILE B 158 61.35 39.11 37.79
C ILE B 158 59.99 39.28 38.53
N GLN B 159 59.32 40.44 38.33
CA GLN B 159 58.05 40.79 38.99
C GLN B 159 56.95 39.76 38.67
N CYS B 160 55.90 39.72 39.51
CA CYS B 160 54.80 38.78 39.40
C CYS B 160 53.98 39.02 38.11
N GLN B 161 53.46 40.26 37.92
CA GLN B 161 52.72 40.70 36.71
C GLN B 161 53.57 40.47 35.47
N ASN B 162 53.07 39.65 34.53
CA ASN B 162 53.78 39.30 33.30
C ASN B 162 54.13 40.60 32.53
N PRO B 163 55.45 40.90 32.35
CA PRO B 163 55.83 42.19 31.73
C PRO B 163 55.53 42.26 30.21
N LEU B 164 55.19 41.13 29.57
CA LEU B 164 54.89 41.11 28.13
C LEU B 164 53.48 41.63 27.84
N PHE B 165 52.60 41.66 28.86
CA PHE B 165 51.22 42.08 28.65
C PHE B 165 50.84 43.21 29.62
N THR B 166 50.16 44.25 29.09
CA THR B 166 49.74 45.44 29.83
C THR B 166 48.64 45.11 30.84
N GLU B 167 48.35 46.05 31.77
CA GLU B 167 47.30 45.91 32.78
C GLU B 167 45.93 45.75 32.10
N ALA B 168 45.73 46.51 31.00
CA ALA B 168 44.50 46.49 30.18
C ALA B 168 44.25 45.09 29.59
N GLU B 169 45.32 44.39 29.19
CA GLU B 169 45.26 43.05 28.62
C GLU B 169 45.01 42.02 29.72
N HIS B 170 45.50 42.28 30.95
CA HIS B 170 45.25 41.42 32.11
C HIS B 170 43.77 41.47 32.49
N GLN B 171 43.22 42.69 32.67
CA GLN B 171 41.81 42.92 32.99
C GLN B 171 40.90 42.27 31.94
N ASP B 172 41.24 42.45 30.63
CA ASP B 172 40.51 41.90 29.48
C ASP B 172 40.48 40.37 29.50
N MET B 173 41.60 39.73 29.85
CA MET B 173 41.68 38.27 29.90
C MET B 173 40.94 37.74 31.13
N HIS B 174 41.11 38.39 32.31
CA HIS B 174 40.46 37.93 33.53
C HIS B 174 38.93 37.98 33.37
N SER B 175 38.40 39.03 32.67
CA SER B 175 36.98 39.16 32.38
C SER B 175 36.49 38.00 31.50
N TYR B 176 37.33 37.56 30.53
CA TYR B 176 37.05 36.46 29.61
C TYR B 176 37.02 35.11 30.35
N ILE B 177 37.93 34.91 31.34
CA ILE B 177 38.01 33.67 32.12
C ILE B 177 36.83 33.65 33.12
N ALA B 178 36.46 34.82 33.67
CA ALA B 178 35.33 34.93 34.60
C ALA B 178 34.02 34.56 33.92
N ALA B 179 33.82 35.02 32.67
CA ALA B 179 32.61 34.78 31.88
C ALA B 179 32.42 33.29 31.57
N PHE B 180 33.38 32.67 30.86
CA PHE B 180 33.33 31.25 30.49
C PHE B 180 33.37 30.34 31.72
N GLY B 181 34.24 30.65 32.68
CA GLY B 181 34.37 29.87 33.90
C GLY B 181 33.06 29.71 34.66
N ALA B 182 32.33 30.83 34.87
CA ALA B 182 31.06 30.87 35.59
C ALA B 182 29.97 30.08 34.86
N VAL B 183 29.80 30.31 33.53
CA VAL B 183 28.78 29.62 32.73
C VAL B 183 29.06 28.10 32.77
N THR B 184 30.34 27.68 32.51
CA THR B 184 30.76 26.27 32.51
C THR B 184 30.57 25.66 33.92
N GLY B 185 30.88 26.43 34.96
CA GLY B 185 30.69 26.00 36.35
C GLY B 185 29.24 25.73 36.67
N LEU B 186 28.34 26.67 36.31
CA LEU B 186 26.89 26.59 36.53
C LEU B 186 26.25 25.46 35.71
N CYS B 187 26.51 25.42 34.38
CA CYS B 187 25.92 24.43 33.46
C CYS B 187 26.25 23.01 33.92
N THR B 188 27.55 22.70 34.17
CA THR B 188 27.96 21.36 34.61
C THR B 188 27.33 21.02 35.97
N LEU B 189 27.24 22.00 36.89
CA LEU B 189 26.67 21.82 38.23
C LEU B 189 25.20 21.37 38.13
N PHE B 190 24.44 21.93 37.17
CA PHE B 190 23.05 21.57 36.91
C PHE B 190 22.93 20.12 36.45
N THR B 191 23.87 19.68 35.58
CA THR B 191 23.92 18.34 35.00
C THR B 191 24.33 17.32 36.07
N LEU B 192 25.34 17.63 36.91
CA LEU B 192 25.76 16.74 37.99
C LEU B 192 24.63 16.57 39.01
N ALA B 193 23.84 17.66 39.22
CA ALA B 193 22.71 17.68 40.15
C ALA B 193 21.55 16.80 39.64
N THR B 194 21.32 16.78 38.29
CA THR B 194 20.21 16.03 37.68
C THR B 194 20.52 14.52 37.68
N PHE B 195 21.77 14.12 37.40
CA PHE B 195 22.14 12.71 37.45
C PHE B 195 22.02 12.18 38.88
N VAL B 196 22.41 12.98 39.90
CA VAL B 196 22.31 12.61 41.32
C VAL B 196 20.81 12.62 41.74
N ALA B 197 19.99 13.57 41.20
CA ALA B 197 18.56 13.72 41.48
C ALA B 197 17.76 12.45 41.11
N ASP B 198 18.25 11.66 40.14
CA ASP B 198 17.65 10.40 39.73
C ASP B 198 18.81 9.42 39.37
N TRP B 199 19.65 9.11 40.39
CA TRP B 199 20.88 8.32 40.25
C TRP B 199 20.63 6.82 40.00
N ARG B 200 19.47 6.25 40.34
CA ARG B 200 19.29 4.82 40.10
C ARG B 200 19.08 4.55 38.58
N ASN B 201 18.13 5.28 37.94
CA ASN B 201 17.81 5.12 36.52
C ASN B 201 18.88 5.73 35.61
N SER B 202 19.56 6.80 36.05
CA SER B 202 20.59 7.47 35.23
C SER B 202 21.96 6.81 35.39
N ASN B 203 22.06 5.74 36.21
CA ASN B 203 23.34 5.09 36.42
C ASN B 203 23.56 3.97 35.36
N ARG B 204 22.77 3.98 34.24
CA ARG B 204 23.00 3.10 33.08
C ARG B 204 24.35 3.44 32.51
N TYR B 205 25.13 2.45 32.06
CA TYR B 205 26.49 2.81 31.67
C TYR B 205 26.60 3.41 30.26
N PRO B 206 25.64 3.34 29.29
CA PRO B 206 25.86 4.12 28.07
C PRO B 206 25.79 5.64 28.32
N ALA B 207 25.00 6.07 29.33
CA ALA B 207 24.74 7.48 29.62
C ALA B 207 25.59 8.08 30.79
N VAL B 208 25.98 7.28 31.80
CA VAL B 208 26.66 7.81 33.00
C VAL B 208 28.12 8.34 32.64
N ILE B 209 28.65 8.04 31.43
CA ILE B 209 29.95 8.59 30.97
C ILE B 209 29.85 10.11 30.97
N LEU B 210 28.72 10.66 30.48
CA LEU B 210 28.46 12.10 30.43
C LEU B 210 28.42 12.70 31.84
N PHE B 211 28.06 11.90 32.88
CA PHE B 211 28.09 12.40 34.25
C PHE B 211 29.54 12.73 34.66
N TYR B 212 30.49 11.78 34.44
CA TYR B 212 31.90 11.97 34.80
C TYR B 212 32.57 12.99 33.85
N VAL B 213 32.12 13.09 32.58
CA VAL B 213 32.64 14.09 31.63
C VAL B 213 32.33 15.50 32.20
N ASN B 214 31.10 15.71 32.73
CA ASN B 214 30.70 16.97 33.35
C ASN B 214 31.43 17.19 34.68
N ALA B 215 31.64 16.11 35.47
CA ALA B 215 32.34 16.17 36.77
C ALA B 215 33.75 16.78 36.62
N CYS B 216 34.48 16.41 35.54
CA CYS B 216 35.83 16.90 35.25
C CYS B 216 35.80 18.39 34.91
N PHE B 217 34.89 18.82 33.99
CA PHE B 217 34.81 20.22 33.61
C PHE B 217 34.28 21.08 34.75
N PHE B 218 33.54 20.48 35.71
CA PHE B 218 33.07 21.22 36.87
C PHE B 218 34.26 21.54 37.79
N VAL B 219 35.06 20.51 38.17
CA VAL B 219 36.23 20.65 39.03
C VAL B 219 37.25 21.60 38.37
N GLY B 220 37.41 21.47 37.05
CA GLY B 220 38.28 22.34 36.25
C GLY B 220 37.92 23.81 36.36
N SER B 221 36.61 24.12 36.29
CA SER B 221 36.07 25.49 36.39
C SER B 221 36.45 26.16 37.71
N ILE B 222 36.41 25.40 38.83
CA ILE B 222 36.75 25.86 40.18
C ILE B 222 38.21 26.38 40.20
N GLY B 223 39.11 25.65 39.54
CA GLY B 223 40.53 26.00 39.43
C GLY B 223 40.78 27.31 38.72
N TRP B 224 40.05 27.55 37.61
CA TRP B 224 40.15 28.79 36.83
C TRP B 224 39.45 29.97 37.51
N LEU B 225 38.40 29.70 38.32
CA LEU B 225 37.61 30.75 38.97
C LEU B 225 38.16 31.11 40.36
N ALA B 226 39.05 30.28 40.92
CA ALA B 226 39.63 30.50 42.26
C ALA B 226 40.40 31.85 42.34
N GLN B 227 41.02 32.28 41.22
CA GLN B 227 41.80 33.50 41.10
C GLN B 227 40.97 34.78 41.34
N PHE B 228 39.62 34.67 41.26
CA PHE B 228 38.73 35.82 41.37
C PHE B 228 38.35 36.08 42.83
N MET B 229 38.75 35.19 43.78
CA MET B 229 38.56 35.43 45.21
C MET B 229 39.44 36.59 45.64
N ASP B 230 38.97 37.42 46.58
CA ASP B 230 39.68 38.62 47.01
C ASP B 230 41.17 38.32 47.34
N GLY B 231 42.04 38.78 46.44
CA GLY B 231 43.49 38.64 46.55
C GLY B 231 44.04 37.23 46.43
N ALA B 232 43.24 36.30 45.88
CA ALA B 232 43.63 34.91 45.73
C ALA B 232 44.64 34.74 44.59
N ARG B 233 44.44 35.48 43.48
CA ARG B 233 45.29 35.45 42.28
C ARG B 233 46.77 35.68 42.64
N ARG B 234 47.06 36.68 43.50
CA ARG B 234 48.45 36.96 43.89
C ARG B 234 48.98 35.90 44.86
N GLU B 235 48.10 35.17 45.60
CA GLU B 235 48.58 34.12 46.49
C GLU B 235 48.91 32.84 45.66
N ILE B 236 48.29 32.74 44.46
CA ILE B 236 48.46 31.64 43.52
C ILE B 236 49.63 31.90 42.56
N VAL B 237 49.79 33.15 42.07
CA VAL B 237 50.78 33.46 41.04
C VAL B 237 52.04 34.19 41.61
N CYS B 238 51.95 34.92 42.75
CA CYS B 238 53.13 35.63 43.27
C CYS B 238 53.75 34.88 44.43
N ARG B 239 55.08 34.92 44.53
CA ARG B 239 55.81 34.37 45.68
C ARG B 239 55.64 35.32 46.86
N ALA B 240 56.04 34.88 48.08
CA ALA B 240 55.91 35.66 49.30
C ALA B 240 56.56 37.04 49.17
N ASP B 241 57.74 37.12 48.51
CA ASP B 241 58.49 38.36 48.32
C ASP B 241 57.81 39.28 47.27
N GLY B 242 57.32 38.73 46.16
CA GLY B 242 56.66 39.52 45.11
C GLY B 242 57.04 39.18 43.69
N THR B 243 57.86 38.12 43.51
CA THR B 243 58.31 37.65 42.19
C THR B 243 57.36 36.52 41.71
N MET B 244 57.28 36.29 40.37
CA MET B 244 56.39 35.25 39.83
C MET B 244 56.90 33.85 40.21
N ARG B 245 55.97 32.92 40.49
CA ARG B 245 56.28 31.57 40.94
C ARG B 245 56.72 30.71 39.76
N LEU B 246 58.00 30.33 39.76
CA LEU B 246 58.58 29.54 38.68
C LEU B 246 59.17 28.23 39.19
N GLY B 247 59.03 27.17 38.40
CA GLY B 247 59.58 25.85 38.69
C GLY B 247 59.22 25.33 40.07
N GLU B 248 57.94 25.42 40.41
CA GLU B 248 57.39 25.02 41.68
C GLU B 248 57.08 23.49 41.62
N PRO B 249 57.14 22.68 42.72
CA PRO B 249 57.27 23.03 44.15
C PRO B 249 58.65 23.58 44.52
N THR B 250 58.65 24.66 45.31
CA THR B 250 59.83 25.34 45.85
C THR B 250 59.66 25.46 47.39
N SER B 251 60.77 25.39 48.16
CA SER B 251 60.73 25.47 49.62
C SER B 251 60.31 26.85 50.13
N ASN B 252 59.67 26.87 51.33
CA ASN B 252 59.21 28.07 52.08
C ASN B 252 58.23 28.91 51.23
N GLU B 253 57.31 28.23 50.51
CA GLU B 253 56.25 28.85 49.71
C GLU B 253 54.94 28.04 49.87
N THR B 254 53.81 28.77 49.94
CA THR B 254 52.45 28.25 50.18
C THR B 254 52.03 27.25 49.04
N LEU B 255 51.09 26.32 49.35
CA LEU B 255 50.63 25.30 48.41
C LEU B 255 49.63 25.85 47.38
N SER B 256 49.11 27.08 47.61
CA SER B 256 48.12 27.74 46.75
C SER B 256 48.39 27.56 45.23
N CYS B 257 49.65 27.54 44.81
CA CYS B 257 50.02 27.38 43.40
C CYS B 257 49.87 25.90 42.95
N VAL B 258 50.43 24.92 43.71
CA VAL B 258 50.34 23.50 43.34
C VAL B 258 48.88 22.98 43.50
N ILE B 259 48.11 23.51 44.48
CA ILE B 259 46.72 23.09 44.68
C ILE B 259 45.89 23.43 43.43
N ILE B 260 46.01 24.67 42.92
CA ILE B 260 45.28 25.13 41.73
C ILE B 260 45.81 24.38 40.50
N PHE B 261 47.13 24.10 40.43
CA PHE B 261 47.69 23.34 39.33
C PHE B 261 47.04 21.95 39.22
N VAL B 262 46.96 21.21 40.35
CA VAL B 262 46.39 19.86 40.36
C VAL B 262 44.94 19.93 39.86
N ILE B 263 44.12 20.82 40.45
CA ILE B 263 42.70 20.98 40.12
C ILE B 263 42.52 21.23 38.61
N VAL B 264 43.31 22.13 38.00
CA VAL B 264 43.18 22.48 36.58
C VAL B 264 43.67 21.33 35.68
N TYR B 265 44.96 20.92 35.81
CA TYR B 265 45.57 19.91 34.95
C TYR B 265 44.92 18.51 35.11
N TYR B 266 44.69 18.03 36.36
CA TYR B 266 44.10 16.70 36.57
C TYR B 266 42.72 16.63 35.92
N ALA B 267 41.86 17.66 36.11
CA ALA B 267 40.50 17.73 35.56
C ALA B 267 40.54 17.85 34.03
N LEU B 268 41.63 18.39 33.48
CA LEU B 268 41.84 18.52 32.03
C LEU B 268 42.12 17.15 31.42
N MET B 269 43.05 16.41 32.04
CA MET B 269 43.50 15.12 31.57
C MET B 269 42.49 14.02 31.93
N ALA B 270 41.76 14.14 33.06
CA ALA B 270 40.72 13.15 33.37
C ALA B 270 39.57 13.28 32.38
N GLY B 271 39.28 14.52 31.96
CA GLY B 271 38.24 14.84 31.00
C GLY B 271 38.50 14.32 29.60
N VAL B 272 39.74 14.50 29.08
CA VAL B 272 40.09 14.06 27.72
C VAL B 272 40.15 12.50 27.67
N VAL B 273 40.45 11.82 28.81
CA VAL B 273 40.49 10.35 28.84
C VAL B 273 39.01 9.84 28.85
N TRP B 274 38.10 10.55 29.55
CA TRP B 274 36.67 10.20 29.57
C TRP B 274 36.03 10.40 28.18
N PHE B 275 36.66 11.24 27.33
CA PHE B 275 36.22 11.45 25.96
C PHE B 275 36.45 10.18 25.14
N VAL B 276 37.65 9.57 25.26
CA VAL B 276 38.02 8.34 24.56
C VAL B 276 37.08 7.19 24.99
N VAL B 277 36.61 7.20 26.26
CA VAL B 277 35.67 6.22 26.81
C VAL B 277 34.32 6.36 26.09
N LEU B 278 33.85 7.61 25.93
CA LEU B 278 32.59 7.94 25.26
C LEU B 278 32.63 7.47 23.80
N THR B 279 33.75 7.72 23.10
CA THR B 279 33.91 7.32 21.69
C THR B 279 33.92 5.78 21.61
N TYR B 280 34.59 5.10 22.55
CA TYR B 280 34.64 3.63 22.62
C TYR B 280 33.25 3.03 22.87
N ALA B 281 32.51 3.58 23.86
CA ALA B 281 31.19 3.11 24.28
C ALA B 281 30.18 3.19 23.16
N TRP B 282 30.08 4.33 22.46
CA TRP B 282 29.14 4.46 21.34
C TRP B 282 29.50 3.43 20.25
N HIS B 283 30.79 3.32 19.90
CA HIS B 283 31.32 2.39 18.89
C HIS B 283 30.88 0.94 19.18
N THR B 284 31.02 0.46 20.43
CA THR B 284 30.70 -0.91 20.83
C THR B 284 29.19 -1.13 21.06
N SER B 285 28.49 -0.11 21.56
CA SER B 285 27.04 -0.18 21.85
C SER B 285 26.23 -0.22 20.58
N PHE B 286 26.59 0.64 19.63
CA PHE B 286 25.94 0.77 18.33
C PHE B 286 26.20 -0.50 17.50
N LYS B 287 27.38 -1.13 17.67
CA LYS B 287 27.70 -2.39 17.00
C LYS B 287 26.80 -3.54 17.55
N ALA B 288 26.60 -3.59 18.89
CA ALA B 288 25.84 -4.65 19.57
C ALA B 288 24.29 -4.38 19.61
N LEU B 289 23.74 -3.54 18.69
CA LEU B 289 22.30 -3.23 18.71
C LEU B 289 21.43 -4.37 18.16
N GLY B 290 21.99 -5.22 17.31
CA GLY B 290 21.24 -6.32 16.73
C GLY B 290 20.95 -7.48 17.67
N THR B 291 21.54 -7.47 18.89
CA THR B 291 21.39 -8.53 19.89
C THR B 291 21.28 -7.97 21.33
N THR B 292 20.82 -8.82 22.28
CA THR B 292 20.71 -8.56 23.72
C THR B 292 22.10 -8.27 24.32
N TYR B 293 23.16 -8.92 23.78
CA TYR B 293 24.55 -8.80 24.22
C TYR B 293 24.93 -7.35 24.63
N GLN B 294 25.26 -7.19 25.92
CA GLN B 294 25.68 -5.93 26.56
C GLN B 294 27.25 -5.87 26.55
N PRO B 295 27.84 -4.98 25.72
CA PRO B 295 29.31 -4.99 25.57
C PRO B 295 30.08 -4.35 26.75
N LEU B 296 29.57 -3.24 27.33
CA LEU B 296 30.25 -2.51 28.41
C LEU B 296 30.17 -3.21 29.77
N SER B 297 29.48 -4.34 29.85
CA SER B 297 29.12 -4.93 31.13
C SER B 297 30.19 -5.14 32.18
N GLY B 298 31.29 -5.73 31.83
CA GLY B 298 32.41 -5.82 32.77
C GLY B 298 33.49 -4.76 32.66
N LYS B 299 33.43 -3.95 31.59
CA LYS B 299 34.40 -2.89 31.29
C LYS B 299 34.29 -1.70 32.27
N THR B 300 33.17 -1.58 33.02
CA THR B 300 32.87 -0.53 34.00
C THR B 300 34.11 -0.24 34.90
N SER B 301 34.70 -1.29 35.49
CA SER B 301 35.85 -1.22 36.40
C SER B 301 37.09 -0.65 35.71
N TYR B 302 37.40 -1.18 34.50
CA TYR B 302 38.54 -0.81 33.66
C TYR B 302 38.45 0.63 33.15
N PHE B 303 37.24 1.21 33.04
CA PHE B 303 37.16 2.60 32.56
C PHE B 303 37.62 3.56 33.66
N HIS B 304 37.19 3.36 34.92
CA HIS B 304 37.62 4.20 36.06
C HIS B 304 39.11 4.03 36.33
N LEU B 305 39.64 2.80 36.16
CA LEU B 305 41.06 2.52 36.33
C LEU B 305 41.92 3.39 35.43
N LEU B 306 41.53 3.50 34.16
CA LEU B 306 42.26 4.23 33.13
C LEU B 306 42.08 5.76 33.29
N THR B 307 40.83 6.22 33.41
CA THR B 307 40.50 7.65 33.47
C THR B 307 41.00 8.35 34.73
N TRP B 308 41.16 7.63 35.85
CA TRP B 308 41.58 8.32 37.07
C TRP B 308 43.07 8.07 37.39
N SER B 309 43.71 7.03 36.78
CA SER B 309 45.12 6.74 37.06
C SER B 309 46.06 7.49 36.12
N LEU B 310 45.78 7.51 34.79
CA LEU B 310 46.64 8.19 33.81
C LEU B 310 46.85 9.68 34.18
N PRO B 311 45.79 10.50 34.49
CA PRO B 311 46.05 11.89 34.88
C PRO B 311 46.85 11.98 36.17
N PHE B 312 46.62 11.03 37.12
CA PHE B 312 47.35 10.97 38.38
C PHE B 312 48.86 10.75 38.14
N VAL B 313 49.21 9.76 37.30
CA VAL B 313 50.60 9.45 36.95
C VAL B 313 51.28 10.70 36.36
N LEU B 314 50.57 11.40 35.43
CA LEU B 314 51.08 12.61 34.75
C LEU B 314 51.25 13.77 35.75
N THR B 315 50.25 14.04 36.61
CA THR B 315 50.28 15.14 37.59
C THR B 315 51.47 14.95 38.54
N VAL B 316 51.69 13.71 39.05
CA VAL B 316 52.78 13.36 39.95
C VAL B 316 54.14 13.59 39.23
N ALA B 317 54.26 13.18 37.95
CA ALA B 317 55.48 13.34 37.14
C ALA B 317 55.86 14.83 36.95
N ILE B 318 54.86 15.74 36.80
CA ILE B 318 55.09 17.19 36.63
C ILE B 318 55.63 17.78 37.92
N LEU B 319 55.05 17.37 39.07
CA LEU B 319 55.46 17.82 40.41
C LEU B 319 56.88 17.33 40.71
N ALA B 320 57.25 16.15 40.17
CA ALA B 320 58.57 15.53 40.33
C ALA B 320 59.66 16.31 39.57
N VAL B 321 59.40 16.67 38.28
CA VAL B 321 60.34 17.44 37.46
C VAL B 321 60.25 18.94 37.85
N ALA B 322 59.23 19.28 38.71
CA ALA B 322 58.91 20.59 39.27
C ALA B 322 58.90 21.68 38.18
N GLN B 323 57.94 21.56 37.24
CA GLN B 323 57.83 22.55 36.17
C GLN B 323 56.48 23.27 36.23
N VAL B 324 55.89 23.36 37.44
CA VAL B 324 54.65 24.09 37.68
C VAL B 324 55.00 25.56 37.74
N ASP B 325 54.49 26.32 36.77
CA ASP B 325 54.78 27.74 36.66
C ASP B 325 53.50 28.56 36.81
N GLY B 326 53.60 29.68 37.51
CA GLY B 326 52.48 30.58 37.71
C GLY B 326 52.43 31.65 36.64
N ASP B 327 51.22 32.16 36.33
CA ASP B 327 51.03 33.20 35.32
C ASP B 327 49.91 34.15 35.74
N SER B 328 50.19 35.46 35.72
CA SER B 328 49.24 36.49 36.13
C SER B 328 48.08 36.65 35.13
N VAL B 329 48.37 36.65 33.80
CA VAL B 329 47.36 36.88 32.76
C VAL B 329 46.36 35.67 32.73
N SER B 330 46.83 34.41 32.80
CA SER B 330 45.90 33.26 32.84
C SER B 330 45.33 33.07 34.25
N GLY B 331 46.03 33.62 35.23
CA GLY B 331 45.64 33.57 36.64
C GLY B 331 45.72 32.22 37.32
N ILE B 332 46.37 31.22 36.67
CA ILE B 332 46.49 29.88 37.27
C ILE B 332 47.93 29.38 37.09
N CYS B 333 48.32 28.38 37.91
CA CYS B 333 49.60 27.67 37.83
C CYS B 333 49.44 26.48 36.90
N PHE B 334 50.32 26.35 35.89
CA PHE B 334 50.20 25.27 34.92
C PHE B 334 51.59 24.72 34.57
N VAL B 335 51.63 23.57 33.90
CA VAL B 335 52.85 22.90 33.49
C VAL B 335 53.43 23.58 32.24
N GLY B 336 54.69 23.98 32.33
CA GLY B 336 55.45 24.51 31.21
C GLY B 336 55.20 25.93 30.74
N TYR B 337 55.07 26.89 31.66
CA TYR B 337 54.97 28.29 31.21
C TYR B 337 56.38 28.86 31.00
N LYS B 338 57.34 28.50 31.87
CA LYS B 338 58.73 28.96 31.77
C LYS B 338 59.42 28.17 30.64
N ASN B 339 59.28 26.82 30.64
CA ASN B 339 59.87 25.94 29.62
C ASN B 339 58.76 25.26 28.81
N TYR B 340 58.66 25.64 27.51
CA TYR B 340 57.62 25.22 26.57
C TYR B 340 57.63 23.69 26.32
N ARG B 341 58.81 23.03 26.42
CA ARG B 341 58.95 21.59 26.14
C ARG B 341 58.08 20.74 27.10
N TYR B 342 57.97 21.13 28.38
CA TYR B 342 57.16 20.40 29.36
C TYR B 342 55.66 20.57 29.06
N ARG B 343 55.23 21.77 28.61
CA ARG B 343 53.84 22.01 28.22
C ARG B 343 53.49 21.15 27.00
N ALA B 344 54.45 21.02 26.07
CA ALA B 344 54.29 20.19 24.87
C ALA B 344 54.22 18.70 25.21
N GLY B 345 55.07 18.27 26.15
CA GLY B 345 55.15 16.88 26.58
C GLY B 345 53.97 16.38 27.37
N PHE B 346 53.55 17.15 28.39
CA PHE B 346 52.46 16.75 29.29
C PHE B 346 51.07 17.27 28.84
N VAL B 347 50.97 18.12 27.80
CA VAL B 347 49.65 18.61 27.41
C VAL B 347 49.40 18.29 25.93
N LEU B 348 50.23 18.84 25.01
CA LEU B 348 50.08 18.66 23.56
C LEU B 348 50.09 17.17 23.16
N ALA B 349 51.04 16.37 23.68
CA ALA B 349 51.16 14.94 23.36
C ALA B 349 49.93 14.14 23.87
N PRO B 350 49.51 14.18 25.18
CA PRO B 350 48.31 13.42 25.60
C PRO B 350 47.04 13.82 24.81
N ILE B 351 46.85 15.13 24.51
CA ILE B 351 45.69 15.61 23.75
C ILE B 351 45.78 15.05 22.30
N GLY B 352 46.99 14.89 21.78
CA GLY B 352 47.20 14.33 20.45
C GLY B 352 46.85 12.85 20.39
N LEU B 353 47.22 12.12 21.45
CA LEU B 353 46.99 10.69 21.59
C LEU B 353 45.47 10.40 21.75
N VAL B 354 44.73 11.25 22.51
CA VAL B 354 43.29 11.05 22.72
C VAL B 354 42.54 11.31 21.38
N LEU B 355 43.10 12.19 20.51
CA LEU B 355 42.50 12.49 19.20
C LEU B 355 42.67 11.34 18.22
N ILE B 356 43.80 10.62 18.25
CA ILE B 356 44.01 9.53 17.30
C ILE B 356 43.25 8.28 17.81
N VAL B 357 43.25 8.02 19.14
CA VAL B 357 42.54 6.85 19.71
C VAL B 357 41.01 7.14 19.65
N GLY B 358 40.58 8.30 20.16
CA GLY B 358 39.18 8.71 20.14
C GLY B 358 38.59 8.85 18.75
N GLY B 359 39.41 9.36 17.82
CA GLY B 359 39.05 9.53 16.42
C GLY B 359 38.83 8.21 15.73
N TYR B 360 39.62 7.18 16.11
CA TYR B 360 39.53 5.83 15.58
C TYR B 360 38.16 5.22 15.86
N PHE B 361 37.65 5.36 17.10
CA PHE B 361 36.36 4.78 17.47
C PHE B 361 35.18 5.52 16.82
N LEU B 362 35.34 6.83 16.52
CA LEU B 362 34.29 7.58 15.84
C LEU B 362 34.15 7.10 14.40
N ILE B 363 35.28 6.76 13.74
CA ILE B 363 35.35 6.21 12.38
C ILE B 363 34.71 4.81 12.37
N ARG B 364 35.14 3.95 13.31
CA ARG B 364 34.60 2.58 13.47
C ARG B 364 33.07 2.62 13.64
N GLY B 365 32.58 3.63 14.35
CA GLY B 365 31.15 3.84 14.55
C GLY B 365 30.44 4.26 13.27
N VAL B 366 31.12 5.07 12.41
CA VAL B 366 30.49 5.47 11.15
C VAL B 366 30.59 4.30 10.17
N MET B 367 31.57 3.39 10.36
CA MET B 367 31.67 2.15 9.58
C MET B 367 30.47 1.23 9.90
N THR B 368 30.00 1.27 11.18
CA THR B 368 28.83 0.49 11.66
C THR B 368 27.55 1.14 11.11
N LEU B 369 27.56 2.48 10.93
CA LEU B 369 26.41 3.24 10.40
C LEU B 369 26.05 2.75 8.99
N PHE B 370 27.07 2.41 8.16
CA PHE B 370 26.86 1.97 6.78
C PHE B 370 27.09 0.43 6.62
N SER B 371 27.09 -0.34 7.74
CA SER B 371 27.27 -1.79 7.69
C SER B 371 25.94 -2.52 7.72
N ILE B 372 25.92 -3.78 7.21
CA ILE B 372 24.71 -4.63 7.18
C ILE B 372 24.30 -4.96 8.62
N LYS B 373 23.03 -4.76 8.93
CA LYS B 373 22.49 -4.99 10.26
C LYS B 373 21.90 -6.39 10.32
N SER B 374 21.95 -7.04 11.50
CA SER B 374 21.37 -8.37 11.69
C SER B 374 19.85 -8.32 11.57
N ASN B 375 19.25 -7.25 12.12
CA ASN B 375 17.81 -7.00 12.14
C ASN B 375 17.39 -6.08 10.99
N HIS B 376 16.44 -6.57 10.17
CA HIS B 376 15.85 -5.81 9.08
C HIS B 376 14.35 -5.60 9.37
N ALA B 377 13.72 -4.61 8.74
CA ALA B 377 12.30 -4.34 8.97
C ALA B 377 11.44 -5.03 7.92
N LYS B 378 10.36 -5.71 8.35
CA LYS B 378 9.42 -6.39 7.47
C LYS B 378 8.13 -5.58 7.32
N ALA B 379 7.67 -5.44 6.06
CA ALA B 379 6.47 -4.66 5.74
C ALA B 379 5.59 -5.38 4.70
N LEU B 380 4.28 -5.44 4.97
CA LEU B 380 3.28 -6.05 4.08
C LEU B 380 2.43 -4.98 3.45
N ILE B 381 2.30 -5.02 2.11
CA ILE B 381 1.46 -4.06 1.39
C ILE B 381 0.37 -4.87 0.69
N VAL B 382 -0.89 -4.75 1.17
CA VAL B 382 -2.03 -5.44 0.54
C VAL B 382 -2.85 -4.36 -0.17
N TYR B 383 -3.09 -4.52 -1.48
CA TYR B 383 -3.80 -3.51 -2.26
C TYR B 383 -5.01 -4.11 -3.00
N GLY B 384 -6.03 -3.28 -3.17
CA GLY B 384 -7.26 -3.59 -3.92
C GLY B 384 -7.39 -2.57 -5.04
N SER B 385 -7.10 -2.98 -6.28
CA SER B 385 -7.10 -2.07 -7.43
C SER B 385 -7.75 -2.70 -8.68
N THR B 386 -8.72 -1.96 -9.31
CA THR B 386 -9.47 -2.38 -10.51
C THR B 386 -8.80 -1.82 -11.81
N THR B 387 -8.37 -0.55 -11.83
CA THR B 387 -7.77 0.04 -13.03
C THR B 387 -6.22 0.21 -12.85
N GLY B 388 -5.68 -0.32 -11.75
CA GLY B 388 -4.24 -0.33 -11.47
C GLY B 388 -3.61 0.89 -10.82
N ASN B 389 -4.42 1.90 -10.42
CA ASN B 389 -3.90 3.12 -9.79
C ASN B 389 -3.40 2.83 -8.37
N THR B 390 -4.16 2.04 -7.56
CA THR B 390 -3.74 1.70 -6.19
C THR B 390 -2.58 0.69 -6.28
N GLU B 391 -2.61 -0.19 -7.32
CA GLU B 391 -1.52 -1.15 -7.57
C GLU B 391 -0.21 -0.37 -7.82
N TYR B 392 -0.26 0.70 -8.65
CA TYR B 392 0.89 1.57 -8.94
C TYR B 392 1.37 2.25 -7.65
N THR B 393 0.43 2.78 -6.84
CA THR B 393 0.75 3.47 -5.59
C THR B 393 1.45 2.49 -4.65
N ALA B 394 0.91 1.25 -4.52
CA ALA B 394 1.47 0.18 -3.69
C ALA B 394 2.92 -0.11 -4.06
N GLU B 395 3.19 -0.27 -5.37
CA GLU B 395 4.51 -0.55 -5.93
C GLU B 395 5.47 0.63 -5.73
N THR B 396 4.96 1.89 -5.81
CA THR B 396 5.75 3.11 -5.60
C THR B 396 6.20 3.16 -4.12
N ILE B 397 5.25 2.88 -3.20
CA ILE B 397 5.49 2.83 -1.75
C ILE B 397 6.52 1.72 -1.45
N ALA B 398 6.38 0.57 -2.13
CA ALA B 398 7.24 -0.60 -1.97
C ALA B 398 8.69 -0.27 -2.30
N ARG B 399 8.97 0.34 -3.48
CA ARG B 399 10.34 0.66 -3.94
C ARG B 399 11.02 1.67 -2.99
N GLU B 400 10.24 2.57 -2.35
CA GLU B 400 10.76 3.60 -1.43
C GLU B 400 11.20 2.94 -0.12
N LEU B 401 10.33 2.05 0.47
CA LEU B 401 10.62 1.31 1.70
C LEU B 401 11.83 0.39 1.51
N ALA B 402 11.92 -0.24 0.32
CA ALA B 402 13.01 -1.11 -0.09
C ALA B 402 14.34 -0.35 -0.18
N ASP B 403 14.31 0.92 -0.67
CA ASP B 403 15.50 1.78 -0.75
C ASP B 403 15.98 2.19 0.64
N ALA B 404 15.08 2.09 1.64
CA ALA B 404 15.37 2.43 3.03
C ALA B 404 15.84 1.22 3.84
N GLY B 405 15.76 0.02 3.25
CA GLY B 405 16.22 -1.20 3.89
C GLY B 405 15.15 -2.16 4.38
N TYR B 406 13.89 -1.94 3.98
CA TYR B 406 12.78 -2.82 4.38
C TYR B 406 12.73 -4.06 3.47
N GLU B 407 12.03 -5.09 3.94
CA GLU B 407 11.75 -6.31 3.21
C GLU B 407 10.27 -6.25 2.88
N VAL B 408 9.95 -5.66 1.73
CA VAL B 408 8.57 -5.40 1.32
C VAL B 408 7.98 -6.61 0.59
N ASP B 409 6.76 -6.98 0.98
CA ASP B 409 5.95 -8.05 0.41
C ASP B 409 4.63 -7.42 -0.07
N SER B 410 4.53 -7.17 -1.38
CA SER B 410 3.36 -6.52 -1.99
C SER B 410 2.43 -7.58 -2.56
N ARG B 411 1.20 -7.66 -2.02
CA ARG B 411 0.19 -8.64 -2.41
C ARG B 411 -1.11 -7.99 -2.84
N ASP B 412 -1.76 -8.59 -3.84
CA ASP B 412 -3.08 -8.19 -4.33
C ASP B 412 -4.13 -8.83 -3.44
N ALA B 413 -5.11 -8.04 -2.97
CA ALA B 413 -6.17 -8.49 -2.06
C ALA B 413 -6.96 -9.68 -2.62
N ALA B 414 -7.06 -9.78 -3.96
CA ALA B 414 -7.77 -10.85 -4.66
C ALA B 414 -7.11 -12.22 -4.43
N SER B 415 -5.81 -12.24 -4.07
CA SER B 415 -5.05 -13.47 -3.90
C SER B 415 -4.50 -13.63 -2.47
N VAL B 416 -5.31 -13.29 -1.44
CA VAL B 416 -4.87 -13.45 -0.05
C VAL B 416 -5.99 -14.04 0.82
N GLU B 417 -5.59 -14.79 1.87
CA GLU B 417 -6.46 -15.31 2.92
C GLU B 417 -6.28 -14.43 4.15
N ALA B 418 -7.38 -13.91 4.71
CA ALA B 418 -7.37 -12.98 5.83
C ALA B 418 -6.76 -13.59 7.13
N GLY B 419 -6.95 -14.89 7.37
CA GLY B 419 -6.44 -15.58 8.56
C GLY B 419 -4.94 -15.45 8.81
N GLY B 420 -4.58 -14.76 9.90
CA GLY B 420 -3.20 -14.50 10.31
C GLY B 420 -2.32 -13.91 9.24
N LEU B 421 -2.91 -13.08 8.38
CA LEU B 421 -2.26 -12.44 7.24
C LEU B 421 -1.17 -11.44 7.68
N PHE B 422 -1.45 -10.64 8.75
CA PHE B 422 -0.50 -9.62 9.18
C PHE B 422 0.59 -10.19 10.11
N GLU B 423 0.47 -11.48 10.51
CA GLU B 423 1.44 -12.13 11.40
C GLU B 423 2.85 -12.13 10.78
N GLY B 424 3.81 -11.59 11.53
CA GLY B 424 5.20 -11.53 11.12
C GLY B 424 5.67 -10.25 10.44
N PHE B 425 4.87 -9.16 10.50
CA PHE B 425 5.25 -7.89 9.88
C PHE B 425 5.27 -6.78 10.91
N ASP B 426 6.26 -5.89 10.81
CA ASP B 426 6.40 -4.73 11.70
C ASP B 426 5.45 -3.63 11.29
N LEU B 427 5.19 -3.53 9.97
CA LEU B 427 4.32 -2.53 9.34
C LEU B 427 3.40 -3.17 8.31
N VAL B 428 2.12 -2.79 8.31
CA VAL B 428 1.15 -3.29 7.34
C VAL B 428 0.48 -2.09 6.68
N LEU B 429 0.65 -1.97 5.36
CA LEU B 429 0.08 -0.85 4.62
C LEU B 429 -1.04 -1.38 3.76
N LEU B 430 -2.28 -0.99 4.08
CA LEU B 430 -3.44 -1.42 3.33
C LEU B 430 -3.84 -0.34 2.34
N GLY B 431 -4.04 -0.74 1.09
CA GLY B 431 -4.43 0.16 0.03
C GLY B 431 -5.68 -0.31 -0.69
N CYS B 432 -6.63 0.61 -0.90
CA CYS B 432 -7.88 0.27 -1.56
C CYS B 432 -8.51 1.51 -2.17
N SER B 433 -8.98 1.39 -3.42
CA SER B 433 -9.67 2.48 -4.11
C SER B 433 -11.15 2.48 -3.72
N THR B 434 -11.89 3.56 -4.03
CA THR B 434 -13.32 3.61 -3.67
C THR B 434 -14.15 3.52 -4.97
N TRP B 435 -15.30 2.82 -4.86
CA TRP B 435 -16.27 2.57 -5.92
C TRP B 435 -17.69 2.76 -5.38
N GLY B 436 -18.69 2.57 -6.24
CA GLY B 436 -20.08 2.75 -5.85
C GLY B 436 -20.59 4.11 -6.24
N ASP B 437 -21.74 4.12 -6.94
CA ASP B 437 -22.40 5.29 -7.50
C ASP B 437 -23.13 6.11 -6.41
N ASP B 438 -24.02 5.48 -5.63
CA ASP B 438 -24.76 6.20 -4.58
C ASP B 438 -24.03 6.19 -3.23
N SER B 439 -23.21 5.16 -2.96
CA SER B 439 -22.57 5.03 -1.65
C SER B 439 -21.07 4.73 -1.73
N ILE B 440 -20.47 4.42 -0.55
CA ILE B 440 -19.08 4.02 -0.41
C ILE B 440 -18.99 2.51 -0.54
N GLU B 441 -18.35 2.05 -1.62
CA GLU B 441 -18.15 0.62 -1.82
C GLU B 441 -16.68 0.40 -2.07
N LEU B 442 -16.09 -0.53 -1.33
CA LEU B 442 -14.67 -0.85 -1.45
C LEU B 442 -14.40 -1.54 -2.76
N GLN B 443 -13.14 -1.50 -3.23
CA GLN B 443 -12.73 -2.19 -4.45
C GLN B 443 -13.01 -3.67 -4.21
N ASP B 444 -13.81 -4.28 -5.10
CA ASP B 444 -14.40 -5.63 -5.08
C ASP B 444 -13.48 -6.70 -4.45
N ASP B 445 -12.17 -6.72 -4.79
CA ASP B 445 -11.22 -7.73 -4.29
C ASP B 445 -10.88 -7.54 -2.79
N PHE B 446 -11.15 -6.35 -2.23
CA PHE B 446 -10.83 -6.04 -0.84
C PHE B 446 -12.00 -6.41 0.12
N ILE B 447 -13.28 -6.46 -0.38
CA ILE B 447 -14.46 -6.84 0.42
C ILE B 447 -14.21 -8.17 1.22
N PRO B 448 -13.75 -9.30 0.60
CA PRO B 448 -13.54 -10.53 1.39
C PRO B 448 -12.57 -10.31 2.55
N LEU B 449 -11.46 -9.57 2.32
CA LEU B 449 -10.46 -9.26 3.35
C LEU B 449 -11.06 -8.35 4.43
N PHE B 450 -11.75 -7.28 4.02
CA PHE B 450 -12.37 -6.31 4.92
C PHE B 450 -13.39 -6.97 5.86
N ASP B 451 -14.22 -7.90 5.34
CA ASP B 451 -15.25 -8.60 6.13
C ASP B 451 -14.65 -9.59 7.12
N SER B 452 -13.44 -10.10 6.84
CA SER B 452 -12.75 -11.05 7.72
C SER B 452 -11.45 -10.43 8.26
N LEU B 453 -11.44 -9.10 8.43
CA LEU B 453 -10.29 -8.31 8.89
C LEU B 453 -10.00 -8.58 10.38
N GLU B 454 -10.98 -9.16 11.12
CA GLU B 454 -10.84 -9.50 12.54
C GLU B 454 -9.85 -10.66 12.76
N GLU B 455 -9.66 -11.49 11.72
CA GLU B 455 -8.84 -12.70 11.75
C GLU B 455 -7.40 -12.46 11.22
N THR B 456 -7.05 -11.22 10.82
CA THR B 456 -5.73 -10.88 10.24
C THR B 456 -4.61 -10.75 11.28
N GLY B 457 -4.98 -10.33 12.49
CA GLY B 457 -4.01 -10.08 13.57
C GLY B 457 -3.59 -8.63 13.57
N ALA B 458 -4.58 -7.73 13.43
CA ALA B 458 -4.39 -6.29 13.38
C ALA B 458 -4.21 -5.71 14.80
N GLN B 459 -4.68 -6.43 15.85
CA GLN B 459 -4.63 -6.06 17.27
C GLN B 459 -3.19 -5.73 17.68
N GLY B 460 -2.92 -4.44 17.89
CA GLY B 460 -1.62 -3.93 18.27
C GLY B 460 -0.63 -3.71 17.14
N ARG B 461 -1.00 -4.14 15.91
CA ARG B 461 -0.18 -4.03 14.70
C ARG B 461 -0.04 -2.56 14.24
N LYS B 462 1.17 -2.14 13.82
CA LYS B 462 1.40 -0.80 13.28
C LYS B 462 0.96 -0.78 11.82
N VAL B 463 -0.08 0.01 11.50
CA VAL B 463 -0.64 0.07 10.16
C VAL B 463 -0.80 1.52 9.68
N ALA B 464 -0.94 1.69 8.37
CA ALA B 464 -1.25 2.94 7.69
C ALA B 464 -1.98 2.62 6.41
N CYS B 465 -2.92 3.47 5.98
CA CYS B 465 -3.69 3.14 4.79
C CYS B 465 -3.34 4.11 3.66
N PHE B 466 -3.72 3.72 2.44
CA PHE B 466 -3.55 4.52 1.23
C PHE B 466 -4.65 4.13 0.25
N GLY B 467 -4.80 4.89 -0.81
CA GLY B 467 -5.81 4.60 -1.82
C GLY B 467 -5.99 5.70 -2.81
N CYS B 468 -6.47 5.33 -4.00
CA CYS B 468 -6.77 6.26 -5.08
C CYS B 468 -8.28 6.51 -5.13
N GLY B 469 -8.61 7.72 -5.51
CA GLY B 469 -9.99 8.15 -5.63
C GLY B 469 -10.07 9.28 -6.61
N ASP B 470 -11.21 9.94 -6.65
CA ASP B 470 -11.46 11.05 -7.55
C ASP B 470 -12.43 12.00 -6.87
N SER B 471 -11.99 13.25 -6.62
CA SER B 471 -12.79 14.29 -5.94
C SER B 471 -14.13 14.54 -6.66
N SER B 472 -14.20 14.16 -7.98
CA SER B 472 -15.40 14.27 -8.83
C SER B 472 -16.55 13.42 -8.31
N TRP B 473 -16.23 12.45 -7.41
CA TRP B 473 -17.19 11.57 -6.75
C TRP B 473 -17.43 12.11 -5.32
N GLU B 474 -18.67 11.94 -4.82
CA GLU B 474 -19.20 12.47 -3.55
C GLU B 474 -18.26 12.15 -2.35
N TYR B 475 -17.96 10.86 -2.12
CA TYR B 475 -17.18 10.43 -0.96
C TYR B 475 -15.72 10.11 -1.35
N PHE B 476 -14.84 11.14 -1.27
CA PHE B 476 -13.44 11.07 -1.66
C PHE B 476 -12.66 10.09 -0.77
N CYS B 477 -12.15 8.99 -1.42
CA CYS B 477 -11.39 7.90 -0.81
C CYS B 477 -12.12 7.40 0.45
N GLY B 478 -13.40 7.06 0.28
CA GLY B 478 -14.25 6.55 1.34
C GLY B 478 -13.76 5.20 1.86
N ALA B 479 -13.13 4.39 0.97
CA ALA B 479 -12.55 3.10 1.30
C ALA B 479 -11.40 3.25 2.30
N VAL B 480 -10.55 4.30 2.14
CA VAL B 480 -9.44 4.59 3.05
C VAL B 480 -10.02 4.87 4.44
N ASP B 481 -11.10 5.69 4.50
CA ASP B 481 -11.82 6.04 5.73
C ASP B 481 -12.36 4.78 6.41
N ALA B 482 -13.03 3.88 5.65
CA ALA B 482 -13.66 2.65 6.16
C ALA B 482 -12.62 1.65 6.67
N ILE B 483 -11.50 1.48 5.95
CA ILE B 483 -10.47 0.51 6.34
C ILE B 483 -9.77 1.03 7.61
N GLU B 484 -9.38 2.32 7.67
CA GLU B 484 -8.68 2.76 8.88
C GLU B 484 -9.69 2.86 10.06
N GLU B 485 -11.01 2.92 9.80
CA GLU B 485 -12.04 2.88 10.86
C GLU B 485 -12.16 1.45 11.41
N LYS B 486 -12.14 0.41 10.54
CA LYS B 486 -12.28 -0.98 11.01
C LYS B 486 -10.98 -1.42 11.71
N LEU B 487 -9.80 -1.00 11.18
CA LEU B 487 -8.50 -1.30 11.80
C LEU B 487 -8.41 -0.65 13.16
N LYS B 488 -8.96 0.58 13.31
CA LYS B 488 -8.89 1.34 14.55
C LYS B 488 -9.84 0.69 15.58
N ASN B 489 -10.97 0.14 15.12
CA ASN B 489 -11.93 -0.56 15.97
C ASN B 489 -11.40 -1.94 16.42
N LEU B 490 -10.46 -2.56 15.65
CA LEU B 490 -9.86 -3.87 15.97
C LEU B 490 -8.67 -3.72 16.91
N GLY B 491 -8.19 -2.49 17.09
CA GLY B 491 -7.07 -2.23 18.00
C GLY B 491 -5.71 -2.09 17.34
N ALA B 492 -5.67 -1.76 16.04
CA ALA B 492 -4.43 -1.51 15.31
C ALA B 492 -3.90 -0.10 15.58
N GLU B 493 -2.57 0.09 15.56
CA GLU B 493 -1.94 1.39 15.78
C GLU B 493 -1.71 2.11 14.45
N ILE B 494 -2.61 3.08 14.09
CA ILE B 494 -2.49 3.87 12.86
C ILE B 494 -1.25 4.80 13.03
N VAL B 495 -0.23 4.57 12.20
CA VAL B 495 1.06 5.25 12.20
C VAL B 495 0.90 6.69 11.64
N GLN B 496 0.26 6.85 10.46
CA GLN B 496 0.03 8.16 9.83
C GLN B 496 -1.32 8.23 9.16
N ASP B 497 -1.77 9.48 8.89
CA ASP B 497 -3.02 9.75 8.19
C ASP B 497 -2.90 9.19 6.78
N GLY B 498 -3.89 8.41 6.37
CA GLY B 498 -3.92 7.75 5.08
C GLY B 498 -3.58 8.63 3.89
N LEU B 499 -2.74 8.12 2.98
CA LEU B 499 -2.37 8.80 1.73
C LEU B 499 -3.53 8.68 0.76
N ARG B 500 -4.22 9.80 0.51
CA ARG B 500 -5.39 9.81 -0.37
C ARG B 500 -5.04 10.53 -1.66
N ILE B 501 -4.89 9.76 -2.76
CA ILE B 501 -4.51 10.32 -4.07
C ILE B 501 -5.79 10.75 -4.84
N ASP B 502 -5.80 12.00 -5.32
CA ASP B 502 -6.86 12.55 -6.15
C ASP B 502 -6.43 12.44 -7.62
N GLY B 503 -7.12 11.61 -8.38
CA GLY B 503 -6.79 11.39 -9.79
C GLY B 503 -5.61 10.45 -10.00
N ASP B 504 -4.79 10.70 -11.05
CA ASP B 504 -3.65 9.85 -11.44
C ASP B 504 -2.48 9.94 -10.43
N PRO B 505 -2.11 8.81 -9.78
CA PRO B 505 -1.00 8.86 -8.82
C PRO B 505 0.35 9.19 -9.48
N ARG B 506 0.50 8.88 -10.79
CA ARG B 506 1.73 9.10 -11.59
C ARG B 506 2.12 10.58 -11.64
N ALA B 507 1.15 11.51 -11.50
CA ALA B 507 1.41 12.94 -11.49
C ALA B 507 1.66 13.46 -10.06
N ALA B 508 1.68 12.56 -9.07
CA ALA B 508 1.91 12.89 -7.66
C ALA B 508 2.86 11.88 -7.00
N ARG B 509 3.81 11.36 -7.80
CA ARG B 509 4.77 10.32 -7.43
C ARG B 509 5.58 10.70 -6.19
N ASP B 510 6.15 11.91 -6.16
CA ASP B 510 6.97 12.39 -5.03
C ASP B 510 6.15 12.57 -3.74
N ASP B 511 4.80 12.70 -3.85
CA ASP B 511 3.92 12.79 -2.69
C ASP B 511 3.84 11.42 -2.04
N ILE B 512 3.78 10.36 -2.86
CA ILE B 512 3.75 8.96 -2.46
C ILE B 512 5.09 8.62 -1.81
N VAL B 513 6.21 9.02 -2.46
CA VAL B 513 7.58 8.81 -1.98
C VAL B 513 7.75 9.56 -0.62
N GLY B 514 7.26 10.79 -0.56
CA GLY B 514 7.29 11.61 0.64
C GLY B 514 6.52 11.02 1.80
N TRP B 515 5.29 10.49 1.53
CA TRP B 515 4.41 9.85 2.54
C TRP B 515 5.09 8.59 3.08
N ALA B 516 5.61 7.73 2.16
CA ALA B 516 6.28 6.49 2.51
C ALA B 516 7.48 6.76 3.40
N HIS B 517 8.22 7.88 3.14
CA HIS B 517 9.38 8.32 3.93
C HIS B 517 8.97 8.66 5.37
N ASP B 518 7.89 9.45 5.50
CA ASP B 518 7.34 9.90 6.77
C ASP B 518 6.72 8.73 7.57
N VAL B 519 6.23 7.65 6.88
CA VAL B 519 5.64 6.46 7.54
C VAL B 519 6.76 5.75 8.31
N ARG B 520 7.96 5.67 7.71
CA ARG B 520 9.15 5.04 8.29
C ARG B 520 9.66 5.84 9.48
N GLY B 521 9.54 7.17 9.40
CA GLY B 521 9.95 8.10 10.44
C GLY B 521 9.19 7.94 11.74
N ALA B 522 7.85 7.74 11.68
CA ALA B 522 7.00 7.60 12.86
C ALA B 522 7.30 6.29 13.62
N ILE B 523 8.16 5.43 13.04
CA ILE B 523 8.60 4.20 13.71
C ILE B 523 9.79 4.59 14.60
N LYS B 524 9.60 4.54 15.94
CA LYS B 524 10.60 4.94 16.94
C LYS B 524 11.91 4.14 16.80
N ILE B 525 13.05 4.86 16.90
CA ILE B 525 14.39 4.26 16.79
C ILE B 525 15.14 4.54 18.13
N ASN B 526 16.44 4.20 18.20
CA ASN B 526 17.22 4.39 19.42
C ASN B 526 17.79 5.82 19.42
N GLU B 527 17.04 6.77 20.04
CA GLU B 527 17.43 8.19 20.12
C GLU B 527 18.60 8.39 21.10
N THR B 528 18.76 7.51 22.12
CA THR B 528 19.86 7.58 23.09
C THR B 528 21.18 7.24 22.40
N MET B 529 21.18 6.22 21.52
CA MET B 529 22.37 5.80 20.77
C MET B 529 22.79 6.88 19.79
N LEU B 530 21.79 7.47 19.09
CA LEU B 530 21.95 8.55 18.14
C LEU B 530 22.62 9.77 18.79
N ARG B 531 22.08 10.19 19.93
CA ARG B 531 22.48 11.33 20.72
C ARG B 531 23.89 11.14 21.28
N LEU B 532 24.24 9.89 21.71
CA LEU B 532 25.58 9.59 22.20
C LEU B 532 26.63 9.81 21.08
N GLY B 533 26.26 9.44 19.85
CA GLY B 533 27.09 9.60 18.67
C GLY B 533 27.33 11.04 18.26
N ILE B 534 26.35 11.93 18.52
CA ILE B 534 26.45 13.35 18.17
C ILE B 534 27.39 14.05 19.17
N PHE B 535 27.26 13.74 20.49
CA PHE B 535 28.08 14.27 21.58
C PHE B 535 29.54 13.80 21.44
N GLY B 536 29.75 12.61 20.86
CA GLY B 536 31.07 12.08 20.56
C GLY B 536 31.81 12.92 19.54
N PHE B 537 31.13 13.25 18.42
CA PHE B 537 31.70 14.09 17.36
C PHE B 537 31.77 15.57 17.81
N LEU B 538 30.80 16.04 18.64
CA LEU B 538 30.84 17.40 19.20
C LEU B 538 32.09 17.61 20.03
N ALA B 539 32.35 16.71 21.00
CA ALA B 539 33.51 16.77 21.90
C ALA B 539 34.81 16.74 21.10
N PHE B 540 34.89 15.85 20.07
CA PHE B 540 36.06 15.70 19.20
C PHE B 540 36.41 17.04 18.53
N GLY B 541 35.40 17.76 18.05
CA GLY B 541 35.57 19.07 17.42
C GLY B 541 36.29 20.06 18.30
N PHE B 542 35.80 20.23 19.55
CA PHE B 542 36.38 21.13 20.54
C PHE B 542 37.78 20.67 21.00
N VAL B 543 38.00 19.34 21.16
CA VAL B 543 39.29 18.81 21.59
C VAL B 543 40.34 19.10 20.47
N LEU B 544 39.92 19.00 19.19
CA LEU B 544 40.77 19.27 18.03
C LEU B 544 41.23 20.75 17.97
N ILE B 545 40.35 21.69 18.38
CA ILE B 545 40.65 23.12 18.42
C ILE B 545 41.66 23.39 19.56
N THR B 546 41.46 22.75 20.74
CA THR B 546 42.33 22.87 21.92
C THR B 546 43.76 22.44 21.52
N PHE B 547 43.89 21.28 20.83
CA PHE B 547 45.17 20.74 20.36
C PHE B 547 45.90 21.72 19.43
N SER B 548 45.14 22.36 18.51
CA SER B 548 45.66 23.32 17.53
C SER B 548 46.33 24.51 18.23
N CYS B 549 45.67 25.08 19.26
CA CYS B 549 46.13 26.23 20.04
C CYS B 549 47.40 25.87 20.82
N HIS B 550 47.46 24.67 21.44
CA HIS B 550 48.65 24.24 22.16
C HIS B 550 49.80 23.99 21.19
N PHE B 551 49.48 23.61 19.92
CA PHE B 551 50.50 23.35 18.92
C PHE B 551 51.13 24.67 18.45
N TYR B 552 50.31 25.75 18.34
CA TYR B 552 50.79 27.09 17.97
C TYR B 552 51.83 27.56 19.00
N ASP B 553 51.45 27.54 20.29
CA ASP B 553 52.30 27.95 21.42
C ASP B 553 53.58 27.11 21.46
N PHE B 554 53.48 25.80 21.21
CA PHE B 554 54.65 24.90 21.18
C PHE B 554 55.61 25.29 20.04
N PHE B 555 55.04 25.56 18.86
CA PHE B 555 55.79 25.86 17.64
C PHE B 555 56.42 27.29 17.70
N ASN B 556 56.01 28.17 18.64
CA ASN B 556 56.55 29.54 18.66
C ASN B 556 57.15 30.02 20.03
N GLN B 557 56.86 29.33 21.17
CA GLN B 557 57.28 29.82 22.50
C GLN B 557 58.81 29.93 22.62
N ALA B 558 59.59 29.11 21.87
CA ALA B 558 61.06 29.19 21.87
C ALA B 558 61.54 30.62 21.56
N GLU B 559 60.84 31.30 20.61
CA GLU B 559 61.13 32.67 20.22
C GLU B 559 60.64 33.67 21.27
N TRP B 560 59.46 33.41 21.89
CA TRP B 560 58.90 34.32 22.89
C TRP B 560 59.75 34.32 24.17
N GLU B 561 60.33 33.14 24.57
CA GLU B 561 61.21 33.01 25.75
C GLU B 561 62.49 33.81 25.56
N ARG B 562 63.04 33.77 24.33
CA ARG B 562 64.23 34.51 23.92
C ARG B 562 63.93 36.01 23.97
N SER B 563 62.74 36.40 23.49
CA SER B 563 62.24 37.77 23.50
C SER B 563 61.99 38.27 24.91
N PHE B 564 61.62 37.34 25.83
CA PHE B 564 61.35 37.64 27.24
C PHE B 564 62.66 37.96 27.95
N ARG B 565 63.70 37.13 27.72
CA ARG B 565 65.04 37.28 28.29
C ARG B 565 65.70 38.58 27.79
N ASP B 566 65.67 38.81 26.46
CA ASP B 566 66.28 39.98 25.81
C ASP B 566 65.66 41.29 26.31
N TYR B 567 64.32 41.35 26.52
CA TYR B 567 63.63 42.56 26.96
C TYR B 567 63.93 42.89 28.44
N VAL B 568 63.87 41.88 29.35
CA VAL B 568 64.08 42.08 30.80
C VAL B 568 65.55 42.47 31.08
N LEU B 569 66.53 41.69 30.57
CA LEU B 569 67.96 41.98 30.78
C LEU B 569 68.37 43.34 30.18
N CYS B 570 67.65 43.79 29.14
CA CYS B 570 67.90 45.08 28.48
C CYS B 570 67.48 46.22 29.39
N GLN B 571 66.23 46.18 29.91
CA GLN B 571 65.64 47.24 30.73
C GLN B 571 66.56 47.62 31.90
N ALA B 572 66.99 46.61 32.64
CA ALA B 572 67.95 46.78 33.72
C ALA B 572 69.29 46.92 33.05
N ASN B 573 70.13 47.82 33.56
CA ASN B 573 71.42 48.08 32.94
C ASN B 573 72.60 47.63 33.79
N VAL B 574 73.66 47.19 33.13
CA VAL B 574 74.85 46.76 33.85
C VAL B 574 76.10 47.60 33.53
N THR B 575 76.59 47.57 32.31
CA THR B 575 77.73 48.43 31.95
C THR B 575 78.96 48.43 32.85
N ILE B 576 79.73 47.35 32.82
CA ILE B 576 80.90 47.25 33.68
C ILE B 576 81.99 48.30 33.49
N GLY B 577 82.34 48.62 32.25
CA GLY B 577 83.35 49.65 32.02
C GLY B 577 83.30 50.29 30.66
N LEU B 578 82.13 50.64 30.14
CA LEU B 578 82.07 51.20 28.80
C LEU B 578 81.46 52.57 28.64
N PRO B 579 82.10 53.39 27.81
CA PRO B 579 81.60 54.76 27.57
C PRO B 579 80.31 54.75 26.73
N THR B 580 79.72 53.53 26.56
CA THR B 580 78.48 53.14 25.87
C THR B 580 78.54 53.46 24.33
N LYS B 581 79.54 54.27 23.88
CA LYS B 581 79.81 54.65 22.48
C LYS B 581 78.53 55.20 21.78
N GLN B 582 77.99 56.32 22.31
CA GLN B 582 76.79 57.05 21.84
C GLN B 582 75.66 56.08 21.36
N PRO B 583 74.94 55.40 22.28
CA PRO B 583 73.92 54.44 21.84
C PRO B 583 72.48 54.98 21.94
N ILE B 584 71.54 54.17 21.42
CA ILE B 584 70.09 54.39 21.49
C ILE B 584 69.50 53.26 22.34
N PRO B 585 68.68 53.56 23.38
CA PRO B 585 68.18 52.46 24.25
C PRO B 585 67.35 51.43 23.47
N ASP B 586 66.40 51.90 22.61
CA ASP B 586 65.51 51.07 21.76
C ASP B 586 65.11 49.73 22.47
N CYS B 587 64.79 49.80 23.77
CA CYS B 587 64.48 48.62 24.59
C CYS B 587 63.00 48.25 24.44
N GLU B 588 62.69 47.18 23.67
CA GLU B 588 61.31 46.75 23.37
C GLU B 588 61.19 45.24 23.06
N ILE B 589 59.93 44.70 23.12
CA ILE B 589 59.56 43.30 22.86
C ILE B 589 59.44 43.06 21.35
N LYS B 590 60.25 42.13 20.81
CA LYS B 590 60.27 41.84 19.36
C LYS B 590 59.07 40.96 18.97
N ASN B 591 58.65 40.02 19.86
CA ASN B 591 57.50 39.14 19.64
C ASN B 591 57.07 38.53 20.98
N ARG B 592 55.75 38.36 21.18
CA ARG B 592 55.19 37.83 22.43
C ARG B 592 54.06 36.78 22.14
N PRO B 593 53.59 35.99 23.15
CA PRO B 593 52.50 35.02 22.86
C PRO B 593 51.20 35.72 22.43
N SER B 594 50.42 35.03 21.57
CA SER B 594 49.14 35.53 21.06
C SER B 594 48.02 35.23 22.06
N LEU B 595 47.38 36.30 22.58
CA LEU B 595 46.27 36.22 23.54
C LEU B 595 44.99 35.73 22.86
N LEU B 596 44.86 35.96 21.53
CA LEU B 596 43.72 35.50 20.74
C LEU B 596 43.66 33.96 20.77
N VAL B 597 44.78 33.32 20.41
CA VAL B 597 44.96 31.86 20.39
C VAL B 597 44.55 31.29 21.76
N GLU B 598 44.89 31.99 22.86
CA GLU B 598 44.56 31.56 24.22
C GLU B 598 43.06 31.68 24.48
N LYS B 599 42.41 32.72 23.93
CA LYS B 599 40.96 32.88 24.06
C LYS B 599 40.24 31.80 23.25
N ILE B 600 40.78 31.47 22.06
CA ILE B 600 40.25 30.40 21.20
C ILE B 600 40.41 29.06 21.94
N ASN B 601 41.53 28.91 22.68
CA ASN B 601 41.85 27.70 23.45
C ASN B 601 40.85 27.52 24.59
N LEU B 602 40.59 28.60 25.38
CA LEU B 602 39.63 28.57 26.50
C LEU B 602 38.20 28.34 25.99
N PHE B 603 37.83 28.97 24.86
CA PHE B 603 36.51 28.79 24.24
C PHE B 603 36.26 27.31 23.92
N ALA B 604 37.24 26.65 23.29
CA ALA B 604 37.13 25.24 22.93
C ALA B 604 37.14 24.36 24.18
N MET B 605 37.95 24.69 25.21
CA MET B 605 38.01 23.95 26.48
C MET B 605 36.68 24.05 27.23
N PHE B 606 36.38 25.27 27.75
CA PHE B 606 35.15 25.53 28.51
C PHE B 606 33.91 25.14 27.70
N GLY B 607 33.95 25.38 26.38
CA GLY B 607 32.89 25.04 25.45
C GLY B 607 32.51 23.58 25.43
N THR B 608 33.51 22.67 25.64
CA THR B 608 33.27 21.23 25.70
C THR B 608 32.35 20.90 26.87
N GLY B 609 32.67 21.43 28.05
CA GLY B 609 31.86 21.25 29.26
C GLY B 609 30.44 21.76 29.12
N ILE B 610 30.27 22.93 28.46
CA ILE B 610 28.96 23.56 28.20
C ILE B 610 28.20 22.68 27.20
N ALA B 611 28.89 22.16 26.16
CA ALA B 611 28.29 21.30 25.15
C ALA B 611 27.88 19.94 25.73
N MET B 612 28.68 19.38 26.65
CA MET B 612 28.41 18.08 27.26
C MET B 612 27.31 18.19 28.34
N SER B 613 27.07 19.40 28.89
CA SER B 613 26.04 19.60 29.92
C SER B 613 24.65 19.58 29.29
N THR B 614 24.58 19.74 27.96
CA THR B 614 23.35 19.76 27.17
C THR B 614 22.78 18.33 27.07
N TRP B 615 23.54 17.31 27.51
CA TRP B 615 23.10 15.90 27.47
C TRP B 615 21.83 15.72 28.29
N VAL B 616 21.64 16.55 29.32
CA VAL B 616 20.52 16.42 30.22
C VAL B 616 19.51 17.60 29.93
N TRP B 617 19.48 18.09 28.67
CA TRP B 617 18.55 19.15 28.25
C TRP B 617 17.44 18.53 27.39
N THR B 618 16.62 17.66 28.03
CA THR B 618 15.48 16.98 27.41
C THR B 618 14.23 17.14 28.30
N LYS B 619 13.07 16.71 27.80
CA LYS B 619 11.78 16.80 28.49
C LYS B 619 11.79 15.95 29.77
N ALA B 620 12.51 14.81 29.75
CA ALA B 620 12.65 13.89 30.89
C ALA B 620 13.21 14.60 32.13
N THR B 621 14.17 15.55 31.94
CA THR B 621 14.83 16.34 32.99
C THR B 621 13.80 17.20 33.74
N LEU B 622 12.81 17.78 33.02
CA LEU B 622 11.75 18.59 33.61
C LEU B 622 10.94 17.74 34.59
N LEU B 623 10.73 16.47 34.24
CA LEU B 623 10.02 15.50 35.04
C LEU B 623 10.91 15.03 36.22
N ILE B 624 12.25 14.99 36.03
CA ILE B 624 13.21 14.60 37.09
C ILE B 624 13.15 15.64 38.23
N TRP B 625 13.19 16.95 37.92
CA TRP B 625 13.13 17.98 38.95
C TRP B 625 11.68 18.17 39.44
N ARG B 626 10.67 17.63 38.71
CA ARG B 626 9.27 17.64 39.15
C ARG B 626 9.11 16.68 40.32
N ARG B 627 9.53 15.40 40.13
CA ARG B 627 9.51 14.37 41.16
C ARG B 627 10.38 14.75 42.36
N THR B 628 11.51 15.45 42.11
CA THR B 628 12.47 15.87 43.14
C THR B 628 11.83 16.89 44.08
N TRP B 629 11.09 17.90 43.56
CA TRP B 629 10.47 18.89 44.45
C TRP B 629 9.36 18.24 45.27
N CYS B 630 8.53 17.38 44.63
CA CYS B 630 7.44 16.68 45.30
C CYS B 630 7.99 15.71 46.38
N ARG B 631 8.92 14.78 46.03
CA ARG B 631 9.50 13.78 46.94
C ARG B 631 10.17 14.41 48.17
N LEU B 632 10.74 15.63 48.01
CA LEU B 632 11.38 16.35 49.12
C LEU B 632 10.35 17.13 49.93
N THR B 633 9.23 17.55 49.28
CA THR B 633 8.09 18.24 49.93
C THR B 633 7.20 17.23 50.68
N GLY B 634 7.44 15.94 50.43
CA GLY B 634 6.72 14.83 51.03
C GLY B 634 5.70 14.21 50.09
N GLN B 635 4.87 15.07 49.48
CA GLN B 635 3.77 14.74 48.57
C GLN B 635 4.24 13.91 47.34
N SER B 636 3.31 13.13 46.76
CA SER B 636 3.56 12.33 45.56
C SER B 636 3.16 13.16 44.31
N ASP B 637 2.50 12.57 43.29
CA ASP B 637 2.10 13.31 42.10
C ASP B 637 0.83 14.16 42.39
N ASP B 638 0.40 14.21 43.67
CA ASP B 638 -0.76 14.97 44.14
C ASP B 638 -0.53 15.37 45.63
N HIS B 639 -0.56 14.38 46.54
CA HIS B 639 -0.34 14.48 47.99
C HIS B 639 0.12 13.12 48.53
N HIS B 640 1.03 13.10 49.53
CA HIS B 640 1.67 11.88 50.02
C HIS B 640 0.71 10.94 50.75
N HIS B 641 0.95 9.64 50.55
CA HIS B 641 0.18 8.54 51.11
C HIS B 641 1.03 7.71 52.06
N1 836 C . -58.14 -33.18 -33.47
N3 836 C . -47.14 -28.83 -28.91
C4 836 C . -53.26 -34.46 -34.04
C5 836 C . -54.25 -33.73 -31.68
C6 836 C . -55.27 -33.34 -30.92
C7 836 C . -56.65 -33.12 -31.55
C8 836 C . -52.88 -33.92 -31.02
C10 836 C . -50.60 -33.09 -30.36
C13 836 C . -48.08 -32.67 -30.30
C15 836 C . -47.67 -31.05 -28.42
C17 836 C . -46.33 -29.74 -26.86
C20 836 C . -46.11 -31.95 -25.16
C21 836 C . -46.78 -32.08 -26.37
C22 836 C . -46.46 -28.66 -27.78
C24 836 C . -44.25 -27.40 -27.82
C26 836 C . -47.35 -25.73 -27.28
N01 836 C . -51.87 -32.86 -31.00
C1 836 C . -56.83 -33.36 -32.85
O1 836 C . -52.63 -34.99 -30.57
C11 836 C . -50.65 -32.70 -28.89
C12 836 C . -49.33 -32.92 -28.20
C14 836 C . -49.39 -32.44 -31.12
C16 836 C . -46.91 -30.98 -27.23
C18 836 C . -45.65 -29.63 -25.65
C19 836 C . -45.54 -30.73 -24.79
O2 836 C . -58.29 -33.40 -34.62
C2 836 C . -55.64 -33.82 -33.72
F2 836 C . -52.31 -33.49 -34.11
N2 836 C . -48.25 -32.31 -28.91
C23 836 C . -45.57 -27.42 -27.68
C25 836 C . -43.80 -26.02 -27.67
O3 836 C . -59.06 -32.83 -32.83
C3 836 C . -54.44 -34.00 -33.17
F3 836 C . -53.66 -34.74 -35.31
F4 836 C . -52.71 -35.59 -33.51
N4 836 C . -47.67 -30.03 -29.24
N5 836 C . -44.93 -25.22 -27.45
N6 836 C . -45.97 -26.13 -27.48
C9 836 C . -52.18 -31.55 -31.57
N1 FMN D . 20.32 -12.70 -14.73
C2 FMN D . 19.42 -12.20 -13.82
O2 FMN D . 18.27 -12.67 -13.74
N3 FMN D . 19.77 -11.13 -12.98
C4 FMN D . 21.00 -10.47 -12.99
O4 FMN D . 21.20 -9.54 -12.20
C4A FMN D . 21.96 -10.99 -13.99
N5 FMN D . 23.14 -10.45 -14.05
C5A FMN D . 24.08 -11.03 -14.90
C6 FMN D . 25.39 -10.54 -14.87
C7 FMN D . 26.41 -11.16 -15.60
C7M FMN D . 27.78 -10.53 -15.64
C8 FMN D . 26.12 -12.32 -16.34
C8M FMN D . 27.21 -13.13 -16.99
C9 FMN D . 24.80 -12.78 -16.41
C9A FMN D . 23.78 -12.14 -15.71
N10 FMN D . 22.45 -12.64 -15.69
C10 FMN D . 21.51 -12.12 -14.81
C1' FMN D . 22.07 -13.71 -16.63
C2' FMN D . 21.59 -13.18 -17.98
O2' FMN D . 20.45 -12.34 -17.79
C3' FMN D . 21.19 -14.37 -18.85
O3' FMN D . 22.37 -15.05 -19.28
C4' FMN D . 20.37 -14.05 -20.11
O4' FMN D . 19.78 -15.25 -20.61
C5' FMN D . 21.11 -13.27 -21.18
O5' FMN D . 20.19 -13.04 -22.27
P FMN D . 20.48 -12.17 -23.57
O1P FMN D . 20.99 -13.03 -24.66
O2P FMN D . 19.17 -11.56 -23.95
O3P FMN D . 21.45 -11.03 -23.21
N1 836 E . 60.00 33.17 30.84
N3 836 E . 48.16 29.10 28.40
C4 836 E . 56.80 33.42 26.98
C5 836 E . 55.94 33.70 29.49
C6 836 E . 56.20 33.76 30.79
C7 836 E . 57.64 33.55 31.28
C8 836 E . 54.49 33.90 28.99
C10 836 E . 52.25 33.02 28.30
C13 836 E . 49.82 33.41 28.99
C15 836 E . 48.52 31.41 28.22
C17 836 E . 46.32 30.54 28.82
C20 836 E . 45.33 33.16 29.03
C21 836 E . 46.66 32.95 28.69
C22 836 E . 46.88 29.25 28.70
C24 836 E . 45.17 27.76 27.54
C26 836 E . 46.72 26.82 30.62
N01 836 E . 53.59 32.76 28.79
C1 836 E . 58.62 33.36 30.41
O1 836 E . 54.16 35.01 28.72
C11 836 E . 51.73 32.04 27.24
C12 836 E . 50.33 32.38 26.81
C14 836 E . 51.27 33.15 29.51
C16 836 E . 47.17 31.65 28.57
C18 836 E . 44.99 30.78 29.18
C19 836 E . 44.49 32.07 29.28
O2 836 E . 60.85 33.00 30.03
C2 836 E . 58.31 33.33 28.92
F2 836 E . 55.81 32.52 26.72
N2 836 E . 49.46 32.49 27.94
C23 836 E . 46.00 28.00 28.55
C25 836 E . 44.54 26.46 27.79
O3 836 E . 60.28 33.18 31.98
C3 836 E . 57.07 33.48 28.48
F3 836 E . 57.93 33.02 26.32
F4 836 E . 56.41 34.63 26.53
N4 836 E . 48.95 30.18 28.15
N5 836 E . 45.06 25.95 28.98
N6 836 E . 45.95 26.94 29.40
C9 836 E . 54.00 31.39 29.12
N1 FMN F . -13.67 7.68 -6.33
C2 FMN F . -13.88 8.16 -5.05
O2 FMN F . -13.09 8.94 -4.51
N3 FMN F . -15.06 7.82 -4.37
C4 FMN F . -16.10 7.06 -4.87
O4 FMN F . -17.10 6.84 -4.19
C4A FMN F . -15.87 6.57 -6.24
N5 FMN F . -16.81 5.89 -6.82
C5A FMN F . -16.62 5.45 -8.13
C6 FMN F . -17.66 4.80 -8.78
C7 FMN F . -17.55 4.40 -10.10
C7M FMN F . -18.69 3.67 -10.76
C8 FMN F . -16.34 4.66 -10.80
C8M FMN F . -16.20 4.31 -12.26
C9 FMN F . -15.29 5.30 -10.15
C9A FMN F . -15.42 5.71 -8.82
N10 FMN F . -14.41 6.46 -8.16
C10 FMN F . -14.60 6.93 -6.88
C1' FMN F . -13.14 6.75 -8.85
C2' FMN F . -12.05 5.73 -8.56
O2' FMN F . -11.79 5.69 -7.15
C3' FMN F . -10.77 6.13 -9.28
O3' FMN F . -10.99 6.11 -10.69
C4' FMN F . -9.52 5.30 -8.93
O4' FMN F . -8.36 5.91 -9.49
C5' FMN F . -9.60 3.83 -9.26
O5' FMN F . -8.37 3.22 -8.83
P FMN F . -7.98 1.65 -8.92
O1P FMN F . -7.18 1.40 -10.11
O2P FMN F . -7.15 1.37 -7.67
O3P FMN F . -9.29 0.81 -8.87
C24 OLC G . 20.53 3.81 16.43
C5 OLC G . 26.10 10.98 14.63
C4 OLC G . 25.72 9.61 14.07
C3 OLC G . 25.15 8.71 15.15
C2 OLC G . 24.81 7.34 14.57
C21 OLC G . 21.51 5.89 15.53
C1 OLC G . 23.96 6.49 15.50
C22 OLC G . 20.65 4.69 15.19
O19 OLC G . 24.22 6.38 16.69
O25 OLC G . 19.62 2.73 16.18
O23 OLC G . 19.33 5.14 14.80
O20 OLC G . 22.81 5.75 14.96
#